data_2CUC
#
_entry.id   2CUC
#
_entity_poly.entity_id   1
_entity_poly.type   'polypeptide(L)'
_entity_poly.pdbx_seq_one_letter_code
;GSSGSSGNMFVALHTYSAHRPEELDLQKGEGIRVLGKYQDGWLKGLSLLTGRTGIFPSDYVIPVSGPSSG
;
_entity_poly.pdbx_strand_id   A
#
# COMPACT_ATOMS: atom_id res chain seq x y z
N GLY A 1 -1.55 7.69 -18.82
CA GLY A 1 -0.25 7.65 -18.16
C GLY A 1 -0.07 6.40 -17.33
N SER A 2 0.93 5.60 -17.68
CA SER A 2 1.20 4.36 -16.96
C SER A 2 2.47 4.48 -16.12
N SER A 3 2.48 3.84 -14.96
CA SER A 3 3.62 3.87 -14.06
C SER A 3 4.92 3.74 -14.84
N GLY A 4 4.99 2.72 -15.70
CA GLY A 4 6.19 2.49 -16.49
C GLY A 4 6.95 1.26 -16.04
N SER A 5 7.65 1.38 -14.90
CA SER A 5 8.43 0.28 -14.37
C SER A 5 7.53 -0.87 -13.93
N SER A 6 8.10 -2.06 -13.84
CA SER A 6 7.34 -3.24 -13.43
C SER A 6 7.42 -3.44 -11.92
N GLY A 7 6.29 -3.27 -11.24
CA GLY A 7 6.24 -3.43 -9.80
C GLY A 7 4.86 -3.77 -9.30
N ASN A 8 4.55 -3.32 -8.09
CA ASN A 8 3.24 -3.58 -7.49
C ASN A 8 2.59 -2.29 -7.02
N MET A 9 1.43 -1.96 -7.59
CA MET A 9 0.71 -0.75 -7.23
C MET A 9 -0.57 -1.10 -6.46
N PHE A 10 -0.81 -0.37 -5.38
CA PHE A 10 -1.99 -0.59 -4.56
C PHE A 10 -2.45 0.72 -3.90
N VAL A 11 -3.70 1.09 -4.14
CA VAL A 11 -4.26 2.31 -3.56
C VAL A 11 -4.90 2.03 -2.21
N ALA A 12 -5.24 3.10 -1.49
CA ALA A 12 -5.86 2.98 -0.18
C ALA A 12 -7.35 3.27 -0.24
N LEU A 13 -7.69 4.39 -0.88
CA LEU A 13 -9.08 4.80 -1.02
C LEU A 13 -9.76 4.89 0.34
N HIS A 14 -8.98 5.21 1.37
CA HIS A 14 -9.49 5.33 2.73
C HIS A 14 -8.48 6.03 3.63
N THR A 15 -8.99 6.70 4.66
CA THR A 15 -8.13 7.42 5.60
C THR A 15 -7.97 6.63 6.90
N TYR A 16 -6.84 5.94 7.03
CA TYR A 16 -6.56 5.15 8.22
C TYR A 16 -5.48 5.80 9.08
N SER A 17 -5.86 6.23 10.27
CA SER A 17 -4.92 6.87 11.18
C SER A 17 -4.17 5.84 12.02
N ALA A 18 -2.95 5.52 11.60
CA ALA A 18 -2.13 4.54 12.30
C ALA A 18 -2.31 4.66 13.81
N HIS A 19 -2.54 3.53 14.48
CA HIS A 19 -2.73 3.51 15.92
C HIS A 19 -1.50 2.94 16.61
N ARG A 20 -0.76 2.08 15.91
CA ARG A 20 0.43 1.46 16.47
C ARG A 20 1.67 1.87 15.68
N PRO A 21 2.85 1.69 16.30
CA PRO A 21 4.13 2.03 15.67
C PRO A 21 4.48 1.09 14.52
N GLU A 22 3.58 0.17 14.22
CA GLU A 22 3.79 -0.79 13.14
C GLU A 22 2.78 -0.59 12.02
N GLU A 23 1.63 0.00 12.37
CA GLU A 23 0.58 0.26 11.39
C GLU A 23 0.96 1.39 10.45
N LEU A 24 0.35 1.42 9.27
CA LEU A 24 0.64 2.45 8.28
C LEU A 24 -0.56 3.37 8.11
N ASP A 25 -0.30 4.67 8.01
CA ASP A 25 -1.35 5.66 7.83
C ASP A 25 -1.79 5.74 6.38
N LEU A 26 -3.01 5.27 6.10
CA LEU A 26 -3.55 5.29 4.75
C LEU A 26 -4.29 6.60 4.47
N GLN A 27 -4.23 7.05 3.22
CA GLN A 27 -4.90 8.28 2.82
C GLN A 27 -5.73 8.07 1.57
N LYS A 28 -7.03 8.32 1.67
CA LYS A 28 -7.94 8.16 0.55
C LYS A 28 -7.38 8.82 -0.71
N GLY A 29 -6.86 8.00 -1.62
CA GLY A 29 -6.30 8.52 -2.85
C GLY A 29 -4.79 8.62 -2.80
N GLU A 30 -4.15 7.63 -2.17
CA GLU A 30 -2.70 7.61 -2.05
C GLU A 30 -2.13 6.31 -2.61
N GLY A 31 -1.07 6.41 -3.40
CA GLY A 31 -0.44 5.23 -3.98
C GLY A 31 0.50 4.55 -3.01
N ILE A 32 0.27 3.27 -2.76
CA ILE A 32 1.11 2.50 -1.85
C ILE A 32 1.81 1.36 -2.59
N ARG A 33 3.01 1.02 -2.14
CA ARG A 33 3.78 -0.05 -2.75
C ARG A 33 3.95 -1.22 -1.79
N VAL A 34 3.22 -2.30 -2.04
CA VAL A 34 3.30 -3.49 -1.20
C VAL A 34 4.65 -4.18 -1.33
N LEU A 35 5.37 -4.24 -0.22
CA LEU A 35 6.69 -4.87 -0.20
C LEU A 35 6.61 -6.29 0.34
N GLY A 36 6.34 -6.42 1.64
CA GLY A 36 6.23 -7.73 2.24
C GLY A 36 4.79 -8.11 2.54
N LYS A 37 4.59 -9.36 2.96
CA LYS A 37 3.26 -9.85 3.27
C LYS A 37 3.18 -10.34 4.72
N TYR A 38 2.50 -9.56 5.56
CA TYR A 38 2.35 -9.91 6.96
C TYR A 38 1.61 -11.23 7.13
N GLN A 39 0.36 -11.27 6.65
CA GLN A 39 -0.45 -12.46 6.74
C GLN A 39 -1.78 -12.28 6.01
N ASP A 40 -2.60 -13.32 6.01
CA ASP A 40 -3.90 -13.27 5.35
C ASP A 40 -4.76 -12.15 5.92
N GLY A 41 -4.84 -11.04 5.18
CA GLY A 41 -5.63 -9.92 5.64
C GLY A 41 -4.78 -8.70 5.94
N TRP A 42 -3.49 -8.93 6.16
CA TRP A 42 -2.57 -7.83 6.47
C TRP A 42 -1.33 -7.90 5.58
N LEU A 43 -0.94 -6.76 5.03
CA LEU A 43 0.23 -6.69 4.16
C LEU A 43 1.12 -5.51 4.53
N LYS A 44 2.37 -5.54 4.08
CA LYS A 44 3.32 -4.47 4.36
C LYS A 44 3.68 -3.72 3.08
N GLY A 45 3.48 -2.40 3.10
CA GLY A 45 3.79 -1.59 1.95
C GLY A 45 4.27 -0.21 2.32
N LEU A 46 4.88 0.48 1.36
CA LEU A 46 5.38 1.84 1.60
C LEU A 46 4.55 2.87 0.86
N SER A 47 3.90 3.75 1.63
CA SER A 47 3.07 4.79 1.05
C SER A 47 3.88 5.71 0.15
N LEU A 48 3.62 5.63 -1.16
CA LEU A 48 4.33 6.45 -2.14
C LEU A 48 3.97 7.92 -1.97
N LEU A 49 2.97 8.19 -1.14
CA LEU A 49 2.53 9.56 -0.89
C LEU A 49 3.27 10.16 0.31
N THR A 50 2.97 9.66 1.49
CA THR A 50 3.61 10.14 2.71
C THR A 50 5.05 9.65 2.81
N GLY A 51 5.26 8.38 2.48
CA GLY A 51 6.60 7.82 2.53
C GLY A 51 6.82 6.99 3.79
N ARG A 52 5.73 6.51 4.37
CA ARG A 52 5.83 5.70 5.58
C ARG A 52 5.60 4.22 5.26
N THR A 53 6.23 3.35 6.05
CA THR A 53 6.10 1.91 5.85
C THR A 53 5.46 1.25 7.06
N GLY A 54 4.34 0.56 6.83
CA GLY A 54 3.66 -0.12 7.91
C GLY A 54 2.77 -1.26 7.42
N ILE A 55 2.00 -1.84 8.33
CA ILE A 55 1.11 -2.95 7.98
C ILE A 55 -0.32 -2.46 7.84
N PHE A 56 -0.90 -2.68 6.66
CA PHE A 56 -2.28 -2.27 6.39
C PHE A 56 -3.11 -3.45 5.93
N PRO A 57 -4.44 -3.36 6.13
CA PRO A 57 -5.38 -4.42 5.74
C PRO A 57 -5.52 -4.53 4.23
N SER A 58 -5.43 -5.76 3.72
CA SER A 58 -5.54 -6.01 2.29
C SER A 58 -6.88 -5.51 1.76
N ASP A 59 -7.90 -5.55 2.61
CA ASP A 59 -9.24 -5.11 2.23
C ASP A 59 -9.24 -3.63 1.87
N TYR A 60 -8.28 -2.89 2.42
CA TYR A 60 -8.17 -1.45 2.15
C TYR A 60 -7.40 -1.20 0.86
N VAL A 61 -6.60 -2.18 0.46
CA VAL A 61 -5.81 -2.06 -0.76
C VAL A 61 -6.32 -3.01 -1.84
N ILE A 62 -6.45 -2.50 -3.06
CA ILE A 62 -6.93 -3.30 -4.18
C ILE A 62 -5.86 -3.43 -5.26
N PRO A 63 -5.71 -4.65 -5.78
CA PRO A 63 -4.72 -4.94 -6.82
C PRO A 63 -5.10 -4.30 -8.16
N VAL A 64 -4.35 -3.26 -8.54
CA VAL A 64 -4.60 -2.57 -9.80
C VAL A 64 -4.11 -3.39 -10.99
N SER A 65 -4.54 -2.99 -12.18
CA SER A 65 -4.14 -3.69 -13.40
C SER A 65 -3.86 -2.70 -14.53
N GLY A 66 -3.24 -3.19 -15.60
CA GLY A 66 -2.91 -2.34 -16.72
C GLY A 66 -2.06 -3.05 -17.76
N PRO A 67 -1.54 -2.27 -18.73
CA PRO A 67 -0.70 -2.82 -19.81
C PRO A 67 0.67 -3.26 -19.29
N SER A 68 0.92 -3.05 -18.01
CA SER A 68 2.18 -3.43 -17.40
C SER A 68 2.65 -4.79 -17.92
N SER A 69 1.77 -5.78 -17.84
CA SER A 69 2.09 -7.12 -18.30
C SER A 69 2.28 -7.15 -19.81
N GLY A 70 2.96 -8.19 -20.29
CA GLY A 70 3.21 -8.32 -21.72
C GLY A 70 1.98 -8.78 -22.48
N GLY A 1 14.15 8.46 -4.96
CA GLY A 1 13.45 7.30 -4.44
C GLY A 1 13.96 6.00 -5.01
N SER A 2 13.35 5.55 -6.10
CA SER A 2 13.76 4.31 -6.75
C SER A 2 13.59 4.41 -8.26
N SER A 3 14.46 3.70 -8.99
CA SER A 3 14.41 3.71 -10.44
C SER A 3 14.19 2.31 -10.99
N GLY A 4 13.04 2.09 -11.61
CA GLY A 4 12.73 0.79 -12.18
C GLY A 4 11.48 0.80 -13.03
N SER A 5 10.62 -0.20 -12.85
CA SER A 5 9.39 -0.30 -13.62
C SER A 5 8.21 -0.63 -12.71
N SER A 6 7.01 -0.28 -13.16
CA SER A 6 5.80 -0.52 -12.38
C SER A 6 5.76 -1.97 -11.90
N GLY A 7 6.13 -2.18 -10.65
CA GLY A 7 6.12 -3.52 -10.08
C GLY A 7 4.80 -3.87 -9.43
N ASN A 8 4.58 -3.36 -8.23
CA ASN A 8 3.34 -3.63 -7.50
C ASN A 8 2.70 -2.33 -7.02
N MET A 9 1.52 -2.03 -7.55
CA MET A 9 0.80 -0.81 -7.17
C MET A 9 -0.46 -1.15 -6.37
N PHE A 10 -0.65 -0.43 -5.27
CA PHE A 10 -1.81 -0.66 -4.41
C PHE A 10 -2.25 0.65 -3.75
N VAL A 11 -3.50 1.04 -4.00
CA VAL A 11 -4.04 2.27 -3.43
C VAL A 11 -4.74 1.99 -2.10
N ALA A 12 -5.02 3.06 -1.37
CA ALA A 12 -5.69 2.94 -0.07
C ALA A 12 -7.18 3.21 -0.19
N LEU A 13 -7.53 4.31 -0.85
CA LEU A 13 -8.93 4.68 -1.03
C LEU A 13 -9.65 4.79 0.32
N HIS A 14 -8.88 5.08 1.36
CA HIS A 14 -9.45 5.21 2.70
C HIS A 14 -8.47 5.92 3.64
N THR A 15 -8.99 6.51 4.71
CA THR A 15 -8.17 7.21 5.68
C THR A 15 -8.01 6.41 6.96
N TYR A 16 -6.87 5.76 7.11
CA TYR A 16 -6.59 4.95 8.30
C TYR A 16 -5.60 5.64 9.22
N SER A 17 -6.05 6.02 10.40
CA SER A 17 -5.20 6.70 11.37
C SER A 17 -4.36 5.69 12.15
N ALA A 18 -3.08 5.60 11.81
CA ALA A 18 -2.18 4.68 12.48
C ALA A 18 -2.24 4.85 14.00
N HIS A 19 -2.31 3.74 14.71
CA HIS A 19 -2.38 3.77 16.17
C HIS A 19 -1.11 3.16 16.78
N ARG A 20 -0.45 2.31 16.02
CA ARG A 20 0.77 1.67 16.49
C ARG A 20 1.97 2.06 15.62
N PRO A 21 3.18 1.87 16.16
CA PRO A 21 4.42 2.21 15.45
C PRO A 21 4.69 1.27 14.28
N GLU A 22 3.78 0.32 14.07
CA GLU A 22 3.92 -0.64 12.99
C GLU A 22 2.86 -0.42 11.92
N GLU A 23 1.74 0.17 12.32
CA GLU A 23 0.64 0.44 11.40
C GLU A 23 1.01 1.54 10.41
N LEU A 24 0.36 1.53 9.25
CA LEU A 24 0.63 2.51 8.21
C LEU A 24 -0.58 3.43 8.01
N ASP A 25 -0.34 4.73 8.11
CA ASP A 25 -1.41 5.72 7.94
C ASP A 25 -1.83 5.81 6.47
N LEU A 26 -3.04 5.34 6.19
CA LEU A 26 -3.56 5.37 4.83
C LEU A 26 -4.25 6.70 4.53
N GLN A 27 -4.14 7.16 3.29
CA GLN A 27 -4.75 8.42 2.89
C GLN A 27 -5.59 8.23 1.62
N LYS A 28 -6.90 8.27 1.78
CA LYS A 28 -7.81 8.11 0.65
C LYS A 28 -7.25 8.77 -0.61
N GLY A 29 -6.84 7.95 -1.57
CA GLY A 29 -6.29 8.47 -2.80
C GLY A 29 -4.77 8.56 -2.77
N GLU A 30 -4.14 7.55 -2.18
CA GLU A 30 -2.68 7.52 -2.08
C GLU A 30 -2.13 6.21 -2.63
N GLY A 31 -1.13 6.33 -3.51
CA GLY A 31 -0.52 5.15 -4.10
C GLY A 31 0.49 4.50 -3.19
N ILE A 32 0.19 3.29 -2.73
CA ILE A 32 1.10 2.57 -1.84
C ILE A 32 1.83 1.45 -2.59
N ARG A 33 2.99 1.06 -2.07
CA ARG A 33 3.78 0.01 -2.69
C ARG A 33 3.94 -1.17 -1.75
N VAL A 34 3.20 -2.24 -2.01
CA VAL A 34 3.26 -3.45 -1.19
C VAL A 34 4.62 -4.11 -1.29
N LEU A 35 5.33 -4.18 -0.18
CA LEU A 35 6.65 -4.80 -0.15
C LEU A 35 6.56 -6.23 0.37
N GLY A 36 6.28 -6.38 1.66
CA GLY A 36 6.16 -7.69 2.26
C GLY A 36 4.73 -8.09 2.52
N LYS A 37 4.53 -9.34 2.93
CA LYS A 37 3.20 -9.86 3.22
C LYS A 37 3.09 -10.34 4.66
N TYR A 38 2.39 -9.59 5.49
CA TYR A 38 2.22 -9.94 6.89
C TYR A 38 1.47 -11.26 7.03
N GLN A 39 0.22 -11.28 6.56
CA GLN A 39 -0.60 -12.48 6.62
C GLN A 39 -1.92 -12.28 5.90
N ASP A 40 -2.71 -13.34 5.80
CA ASP A 40 -4.01 -13.27 5.13
C ASP A 40 -4.86 -12.15 5.71
N GLY A 41 -4.93 -11.03 4.98
CA GLY A 41 -5.71 -9.91 5.44
C GLY A 41 -4.84 -8.68 5.74
N TRP A 42 -3.59 -8.93 6.08
CA TRP A 42 -2.66 -7.85 6.40
C TRP A 42 -1.43 -7.91 5.50
N LEU A 43 -1.03 -6.76 4.97
CA LEU A 43 0.13 -6.68 4.09
C LEU A 43 1.02 -5.49 4.47
N LYS A 44 2.29 -5.56 4.07
CA LYS A 44 3.23 -4.49 4.37
C LYS A 44 3.61 -3.73 3.09
N GLY A 45 3.45 -2.41 3.13
CA GLY A 45 3.77 -1.60 1.97
C GLY A 45 4.27 -0.21 2.36
N LEU A 46 4.85 0.49 1.40
CA LEU A 46 5.36 1.83 1.65
C LEU A 46 4.54 2.88 0.88
N SER A 47 3.90 3.77 1.62
CA SER A 47 3.09 4.83 1.02
C SER A 47 3.95 5.73 0.12
N LEU A 48 3.62 5.76 -1.16
CA LEU A 48 4.36 6.59 -2.12
C LEU A 48 3.99 8.06 -1.96
N LEU A 49 2.96 8.33 -1.16
CA LEU A 49 2.51 9.70 -0.92
C LEU A 49 3.25 10.32 0.26
N THR A 50 3.04 9.77 1.44
CA THR A 50 3.68 10.27 2.65
C THR A 50 5.11 9.73 2.77
N GLY A 51 5.27 8.43 2.53
CA GLY A 51 6.59 7.82 2.62
C GLY A 51 6.76 7.00 3.88
N ARG A 52 5.64 6.48 4.40
CA ARG A 52 5.68 5.67 5.61
C ARG A 52 5.51 4.19 5.28
N THR A 53 6.07 3.33 6.14
CA THR A 53 5.98 1.89 5.93
C THR A 53 5.33 1.21 7.13
N GLY A 54 4.23 0.50 6.90
CA GLY A 54 3.54 -0.19 7.96
C GLY A 54 2.66 -1.32 7.45
N ILE A 55 1.85 -1.88 8.34
CA ILE A 55 0.96 -2.98 7.97
C ILE A 55 -0.47 -2.50 7.82
N PHE A 56 -1.04 -2.71 6.64
CA PHE A 56 -2.41 -2.29 6.35
C PHE A 56 -3.24 -3.47 5.87
N PRO A 57 -4.57 -3.38 6.06
CA PRO A 57 -5.51 -4.43 5.66
C PRO A 57 -5.64 -4.54 4.14
N SER A 58 -5.46 -5.74 3.62
CA SER A 58 -5.56 -5.98 2.18
C SER A 58 -6.91 -5.52 1.65
N ASP A 59 -7.93 -5.64 2.47
CA ASP A 59 -9.29 -5.25 2.08
C ASP A 59 -9.34 -3.76 1.74
N TYR A 60 -8.38 -3.00 2.29
CA TYR A 60 -8.32 -1.56 2.04
C TYR A 60 -7.59 -1.26 0.75
N VAL A 61 -6.68 -2.16 0.36
CA VAL A 61 -5.91 -2.00 -0.87
C VAL A 61 -6.33 -3.00 -1.92
N ILE A 62 -6.61 -2.51 -3.13
CA ILE A 62 -7.02 -3.38 -4.22
C ILE A 62 -5.90 -3.53 -5.25
N PRO A 63 -5.69 -4.77 -5.72
CA PRO A 63 -4.66 -5.08 -6.71
C PRO A 63 -4.99 -4.52 -8.09
N VAL A 64 -4.29 -3.45 -8.47
CA VAL A 64 -4.52 -2.81 -9.76
C VAL A 64 -3.93 -3.65 -10.89
N SER A 65 -4.28 -3.29 -12.12
CA SER A 65 -3.80 -4.02 -13.29
C SER A 65 -2.81 -3.17 -14.08
N GLY A 66 -3.20 -1.93 -14.38
CA GLY A 66 -2.33 -1.04 -15.12
C GLY A 66 -2.38 0.38 -14.60
N PRO A 67 -1.28 1.13 -14.80
CA PRO A 67 -1.18 2.52 -14.36
C PRO A 67 -2.08 3.45 -15.14
N SER A 68 -2.42 4.59 -14.55
CA SER A 68 -3.29 5.57 -15.19
C SER A 68 -3.02 5.61 -16.70
N SER A 69 -1.79 5.96 -17.06
CA SER A 69 -1.41 6.04 -18.47
C SER A 69 -2.09 4.95 -19.28
N GLY A 70 -2.68 5.34 -20.41
CA GLY A 70 -3.36 4.38 -21.25
C GLY A 70 -4.41 5.03 -22.14
N GLY A 1 20.26 0.98 -9.67
CA GLY A 1 19.02 0.45 -9.14
C GLY A 1 18.79 -0.98 -9.56
N SER A 2 17.54 -1.44 -9.45
CA SER A 2 17.19 -2.80 -9.83
C SER A 2 16.07 -2.80 -10.86
N SER A 3 16.43 -3.07 -12.12
CA SER A 3 15.46 -3.10 -13.21
C SER A 3 14.12 -3.67 -12.73
N GLY A 4 13.17 -2.77 -12.48
CA GLY A 4 11.86 -3.20 -12.03
C GLY A 4 10.98 -3.69 -13.15
N SER A 5 11.11 -4.97 -13.49
CA SER A 5 10.32 -5.55 -14.57
C SER A 5 8.85 -5.68 -14.16
N SER A 6 8.62 -6.18 -12.94
CA SER A 6 7.27 -6.36 -12.44
C SER A 6 7.01 -5.44 -11.25
N GLY A 7 6.21 -4.40 -11.47
CA GLY A 7 5.89 -3.46 -10.41
C GLY A 7 4.59 -3.81 -9.71
N ASN A 8 4.44 -3.29 -8.49
CA ASN A 8 3.23 -3.55 -7.70
C ASN A 8 2.63 -2.25 -7.19
N MET A 9 1.41 -1.95 -7.65
CA MET A 9 0.73 -0.73 -7.24
C MET A 9 -0.56 -1.07 -6.47
N PHE A 10 -0.75 -0.39 -5.35
CA PHE A 10 -1.93 -0.62 -4.51
C PHE A 10 -2.37 0.68 -3.83
N VAL A 11 -3.60 1.09 -4.09
CA VAL A 11 -4.14 2.30 -3.50
C VAL A 11 -4.85 2.02 -2.19
N ALA A 12 -5.13 3.07 -1.43
CA ALA A 12 -5.81 2.92 -0.14
C ALA A 12 -7.30 3.22 -0.27
N LEU A 13 -7.62 4.37 -0.83
CA LEU A 13 -9.01 4.78 -1.01
C LEU A 13 -9.72 4.90 0.34
N HIS A 14 -8.95 5.17 1.38
CA HIS A 14 -9.50 5.32 2.72
C HIS A 14 -8.51 6.05 3.64
N THR A 15 -9.04 6.65 4.70
CA THR A 15 -8.21 7.38 5.65
C THR A 15 -8.03 6.59 6.95
N TYR A 16 -6.87 5.96 7.09
CA TYR A 16 -6.58 5.17 8.28
C TYR A 16 -5.53 5.87 9.15
N SER A 17 -5.94 6.26 10.36
CA SER A 17 -5.04 6.94 11.29
C SER A 17 -4.22 5.93 12.09
N ALA A 18 -2.96 5.76 11.71
CA ALA A 18 -2.07 4.83 12.39
C ALA A 18 -2.11 5.04 13.89
N HIS A 19 -2.17 3.94 14.64
CA HIS A 19 -2.21 4.00 16.09
C HIS A 19 -0.97 3.35 16.70
N ARG A 20 -0.35 2.45 15.94
CA ARG A 20 0.84 1.76 16.40
C ARG A 20 2.06 2.12 15.53
N PRO A 21 3.26 1.89 16.09
CA PRO A 21 4.51 2.20 15.38
C PRO A 21 4.76 1.24 14.22
N GLU A 22 3.82 0.33 13.99
CA GLU A 22 3.94 -0.63 12.91
C GLU A 22 2.84 -0.42 11.87
N GLU A 23 1.75 0.21 12.29
CA GLU A 23 0.63 0.47 11.39
C GLU A 23 0.98 1.58 10.40
N LEU A 24 0.40 1.51 9.21
CA LEU A 24 0.65 2.50 8.17
C LEU A 24 -0.56 3.41 7.99
N ASP A 25 -0.32 4.72 8.06
CA ASP A 25 -1.39 5.70 7.92
C ASP A 25 -1.88 5.75 6.46
N LEU A 26 -3.09 5.28 6.24
CA LEU A 26 -3.67 5.27 4.90
C LEU A 26 -4.38 6.59 4.60
N GLN A 27 -4.20 7.08 3.37
CA GLN A 27 -4.82 8.34 2.96
C GLN A 27 -5.66 8.14 1.70
N LYS A 28 -6.98 8.24 1.86
CA LYS A 28 -7.89 8.09 0.73
C LYS A 28 -7.34 8.76 -0.52
N GLY A 29 -6.88 7.97 -1.47
CA GLY A 29 -6.35 8.51 -2.70
C GLY A 29 -4.83 8.59 -2.68
N GLU A 30 -4.19 7.56 -2.14
CA GLU A 30 -2.73 7.52 -2.06
C GLU A 30 -2.19 6.21 -2.64
N GLY A 31 -1.12 6.32 -3.41
CA GLY A 31 -0.52 5.13 -4.01
C GLY A 31 0.48 4.46 -3.08
N ILE A 32 0.14 3.24 -2.64
CA ILE A 32 1.01 2.49 -1.74
C ILE A 32 1.75 1.38 -2.49
N ARG A 33 2.98 1.11 -2.08
CA ARG A 33 3.78 0.06 -2.71
C ARG A 33 3.94 -1.13 -1.79
N VAL A 34 3.19 -2.20 -2.06
CA VAL A 34 3.25 -3.41 -1.25
C VAL A 34 4.62 -4.07 -1.36
N LEU A 35 5.30 -4.17 -0.23
CA LEU A 35 6.62 -4.79 -0.20
C LEU A 35 6.55 -6.22 0.34
N GLY A 36 6.25 -6.34 1.63
CA GLY A 36 6.15 -7.65 2.24
C GLY A 36 4.72 -8.07 2.50
N LYS A 37 4.53 -9.31 2.91
CA LYS A 37 3.19 -9.84 3.19
C LYS A 37 3.09 -10.33 4.63
N TYR A 38 2.39 -9.57 5.46
CA TYR A 38 2.22 -9.94 6.86
C TYR A 38 1.49 -11.27 6.99
N GLN A 39 0.23 -11.29 6.54
CA GLN A 39 -0.58 -12.50 6.62
C GLN A 39 -1.92 -12.30 5.92
N ASP A 40 -2.70 -13.37 5.82
CA ASP A 40 -4.02 -13.30 5.18
C ASP A 40 -4.85 -12.17 5.77
N GLY A 41 -4.94 -11.06 5.04
CA GLY A 41 -5.70 -9.93 5.51
C GLY A 41 -4.84 -8.71 5.77
N TRP A 42 -3.58 -8.95 6.13
CA TRP A 42 -2.65 -7.86 6.42
C TRP A 42 -1.45 -7.92 5.48
N LEU A 43 -1.03 -6.76 4.99
CA LEU A 43 0.11 -6.68 4.09
C LEU A 43 1.03 -5.51 4.46
N LYS A 44 2.29 -5.61 4.06
CA LYS A 44 3.26 -4.56 4.35
C LYS A 44 3.63 -3.79 3.09
N GLY A 45 3.45 -2.47 3.14
CA GLY A 45 3.77 -1.64 1.99
C GLY A 45 4.26 -0.26 2.39
N LEU A 46 4.83 0.46 1.43
CA LEU A 46 5.35 1.79 1.68
C LEU A 46 4.54 2.85 0.95
N SER A 47 3.81 3.67 1.71
CA SER A 47 2.99 4.72 1.12
C SER A 47 3.82 5.67 0.28
N LEU A 48 3.61 5.65 -1.02
CA LEU A 48 4.34 6.51 -1.94
C LEU A 48 3.98 7.97 -1.73
N LEU A 49 2.84 8.20 -1.08
CA LEU A 49 2.38 9.56 -0.81
C LEU A 49 3.05 10.13 0.44
N THR A 50 2.84 9.46 1.57
CA THR A 50 3.42 9.90 2.83
C THR A 50 4.86 9.42 2.97
N GLY A 51 5.13 8.22 2.48
CA GLY A 51 6.47 7.67 2.55
C GLY A 51 6.71 6.86 3.81
N ARG A 52 5.63 6.34 4.38
CA ARG A 52 5.71 5.53 5.60
C ARG A 52 5.46 4.06 5.31
N THR A 53 6.10 3.20 6.10
CA THR A 53 5.96 1.76 5.93
C THR A 53 5.28 1.13 7.13
N GLY A 54 4.21 0.37 6.89
CA GLY A 54 3.50 -0.28 7.97
C GLY A 54 2.62 -1.41 7.49
N ILE A 55 1.78 -1.93 8.37
CA ILE A 55 0.88 -3.03 8.03
C ILE A 55 -0.55 -2.54 7.88
N PHE A 56 -1.12 -2.74 6.69
CA PHE A 56 -2.49 -2.33 6.41
C PHE A 56 -3.33 -3.50 5.92
N PRO A 57 -4.65 -3.40 6.11
CA PRO A 57 -5.60 -4.44 5.68
C PRO A 57 -5.72 -4.55 4.17
N SER A 58 -5.42 -5.73 3.63
CA SER A 58 -5.49 -5.94 2.19
C SER A 58 -6.84 -5.48 1.63
N ASP A 59 -7.87 -5.56 2.46
CA ASP A 59 -9.21 -5.14 2.04
C ASP A 59 -9.23 -3.66 1.68
N TYR A 60 -8.43 -2.88 2.39
CA TYR A 60 -8.35 -1.44 2.14
C TYR A 60 -7.64 -1.15 0.83
N VAL A 61 -6.80 -2.09 0.40
CA VAL A 61 -6.06 -1.93 -0.85
C VAL A 61 -6.51 -2.95 -1.88
N ILE A 62 -6.03 -2.79 -3.12
CA ILE A 62 -6.39 -3.70 -4.20
C ILE A 62 -5.32 -3.70 -5.29
N PRO A 63 -4.97 -4.90 -5.78
CA PRO A 63 -3.96 -5.05 -6.83
C PRO A 63 -4.45 -4.54 -8.19
N VAL A 64 -3.98 -3.35 -8.56
CA VAL A 64 -4.36 -2.75 -9.83
C VAL A 64 -3.68 -3.44 -11.00
N SER A 65 -4.28 -3.35 -12.17
CA SER A 65 -3.74 -3.97 -13.37
C SER A 65 -2.60 -3.14 -13.95
N GLY A 66 -1.58 -3.82 -14.47
CA GLY A 66 -0.44 -3.13 -15.03
C GLY A 66 -0.46 -3.16 -16.55
N PRO A 67 0.31 -2.23 -17.17
CA PRO A 67 0.40 -2.13 -18.63
C PRO A 67 1.15 -3.31 -19.25
N SER A 68 1.86 -4.06 -18.40
CA SER A 68 2.63 -5.20 -18.87
C SER A 68 1.72 -6.40 -19.15
N SER A 69 0.81 -6.67 -18.21
CA SER A 69 -0.12 -7.78 -18.35
C SER A 69 -1.16 -7.49 -19.43
N GLY A 70 -1.25 -8.37 -20.42
CA GLY A 70 -2.20 -8.19 -21.50
C GLY A 70 -2.02 -9.20 -22.61
N GLY A 1 17.61 -5.66 -9.60
CA GLY A 1 17.74 -6.73 -8.63
C GLY A 1 16.55 -6.82 -7.70
N SER A 2 15.34 -6.76 -8.26
CA SER A 2 14.13 -6.83 -7.47
C SER A 2 13.96 -8.21 -6.84
N SER A 3 13.20 -8.28 -5.75
CA SER A 3 12.95 -9.53 -5.07
C SER A 3 11.70 -10.22 -5.60
N GLY A 4 10.58 -9.51 -5.54
CA GLY A 4 9.33 -10.07 -6.02
C GLY A 4 9.02 -9.64 -7.45
N SER A 5 7.88 -8.97 -7.63
CA SER A 5 7.46 -8.52 -8.95
C SER A 5 7.58 -7.00 -9.05
N SER A 6 8.21 -6.53 -10.13
CA SER A 6 8.39 -5.10 -10.34
C SER A 6 7.13 -4.49 -10.95
N GLY A 7 6.71 -3.36 -10.39
CA GLY A 7 5.53 -2.68 -10.88
C GLY A 7 4.27 -3.06 -10.12
N ASN A 8 4.28 -2.78 -8.82
CA ASN A 8 3.14 -3.10 -7.96
C ASN A 8 2.52 -1.83 -7.39
N MET A 9 1.29 -1.53 -7.80
CA MET A 9 0.59 -0.35 -7.32
C MET A 9 -0.66 -0.74 -6.55
N PHE A 10 -0.82 -0.18 -5.36
CA PHE A 10 -1.97 -0.46 -4.52
C PHE A 10 -2.45 0.79 -3.79
N VAL A 11 -3.70 1.17 -4.03
CA VAL A 11 -4.27 2.35 -3.38
C VAL A 11 -4.91 1.99 -2.05
N ALA A 12 -5.31 3.02 -1.30
CA ALA A 12 -5.94 2.82 -0.01
C ALA A 12 -7.45 3.05 -0.09
N LEU A 13 -7.85 4.15 -0.70
CA LEU A 13 -9.26 4.48 -0.85
C LEU A 13 -9.91 4.72 0.51
N HIS A 14 -9.10 5.18 1.47
CA HIS A 14 -9.60 5.45 2.81
C HIS A 14 -8.56 6.21 3.63
N THR A 15 -9.00 6.81 4.73
CA THR A 15 -8.11 7.56 5.60
C THR A 15 -7.90 6.84 6.92
N TYR A 16 -6.76 6.16 7.05
CA TYR A 16 -6.44 5.42 8.27
C TYR A 16 -5.26 6.07 8.99
N SER A 17 -5.50 6.54 10.21
CA SER A 17 -4.46 7.17 11.02
C SER A 17 -3.74 6.14 11.87
N ALA A 18 -2.56 5.74 11.44
CA ALA A 18 -1.77 4.76 12.18
C ALA A 18 -1.87 4.99 13.68
N HIS A 19 -2.25 3.94 14.41
CA HIS A 19 -2.40 4.03 15.86
C HIS A 19 -1.22 3.37 16.57
N ARG A 20 -0.57 2.45 15.87
CA ARG A 20 0.59 1.74 16.43
C ARG A 20 1.84 2.01 15.62
N PRO A 21 3.01 1.75 16.22
CA PRO A 21 4.31 1.96 15.57
C PRO A 21 4.55 0.97 14.44
N GLU A 22 3.57 0.11 14.18
CA GLU A 22 3.68 -0.89 13.13
C GLU A 22 2.64 -0.66 12.04
N GLU A 23 1.56 0.02 12.40
CA GLU A 23 0.48 0.30 11.45
C GLU A 23 0.92 1.38 10.46
N LEU A 24 0.29 1.37 9.29
CA LEU A 24 0.61 2.34 8.24
C LEU A 24 -0.54 3.32 8.04
N ASP A 25 -0.19 4.60 7.96
CA ASP A 25 -1.20 5.64 7.76
C ASP A 25 -1.65 5.71 6.31
N LEU A 26 -2.91 5.37 6.06
CA LEU A 26 -3.45 5.37 4.71
C LEU A 26 -4.19 6.68 4.44
N GLN A 27 -4.20 7.10 3.18
CA GLN A 27 -4.87 8.34 2.79
C GLN A 27 -5.73 8.12 1.55
N LYS A 28 -7.03 8.31 1.69
CA LYS A 28 -7.97 8.14 0.59
C LYS A 28 -7.39 8.70 -0.71
N GLY A 29 -6.89 7.82 -1.56
CA GLY A 29 -6.32 8.25 -2.83
C GLY A 29 -4.81 8.36 -2.77
N GLU A 30 -4.17 7.41 -2.10
CA GLU A 30 -2.71 7.41 -1.97
C GLU A 30 -2.12 6.14 -2.58
N GLY A 31 -1.07 6.32 -3.39
CA GLY A 31 -0.43 5.19 -4.02
C GLY A 31 0.54 4.48 -3.08
N ILE A 32 0.17 3.26 -2.69
CA ILE A 32 1.01 2.47 -1.80
C ILE A 32 1.75 1.37 -2.56
N ARG A 33 2.96 1.06 -2.13
CA ARG A 33 3.78 0.03 -2.76
C ARG A 33 3.94 -1.17 -1.84
N VAL A 34 3.13 -2.20 -2.05
CA VAL A 34 3.19 -3.40 -1.24
C VAL A 34 4.56 -4.08 -1.36
N LEU A 35 5.25 -4.19 -0.22
CA LEU A 35 6.57 -4.82 -0.20
C LEU A 35 6.49 -6.24 0.34
N GLY A 36 6.21 -6.36 1.63
CA GLY A 36 6.12 -7.67 2.25
C GLY A 36 4.68 -8.07 2.53
N LYS A 37 4.48 -9.32 2.94
CA LYS A 37 3.15 -9.83 3.25
C LYS A 37 3.08 -10.33 4.69
N TYR A 38 2.40 -9.56 5.53
CA TYR A 38 2.25 -9.93 6.94
C TYR A 38 1.54 -11.27 7.07
N GLN A 39 0.26 -11.30 6.71
CA GLN A 39 -0.54 -12.52 6.79
C GLN A 39 -1.88 -12.35 6.08
N ASP A 40 -2.67 -13.41 6.07
CA ASP A 40 -3.98 -13.38 5.42
C ASP A 40 -4.83 -12.25 5.99
N GLY A 41 -4.93 -11.16 5.25
CA GLY A 41 -5.72 -10.03 5.70
C GLY A 41 -4.88 -8.80 5.97
N TRP A 42 -3.58 -9.01 6.19
CA TRP A 42 -2.66 -7.92 6.46
C TRP A 42 -1.45 -7.97 5.53
N LEU A 43 -1.04 -6.81 5.05
CA LEU A 43 0.11 -6.73 4.15
C LEU A 43 1.01 -5.56 4.52
N LYS A 44 2.27 -5.62 4.08
CA LYS A 44 3.23 -4.56 4.36
C LYS A 44 3.58 -3.79 3.09
N GLY A 45 3.41 -2.47 3.13
CA GLY A 45 3.73 -1.65 1.98
C GLY A 45 4.21 -0.27 2.36
N LEU A 46 4.82 0.43 1.41
CA LEU A 46 5.34 1.77 1.66
C LEU A 46 4.52 2.82 0.90
N SER A 47 3.75 3.61 1.64
CA SER A 47 2.92 4.65 1.03
C SER A 47 3.79 5.62 0.22
N LEU A 48 3.66 5.55 -1.10
CA LEU A 48 4.42 6.43 -1.98
C LEU A 48 4.02 7.89 -1.78
N LEU A 49 2.89 8.10 -1.12
CA LEU A 49 2.39 9.45 -0.86
C LEU A 49 3.09 10.07 0.34
N THR A 50 2.77 9.57 1.53
CA THR A 50 3.37 10.07 2.76
C THR A 50 4.82 9.63 2.88
N GLY A 51 5.07 8.35 2.59
CA GLY A 51 6.42 7.81 2.68
C GLY A 51 6.63 7.00 3.93
N ARG A 52 5.56 6.43 4.45
CA ARG A 52 5.64 5.61 5.66
C ARG A 52 5.45 4.13 5.34
N THR A 53 6.06 3.28 6.16
CA THR A 53 5.97 1.84 5.95
C THR A 53 5.34 1.15 7.15
N GLY A 54 4.23 0.45 6.91
CA GLY A 54 3.54 -0.24 7.99
C GLY A 54 2.67 -1.38 7.49
N ILE A 55 1.84 -1.92 8.37
CA ILE A 55 0.96 -3.03 8.00
C ILE A 55 -0.48 -2.55 7.86
N PHE A 56 -1.06 -2.77 6.68
CA PHE A 56 -2.44 -2.37 6.41
C PHE A 56 -3.27 -3.56 5.95
N PRO A 57 -4.59 -3.47 6.13
CA PRO A 57 -5.53 -4.52 5.75
C PRO A 57 -5.65 -4.65 4.23
N SER A 58 -5.50 -5.87 3.72
CA SER A 58 -5.60 -6.12 2.29
C SER A 58 -6.93 -5.61 1.74
N ASP A 59 -7.96 -5.66 2.58
CA ASP A 59 -9.29 -5.21 2.18
C ASP A 59 -9.27 -3.72 1.81
N TYR A 60 -8.31 -3.00 2.36
CA TYR A 60 -8.18 -1.57 2.09
C TYR A 60 -7.38 -1.32 0.83
N VAL A 61 -6.56 -2.29 0.44
CA VAL A 61 -5.74 -2.18 -0.75
C VAL A 61 -6.22 -3.15 -1.84
N ILE A 62 -5.81 -2.88 -3.07
CA ILE A 62 -6.19 -3.74 -4.20
C ILE A 62 -5.17 -3.65 -5.32
N PRO A 63 -4.83 -4.81 -5.90
CA PRO A 63 -3.86 -4.89 -7.00
C PRO A 63 -4.40 -4.29 -8.29
N VAL A 64 -3.96 -3.09 -8.62
CA VAL A 64 -4.40 -2.41 -9.83
C VAL A 64 -3.72 -3.00 -11.06
N SER A 65 -4.51 -3.23 -12.11
CA SER A 65 -3.99 -3.79 -13.35
C SER A 65 -3.69 -2.69 -14.37
N GLY A 66 -3.12 -1.58 -13.89
CA GLY A 66 -2.79 -0.48 -14.76
C GLY A 66 -4.03 0.18 -15.35
N PRO A 67 -3.84 0.88 -16.48
CA PRO A 67 -4.93 1.58 -17.16
C PRO A 67 -5.92 0.61 -17.81
N SER A 68 -6.93 1.16 -18.48
CA SER A 68 -7.95 0.35 -19.14
C SER A 68 -8.37 0.97 -20.47
N SER A 69 -9.27 0.30 -21.17
CA SER A 69 -9.75 0.78 -22.46
C SER A 69 -10.97 -0.03 -22.92
N GLY A 70 -12.06 0.68 -23.20
CA GLY A 70 -13.27 0.02 -23.65
C GLY A 70 -13.28 -0.20 -25.14
N GLY A 1 17.42 -8.96 0.19
CA GLY A 1 16.06 -8.99 -0.31
C GLY A 1 15.96 -8.45 -1.73
N SER A 2 15.01 -7.55 -1.96
CA SER A 2 14.81 -6.98 -3.28
C SER A 2 14.48 -8.05 -4.31
N SER A 3 13.61 -8.98 -3.90
CA SER A 3 13.21 -10.08 -4.79
C SER A 3 11.78 -9.87 -5.28
N GLY A 4 11.46 -8.64 -5.64
CA GLY A 4 10.12 -8.33 -6.13
C GLY A 4 9.87 -8.86 -7.52
N SER A 5 8.67 -9.38 -7.76
CA SER A 5 8.32 -9.93 -9.07
C SER A 5 8.17 -8.81 -10.10
N SER A 6 7.44 -7.76 -9.73
CA SER A 6 7.22 -6.63 -10.62
C SER A 6 6.50 -5.50 -9.89
N GLY A 7 6.63 -4.28 -10.42
CA GLY A 7 5.99 -3.14 -9.81
C GLY A 7 4.59 -3.45 -9.30
N ASN A 8 4.31 -3.03 -8.08
CA ASN A 8 3.00 -3.27 -7.48
C ASN A 8 2.38 -1.96 -6.97
N MET A 9 1.24 -1.60 -7.55
CA MET A 9 0.55 -0.38 -7.15
C MET A 9 -0.76 -0.69 -6.44
N PHE A 10 -0.87 -0.24 -5.19
CA PHE A 10 -2.08 -0.48 -4.40
C PHE A 10 -2.50 0.78 -3.67
N VAL A 11 -3.74 1.22 -3.94
CA VAL A 11 -4.28 2.42 -3.31
C VAL A 11 -4.99 2.09 -2.01
N ALA A 12 -5.25 3.11 -1.20
CA ALA A 12 -5.92 2.93 0.08
C ALA A 12 -7.43 3.13 -0.06
N LEU A 13 -7.81 4.22 -0.72
CA LEU A 13 -9.22 4.52 -0.93
C LEU A 13 -9.91 4.82 0.40
N HIS A 14 -9.14 5.25 1.39
CA HIS A 14 -9.68 5.57 2.71
C HIS A 14 -8.64 6.29 3.56
N THR A 15 -9.08 6.81 4.71
CA THR A 15 -8.19 7.53 5.60
C THR A 15 -8.03 6.78 6.92
N TYR A 16 -6.93 6.07 7.06
CA TYR A 16 -6.66 5.30 8.28
C TYR A 16 -5.54 5.96 9.09
N SER A 17 -5.89 6.44 10.28
CA SER A 17 -4.92 7.10 11.15
C SER A 17 -4.18 6.07 12.00
N ALA A 18 -2.98 5.70 11.55
CA ALA A 18 -2.17 4.72 12.28
C ALA A 18 -2.35 4.85 13.77
N HIS A 19 -2.55 3.73 14.45
CA HIS A 19 -2.73 3.71 15.90
C HIS A 19 -1.54 3.09 16.60
N ARG A 20 -0.83 2.23 15.88
CA ARG A 20 0.34 1.55 16.43
C ARG A 20 1.61 1.93 15.67
N PRO A 21 2.77 1.72 16.30
CA PRO A 21 4.07 2.03 15.70
C PRO A 21 4.42 1.11 14.54
N GLU A 22 3.49 0.21 14.21
CA GLU A 22 3.70 -0.75 13.13
C GLU A 22 2.68 -0.53 12.01
N GLU A 23 1.55 0.07 12.36
CA GLU A 23 0.50 0.35 11.39
C GLU A 23 0.91 1.47 10.43
N LEU A 24 0.30 1.48 9.25
CA LEU A 24 0.60 2.50 8.26
C LEU A 24 -0.61 3.40 8.01
N ASP A 25 -0.38 4.71 8.08
CA ASP A 25 -1.45 5.68 7.87
C ASP A 25 -1.90 5.69 6.41
N LEU A 26 -3.17 5.37 6.18
CA LEU A 26 -3.72 5.34 4.83
C LEU A 26 -4.46 6.64 4.51
N GLN A 27 -4.46 7.03 3.24
CA GLN A 27 -5.13 8.24 2.81
C GLN A 27 -5.96 7.99 1.55
N LYS A 28 -7.25 8.32 1.62
CA LYS A 28 -8.14 8.13 0.49
C LYS A 28 -7.52 8.68 -0.80
N GLY A 29 -6.90 7.80 -1.58
CA GLY A 29 -6.29 8.22 -2.83
C GLY A 29 -4.78 8.31 -2.72
N GLU A 30 -4.18 7.36 -1.99
CA GLU A 30 -2.73 7.33 -1.82
C GLU A 30 -2.14 6.07 -2.43
N GLY A 31 -1.11 6.26 -3.27
CA GLY A 31 -0.46 5.13 -3.91
C GLY A 31 0.50 4.42 -2.98
N ILE A 32 0.16 3.19 -2.61
CA ILE A 32 1.02 2.40 -1.72
C ILE A 32 1.73 1.30 -2.50
N ARG A 33 2.98 1.03 -2.11
CA ARG A 33 3.77 0.00 -2.77
C ARG A 33 3.95 -1.22 -1.85
N VAL A 34 3.14 -2.24 -2.07
CA VAL A 34 3.21 -3.46 -1.28
C VAL A 34 4.57 -4.15 -1.43
N LEU A 35 5.29 -4.27 -0.33
CA LEU A 35 6.60 -4.91 -0.34
C LEU A 35 6.52 -6.33 0.18
N GLY A 36 6.27 -6.47 1.49
CA GLY A 36 6.17 -7.79 2.08
C GLY A 36 4.74 -8.17 2.41
N LYS A 37 4.55 -9.41 2.84
CA LYS A 37 3.21 -9.89 3.18
C LYS A 37 3.15 -10.37 4.63
N TYR A 38 2.50 -9.59 5.48
CA TYR A 38 2.38 -9.93 6.89
C TYR A 38 1.63 -11.24 7.07
N GLN A 39 0.35 -11.25 6.73
CA GLN A 39 -0.48 -12.44 6.85
C GLN A 39 -1.81 -12.26 6.13
N ASP A 40 -2.60 -13.33 6.09
CA ASP A 40 -3.91 -13.28 5.44
C ASP A 40 -4.75 -12.15 5.99
N GLY A 41 -4.83 -11.05 5.24
CA GLY A 41 -5.62 -9.90 5.67
C GLY A 41 -4.76 -8.69 5.92
N TRP A 42 -3.48 -8.90 6.23
CA TRP A 42 -2.56 -7.82 6.51
C TRP A 42 -1.33 -7.91 5.59
N LEU A 43 -0.94 -6.77 5.02
CA LEU A 43 0.21 -6.73 4.14
C LEU A 43 1.14 -5.55 4.51
N LYS A 44 2.38 -5.61 4.03
CA LYS A 44 3.35 -4.55 4.31
C LYS A 44 3.70 -3.79 3.04
N GLY A 45 3.53 -2.48 3.08
CA GLY A 45 3.83 -1.65 1.93
C GLY A 45 4.34 -0.28 2.31
N LEU A 46 4.96 0.41 1.35
CA LEU A 46 5.50 1.75 1.60
C LEU A 46 4.67 2.80 0.87
N SER A 47 3.95 3.61 1.65
CA SER A 47 3.11 4.66 1.08
C SER A 47 3.94 5.59 0.18
N LEU A 48 3.70 5.50 -1.12
CA LEU A 48 4.42 6.33 -2.08
C LEU A 48 4.05 7.80 -1.92
N LEU A 49 2.99 8.05 -1.17
CA LEU A 49 2.53 9.42 -0.94
C LEU A 49 3.24 10.04 0.26
N THR A 50 3.08 9.41 1.42
CA THR A 50 3.72 9.89 2.65
C THR A 50 5.18 9.47 2.72
N GLY A 51 5.45 8.22 2.35
CA GLY A 51 6.80 7.71 2.37
C GLY A 51 7.08 6.86 3.60
N ARG A 52 6.01 6.39 4.24
CA ARG A 52 6.14 5.57 5.43
C ARG A 52 5.82 4.11 5.13
N THR A 53 6.38 3.20 5.93
CA THR A 53 6.14 1.77 5.74
C THR A 53 5.49 1.16 6.97
N GLY A 54 4.40 0.45 6.76
CA GLY A 54 3.70 -0.20 7.87
C GLY A 54 2.82 -1.35 7.42
N ILE A 55 1.97 -1.82 8.32
CA ILE A 55 1.08 -2.93 8.01
C ILE A 55 -0.36 -2.45 7.86
N PHE A 56 -0.93 -2.70 6.69
CA PHE A 56 -2.30 -2.29 6.41
C PHE A 56 -3.15 -3.48 5.95
N PRO A 57 -4.47 -3.37 6.13
CA PRO A 57 -5.41 -4.43 5.74
C PRO A 57 -5.53 -4.57 4.23
N SER A 58 -5.43 -5.81 3.75
CA SER A 58 -5.52 -6.08 2.32
C SER A 58 -6.82 -5.56 1.74
N ASP A 59 -7.87 -5.53 2.58
CA ASP A 59 -9.17 -5.05 2.16
C ASP A 59 -9.12 -3.58 1.77
N TYR A 60 -8.13 -2.87 2.32
CA TYR A 60 -7.96 -1.45 2.03
C TYR A 60 -7.12 -1.23 0.79
N VAL A 61 -6.34 -2.26 0.42
CA VAL A 61 -5.49 -2.18 -0.76
C VAL A 61 -5.95 -3.15 -1.84
N ILE A 62 -6.07 -2.65 -3.07
CA ILE A 62 -6.50 -3.45 -4.19
C ILE A 62 -5.48 -3.46 -5.31
N PRO A 63 -5.21 -4.64 -5.88
CA PRO A 63 -4.25 -4.80 -6.98
C PRO A 63 -4.73 -4.16 -8.28
N VAL A 64 -4.19 -2.99 -8.59
CA VAL A 64 -4.57 -2.29 -9.81
C VAL A 64 -4.01 -2.98 -11.05
N SER A 65 -4.45 -2.52 -12.22
CA SER A 65 -4.00 -3.11 -13.47
C SER A 65 -3.52 -2.03 -14.44
N GLY A 66 -2.42 -2.29 -15.13
CA GLY A 66 -1.88 -1.33 -16.06
C GLY A 66 -0.68 -0.58 -15.51
N PRO A 67 0.18 -0.08 -16.41
CA PRO A 67 1.38 0.68 -16.02
C PRO A 67 1.04 2.04 -15.44
N SER A 68 1.25 2.19 -14.13
CA SER A 68 0.97 3.45 -13.45
C SER A 68 1.61 4.62 -14.18
N SER A 69 0.91 5.75 -14.20
CA SER A 69 1.41 6.94 -14.88
C SER A 69 1.29 8.17 -13.98
N GLY A 70 2.33 8.99 -13.96
CA GLY A 70 2.33 10.18 -13.14
C GLY A 70 3.63 10.37 -12.37
N GLY A 1 10.19 4.19 -4.56
CA GLY A 1 11.58 3.86 -4.77
C GLY A 1 11.86 3.38 -6.18
N SER A 2 12.75 2.40 -6.30
CA SER A 2 13.11 1.84 -7.60
C SER A 2 11.89 1.78 -8.52
N SER A 3 11.87 2.63 -9.53
CA SER A 3 10.77 2.68 -10.47
C SER A 3 11.26 2.49 -11.91
N GLY A 4 10.35 2.18 -12.81
CA GLY A 4 10.71 1.98 -14.20
C GLY A 4 10.11 0.72 -14.78
N SER A 5 10.37 -0.41 -14.15
CA SER A 5 9.85 -1.70 -14.62
C SER A 5 8.55 -2.06 -13.90
N SER A 6 7.61 -2.63 -14.63
CA SER A 6 6.33 -3.02 -14.06
C SER A 6 6.50 -3.54 -12.64
N GLY A 7 5.94 -2.81 -11.68
CA GLY A 7 6.05 -3.21 -10.29
C GLY A 7 4.71 -3.58 -9.69
N ASN A 8 4.47 -3.15 -8.45
CA ASN A 8 3.22 -3.45 -7.77
C ASN A 8 2.59 -2.17 -7.22
N MET A 9 1.41 -1.82 -7.74
CA MET A 9 0.72 -0.62 -7.31
C MET A 9 -0.52 -0.98 -6.49
N PHE A 10 -0.73 -0.26 -5.39
CA PHE A 10 -1.87 -0.51 -4.52
C PHE A 10 -2.34 0.78 -3.86
N VAL A 11 -3.60 1.14 -4.10
CA VAL A 11 -4.17 2.35 -3.53
C VAL A 11 -4.88 2.06 -2.22
N ALA A 12 -5.14 3.11 -1.45
CA ALA A 12 -5.82 2.97 -0.16
C ALA A 12 -7.30 3.28 -0.29
N LEU A 13 -7.61 4.45 -0.85
CA LEU A 13 -9.00 4.88 -1.03
C LEU A 13 -9.72 4.95 0.31
N HIS A 14 -8.95 5.16 1.38
CA HIS A 14 -9.52 5.26 2.72
C HIS A 14 -8.56 5.97 3.67
N THR A 15 -9.11 6.59 4.71
CA THR A 15 -8.31 7.31 5.69
C THR A 15 -8.12 6.49 6.95
N TYR A 16 -6.94 5.88 7.09
CA TYR A 16 -6.64 5.06 8.26
C TYR A 16 -5.58 5.74 9.13
N SER A 17 -5.97 6.10 10.34
CA SER A 17 -5.06 6.76 11.27
C SER A 17 -4.23 5.73 12.03
N ALA A 18 -2.93 5.67 11.72
CA ALA A 18 -2.03 4.73 12.36
C ALA A 18 -2.16 4.81 13.89
N HIS A 19 -2.38 3.65 14.52
CA HIS A 19 -2.53 3.59 15.97
C HIS A 19 -1.25 3.07 16.62
N ARG A 20 -0.52 2.24 15.88
CA ARG A 20 0.73 1.67 16.38
C ARG A 20 1.93 2.14 15.56
N PRO A 21 3.13 2.01 16.14
CA PRO A 21 4.37 2.42 15.48
C PRO A 21 4.72 1.52 14.30
N GLU A 22 3.85 0.56 14.01
CA GLU A 22 4.07 -0.37 12.90
C GLU A 22 3.02 -0.19 11.82
N GLU A 23 1.86 0.34 12.21
CA GLU A 23 0.77 0.58 11.27
C GLU A 23 1.11 1.70 10.31
N LEU A 24 0.52 1.66 9.12
CA LEU A 24 0.76 2.68 8.10
C LEU A 24 -0.49 3.54 7.89
N ASP A 25 -0.34 4.85 8.00
CA ASP A 25 -1.44 5.78 7.81
C ASP A 25 -1.88 5.81 6.35
N LEU A 26 -3.09 5.32 6.08
CA LEU A 26 -3.62 5.30 4.73
C LEU A 26 -4.43 6.56 4.45
N GLN A 27 -4.25 7.11 3.24
CA GLN A 27 -4.95 8.32 2.84
C GLN A 27 -5.79 8.07 1.59
N LYS A 28 -7.10 8.24 1.70
CA LYS A 28 -8.00 8.04 0.58
C LYS A 28 -7.48 8.73 -0.68
N GLY A 29 -6.79 7.97 -1.52
CA GLY A 29 -6.24 8.53 -2.74
C GLY A 29 -4.73 8.60 -2.72
N GLU A 30 -4.09 7.62 -2.08
CA GLU A 30 -2.64 7.58 -1.99
C GLU A 30 -2.09 6.30 -2.60
N GLY A 31 -0.99 6.43 -3.33
CA GLY A 31 -0.37 5.27 -3.97
C GLY A 31 0.57 4.54 -3.04
N ILE A 32 0.19 3.33 -2.64
CA ILE A 32 1.01 2.53 -1.75
C ILE A 32 1.72 1.41 -2.52
N ARG A 33 2.89 1.03 -2.03
CA ARG A 33 3.67 -0.03 -2.68
C ARG A 33 3.86 -1.22 -1.74
N VAL A 34 3.10 -2.28 -1.99
CA VAL A 34 3.18 -3.48 -1.17
C VAL A 34 4.54 -4.17 -1.31
N LEU A 35 5.27 -4.25 -0.21
CA LEU A 35 6.59 -4.87 -0.21
C LEU A 35 6.52 -6.29 0.32
N GLY A 36 6.23 -6.43 1.61
CA GLY A 36 6.14 -7.75 2.22
C GLY A 36 4.70 -8.16 2.48
N LYS A 37 4.51 -9.39 2.93
CA LYS A 37 3.18 -9.91 3.22
C LYS A 37 3.08 -10.37 4.66
N TYR A 38 2.37 -9.59 5.48
CA TYR A 38 2.21 -9.92 6.89
C TYR A 38 1.47 -11.25 7.06
N GLN A 39 0.22 -11.29 6.62
CA GLN A 39 -0.59 -12.50 6.72
C GLN A 39 -1.93 -12.32 6.01
N ASP A 40 -2.70 -13.39 5.95
CA ASP A 40 -4.01 -13.36 5.30
C ASP A 40 -4.86 -12.22 5.86
N GLY A 41 -4.94 -11.13 5.11
CA GLY A 41 -5.72 -9.98 5.55
C GLY A 41 -4.87 -8.76 5.81
N TRP A 42 -3.60 -8.98 6.15
CA TRP A 42 -2.68 -7.90 6.42
C TRP A 42 -1.45 -7.97 5.52
N LEU A 43 -1.03 -6.83 5.00
CA LEU A 43 0.12 -6.76 4.12
C LEU A 43 1.03 -5.59 4.49
N LYS A 44 2.28 -5.65 4.06
CA LYS A 44 3.25 -4.59 4.33
C LYS A 44 3.57 -3.82 3.07
N GLY A 45 3.45 -2.49 3.14
CA GLY A 45 3.74 -1.66 1.98
C GLY A 45 4.25 -0.28 2.38
N LEU A 46 4.81 0.44 1.42
CA LEU A 46 5.34 1.77 1.67
C LEU A 46 4.54 2.83 0.94
N SER A 47 3.80 3.65 1.69
CA SER A 47 2.98 4.69 1.12
C SER A 47 3.84 5.66 0.29
N LEU A 48 3.62 5.65 -1.02
CA LEU A 48 4.36 6.51 -1.93
C LEU A 48 3.99 7.98 -1.71
N LEU A 49 2.91 8.20 -0.98
CA LEU A 49 2.44 9.55 -0.70
C LEU A 49 3.21 10.17 0.46
N THR A 50 2.99 9.64 1.66
CA THR A 50 3.67 10.13 2.86
C THR A 50 5.10 9.61 2.93
N GLY A 51 5.27 8.33 2.63
CA GLY A 51 6.60 7.73 2.67
C GLY A 51 6.82 6.88 3.90
N ARG A 52 5.73 6.39 4.49
CA ARG A 52 5.81 5.56 5.68
C ARG A 52 5.59 4.09 5.34
N THR A 53 6.16 3.21 6.15
CA THR A 53 6.03 1.77 5.94
C THR A 53 5.39 1.09 7.15
N GLY A 54 4.25 0.45 6.92
CA GLY A 54 3.55 -0.23 7.99
C GLY A 54 2.69 -1.37 7.49
N ILE A 55 1.87 -1.92 8.38
CA ILE A 55 0.99 -3.03 8.03
C ILE A 55 -0.44 -2.55 7.86
N PHE A 56 -1.00 -2.76 6.67
CA PHE A 56 -2.37 -2.35 6.38
C PHE A 56 -3.20 -3.53 5.89
N PRO A 57 -4.53 -3.45 6.07
CA PRO A 57 -5.46 -4.51 5.64
C PRO A 57 -5.57 -4.61 4.13
N SER A 58 -5.46 -5.82 3.61
CA SER A 58 -5.55 -6.06 2.17
C SER A 58 -6.87 -5.54 1.62
N ASP A 59 -7.90 -5.57 2.45
CA ASP A 59 -9.23 -5.11 2.05
C ASP A 59 -9.21 -3.62 1.71
N TYR A 60 -8.24 -2.90 2.28
CA TYR A 60 -8.11 -1.47 2.04
C TYR A 60 -7.29 -1.21 0.79
N VAL A 61 -6.50 -2.19 0.38
CA VAL A 61 -5.67 -2.07 -0.81
C VAL A 61 -6.04 -3.11 -1.86
N ILE A 62 -6.40 -2.65 -3.06
CA ILE A 62 -6.78 -3.53 -4.14
C ILE A 62 -5.69 -3.61 -5.20
N PRO A 63 -5.40 -4.83 -5.67
CA PRO A 63 -4.37 -5.06 -6.69
C PRO A 63 -4.79 -4.53 -8.06
N VAL A 64 -4.24 -3.38 -8.43
CA VAL A 64 -4.55 -2.76 -9.72
C VAL A 64 -3.96 -3.56 -10.87
N SER A 65 -4.30 -3.18 -12.09
CA SER A 65 -3.80 -3.86 -13.28
C SER A 65 -2.61 -3.12 -13.87
N GLY A 66 -1.43 -3.71 -13.70
CA GLY A 66 -0.22 -3.09 -14.21
C GLY A 66 -0.03 -1.67 -13.71
N PRO A 67 0.93 -0.94 -14.31
CA PRO A 67 1.23 0.44 -13.94
C PRO A 67 0.12 1.41 -14.35
N SER A 68 -0.45 2.10 -13.37
CA SER A 68 -1.52 3.05 -13.62
C SER A 68 -1.26 4.37 -12.90
N SER A 69 -2.10 5.36 -13.18
CA SER A 69 -1.96 6.68 -12.57
C SER A 69 -3.24 7.08 -11.84
N GLY A 70 -3.26 6.87 -10.53
CA GLY A 70 -4.44 7.22 -9.74
C GLY A 70 -4.15 8.31 -8.73
N GLY A 1 1.59 -5.92 -21.10
CA GLY A 1 1.95 -4.51 -20.95
C GLY A 1 3.34 -4.33 -20.36
N SER A 2 4.24 -3.77 -21.16
CA SER A 2 5.61 -3.55 -20.71
C SER A 2 5.77 -2.14 -20.14
N SER A 3 5.44 -1.14 -20.94
CA SER A 3 5.55 0.25 -20.51
C SER A 3 4.32 0.68 -19.72
N GLY A 4 4.49 1.67 -18.85
CA GLY A 4 3.39 2.16 -18.04
C GLY A 4 3.54 1.79 -16.59
N SER A 5 3.08 0.60 -16.22
CA SER A 5 3.16 0.13 -14.84
C SER A 5 4.27 -0.90 -14.67
N SER A 6 5.15 -0.66 -13.70
CA SER A 6 6.26 -1.58 -13.45
C SER A 6 6.44 -1.79 -11.95
N GLY A 7 6.08 -2.99 -11.49
CA GLY A 7 6.21 -3.32 -10.07
C GLY A 7 4.88 -3.69 -9.44
N ASN A 8 4.64 -3.21 -8.23
CA ASN A 8 3.40 -3.50 -7.52
C ASN A 8 2.72 -2.22 -7.07
N MET A 9 1.52 -1.96 -7.60
CA MET A 9 0.77 -0.77 -7.25
C MET A 9 -0.46 -1.13 -6.42
N PHE A 10 -0.72 -0.36 -5.37
CA PHE A 10 -1.87 -0.60 -4.51
C PHE A 10 -2.34 0.69 -3.86
N VAL A 11 -3.58 1.07 -4.12
CA VAL A 11 -4.16 2.28 -3.55
C VAL A 11 -4.86 2.00 -2.23
N ALA A 12 -5.13 3.06 -1.47
CA ALA A 12 -5.80 2.92 -0.19
C ALA A 12 -7.30 3.21 -0.31
N LEU A 13 -7.62 4.38 -0.88
CA LEU A 13 -9.01 4.78 -1.06
C LEU A 13 -9.72 4.91 0.29
N HIS A 14 -8.94 5.19 1.34
CA HIS A 14 -9.49 5.35 2.67
C HIS A 14 -8.50 6.05 3.59
N THR A 15 -9.01 6.63 4.67
CA THR A 15 -8.17 7.34 5.63
C THR A 15 -8.00 6.53 6.92
N TYR A 16 -6.85 5.87 7.05
CA TYR A 16 -6.57 5.06 8.22
C TYR A 16 -5.52 5.75 9.11
N SER A 17 -5.95 6.14 10.31
CA SER A 17 -5.05 6.82 11.25
C SER A 17 -4.26 5.79 12.06
N ALA A 18 -3.02 5.55 11.64
CA ALA A 18 -2.16 4.59 12.32
C ALA A 18 -2.33 4.69 13.84
N HIS A 19 -2.52 3.55 14.48
CA HIS A 19 -2.68 3.51 15.93
C HIS A 19 -1.41 3.01 16.62
N ARG A 20 -0.67 2.15 15.92
CA ARG A 20 0.56 1.60 16.46
C ARG A 20 1.77 2.06 15.65
N PRO A 21 2.97 1.94 16.24
CA PRO A 21 4.22 2.34 15.58
C PRO A 21 4.59 1.40 14.44
N GLU A 22 3.72 0.43 14.17
CA GLU A 22 3.96 -0.52 13.09
C GLU A 22 2.95 -0.36 11.97
N GLU A 23 1.78 0.20 12.31
CA GLU A 23 0.72 0.42 11.33
C GLU A 23 1.11 1.53 10.36
N LEU A 24 0.47 1.53 9.19
CA LEU A 24 0.74 2.53 8.17
C LEU A 24 -0.47 3.43 7.95
N ASP A 25 -0.27 4.74 8.10
CA ASP A 25 -1.34 5.71 7.92
C ASP A 25 -1.76 5.80 6.46
N LEU A 26 -2.96 5.32 6.15
CA LEU A 26 -3.47 5.35 4.78
C LEU A 26 -4.15 6.68 4.49
N GLN A 27 -4.12 7.08 3.21
CA GLN A 27 -4.74 8.33 2.80
C GLN A 27 -5.60 8.12 1.56
N LYS A 28 -6.90 8.40 1.70
CA LYS A 28 -7.84 8.24 0.59
C LYS A 28 -7.28 8.87 -0.69
N GLY A 29 -6.88 8.02 -1.63
CA GLY A 29 -6.32 8.51 -2.88
C GLY A 29 -4.81 8.60 -2.86
N GLU A 30 -4.17 7.60 -2.25
CA GLU A 30 -2.71 7.58 -2.16
C GLU A 30 -2.15 6.29 -2.74
N GLY A 31 -1.01 6.40 -3.43
CA GLY A 31 -0.39 5.24 -4.02
C GLY A 31 0.55 4.53 -3.07
N ILE A 32 0.21 3.29 -2.73
CA ILE A 32 1.04 2.50 -1.81
C ILE A 32 1.76 1.40 -2.55
N ARG A 33 2.97 1.07 -2.09
CA ARG A 33 3.77 0.03 -2.71
C ARG A 33 3.96 -1.15 -1.75
N VAL A 34 3.21 -2.22 -1.98
CA VAL A 34 3.30 -3.41 -1.14
C VAL A 34 4.64 -4.10 -1.31
N LEU A 35 5.40 -4.19 -0.23
CA LEU A 35 6.71 -4.82 -0.25
C LEU A 35 6.63 -6.25 0.28
N GLY A 36 6.32 -6.39 1.56
CA GLY A 36 6.21 -7.70 2.17
C GLY A 36 4.77 -8.11 2.42
N LYS A 37 4.58 -9.35 2.85
CA LYS A 37 3.24 -9.86 3.13
C LYS A 37 3.13 -10.34 4.57
N TYR A 38 2.43 -9.57 5.39
CA TYR A 38 2.24 -9.92 6.80
C TYR A 38 1.51 -11.25 6.94
N GLN A 39 0.25 -11.27 6.49
CA GLN A 39 -0.57 -12.47 6.58
C GLN A 39 -1.91 -12.27 5.89
N ASP A 40 -2.73 -13.30 5.90
CA ASP A 40 -4.06 -13.24 5.27
C ASP A 40 -4.87 -12.08 5.85
N GLY A 41 -4.95 -10.99 5.10
CA GLY A 41 -5.70 -9.83 5.55
C GLY A 41 -4.81 -8.64 5.84
N TRP A 42 -3.54 -8.90 6.11
CA TRP A 42 -2.58 -7.84 6.40
C TRP A 42 -1.37 -7.93 5.47
N LEU A 43 -0.93 -6.77 4.98
CA LEU A 43 0.21 -6.71 4.07
C LEU A 43 1.14 -5.56 4.44
N LYS A 44 2.38 -5.64 4.00
CA LYS A 44 3.37 -4.61 4.29
C LYS A 44 3.69 -3.81 3.03
N GLY A 45 3.53 -2.50 3.09
CA GLY A 45 3.81 -1.65 1.95
C GLY A 45 4.27 -0.26 2.36
N LEU A 46 4.85 0.47 1.43
CA LEU A 46 5.35 1.82 1.69
C LEU A 46 4.50 2.86 0.95
N SER A 47 3.81 3.69 1.71
CA SER A 47 2.96 4.73 1.12
C SER A 47 3.80 5.68 0.25
N LEU A 48 3.56 5.62 -1.06
CA LEU A 48 4.28 6.46 -2.00
C LEU A 48 3.90 7.93 -1.82
N LEU A 49 2.84 8.17 -1.05
CA LEU A 49 2.37 9.53 -0.79
C LEU A 49 3.05 10.12 0.43
N THR A 50 2.83 9.50 1.59
CA THR A 50 3.42 9.96 2.83
C THR A 50 4.89 9.53 2.93
N GLY A 51 5.16 8.29 2.55
CA GLY A 51 6.51 7.78 2.61
C GLY A 51 6.78 6.99 3.88
N ARG A 52 5.73 6.37 4.41
CA ARG A 52 5.86 5.58 5.64
C ARG A 52 5.62 4.10 5.35
N THR A 53 6.28 3.24 6.12
CA THR A 53 6.15 1.80 5.95
C THR A 53 5.45 1.17 7.15
N GLY A 54 4.37 0.42 6.88
CA GLY A 54 3.64 -0.22 7.95
C GLY A 54 2.75 -1.35 7.45
N ILE A 55 1.94 -1.90 8.35
CA ILE A 55 1.03 -2.99 7.98
C ILE A 55 -0.40 -2.50 7.85
N PHE A 56 -0.98 -2.69 6.67
CA PHE A 56 -2.35 -2.27 6.41
C PHE A 56 -3.22 -3.44 5.96
N PRO A 57 -4.53 -3.33 6.17
CA PRO A 57 -5.49 -4.37 5.78
C PRO A 57 -5.63 -4.49 4.27
N SER A 58 -5.43 -5.70 3.75
CA SER A 58 -5.54 -5.95 2.33
C SER A 58 -6.88 -5.49 1.79
N ASP A 59 -7.92 -5.60 2.62
CA ASP A 59 -9.26 -5.20 2.24
C ASP A 59 -9.31 -3.72 1.88
N TYR A 60 -8.35 -2.96 2.41
CA TYR A 60 -8.28 -1.53 2.14
C TYR A 60 -7.52 -1.25 0.84
N VAL A 61 -6.62 -2.17 0.47
CA VAL A 61 -5.84 -2.02 -0.75
C VAL A 61 -6.27 -3.04 -1.80
N ILE A 62 -6.53 -2.55 -3.01
CA ILE A 62 -6.95 -3.42 -4.10
C ILE A 62 -5.86 -3.53 -5.17
N PRO A 63 -5.63 -4.77 -5.64
CA PRO A 63 -4.61 -5.04 -6.67
C PRO A 63 -4.99 -4.47 -8.03
N VAL A 64 -4.36 -3.36 -8.41
CA VAL A 64 -4.65 -2.72 -9.69
C VAL A 64 -4.09 -3.55 -10.84
N SER A 65 -4.55 -3.24 -12.05
CA SER A 65 -4.10 -3.96 -13.25
C SER A 65 -4.48 -3.20 -14.51
N GLY A 66 -3.62 -3.28 -15.52
CA GLY A 66 -3.89 -2.59 -16.77
C GLY A 66 -3.19 -1.24 -16.85
N PRO A 67 -2.77 -0.86 -18.07
CA PRO A 67 -2.07 0.41 -18.30
C PRO A 67 -3.00 1.62 -18.14
N SER A 68 -4.31 1.36 -18.16
CA SER A 68 -5.30 2.42 -18.02
C SER A 68 -5.07 3.21 -16.73
N SER A 69 -5.00 2.49 -15.61
CA SER A 69 -4.77 3.13 -14.32
C SER A 69 -3.31 3.51 -14.14
N GLY A 70 -3.07 4.50 -13.29
CA GLY A 70 -1.71 4.95 -13.04
C GLY A 70 -1.60 6.46 -13.03
N GLY A 1 13.44 5.56 -18.19
CA GLY A 1 12.77 4.41 -17.61
C GLY A 1 13.30 4.05 -16.24
N SER A 2 12.47 4.18 -15.21
CA SER A 2 12.87 3.88 -13.85
C SER A 2 13.13 2.38 -13.68
N SER A 3 13.91 2.03 -12.67
CA SER A 3 14.25 0.64 -12.40
C SER A 3 13.28 0.03 -11.39
N GLY A 4 12.28 -0.68 -11.90
CA GLY A 4 11.30 -1.31 -11.03
C GLY A 4 10.48 -2.36 -11.74
N SER A 5 11.12 -3.46 -12.14
CA SER A 5 10.44 -4.53 -12.84
C SER A 5 9.42 -5.21 -11.94
N SER A 6 8.30 -5.62 -12.53
CA SER A 6 7.24 -6.28 -11.78
C SER A 6 6.74 -5.39 -10.64
N GLY A 7 6.65 -4.09 -10.91
CA GLY A 7 6.20 -3.15 -9.91
C GLY A 7 4.85 -3.52 -9.34
N ASN A 8 4.59 -3.10 -8.11
CA ASN A 8 3.32 -3.40 -7.45
C ASN A 8 2.64 -2.12 -6.96
N MET A 9 1.50 -1.81 -7.55
CA MET A 9 0.76 -0.61 -7.18
C MET A 9 -0.50 -0.97 -6.40
N PHE A 10 -0.75 -0.23 -5.32
CA PHE A 10 -1.93 -0.48 -4.49
C PHE A 10 -2.42 0.82 -3.85
N VAL A 11 -3.68 1.16 -4.10
CA VAL A 11 -4.27 2.37 -3.54
C VAL A 11 -4.96 2.08 -2.21
N ALA A 12 -5.23 3.13 -1.45
CA ALA A 12 -5.90 3.00 -0.16
C ALA A 12 -7.38 3.27 -0.28
N LEU A 13 -7.73 4.45 -0.80
CA LEU A 13 -9.12 4.84 -0.96
C LEU A 13 -9.81 5.00 0.39
N HIS A 14 -9.02 5.35 1.40
CA HIS A 14 -9.56 5.55 2.75
C HIS A 14 -8.51 6.19 3.65
N THR A 15 -8.98 6.93 4.66
CA THR A 15 -8.08 7.61 5.59
C THR A 15 -7.92 6.80 6.87
N TYR A 16 -6.82 6.07 6.97
CA TYR A 16 -6.54 5.25 8.13
C TYR A 16 -5.47 5.90 9.01
N SER A 17 -5.86 6.27 10.23
CA SER A 17 -4.95 6.91 11.17
C SER A 17 -4.19 5.86 11.97
N ALA A 18 -2.96 5.58 11.57
CA ALA A 18 -2.13 4.60 12.26
C ALA A 18 -2.32 4.69 13.76
N HIS A 19 -2.52 3.54 14.40
CA HIS A 19 -2.71 3.47 15.84
C HIS A 19 -1.47 2.93 16.54
N ARG A 20 -0.72 2.09 15.82
CA ARG A 20 0.49 1.50 16.38
C ARG A 20 1.72 1.97 15.61
N PRO A 21 2.90 1.81 16.23
CA PRO A 21 4.18 2.21 15.62
C PRO A 21 4.56 1.31 14.45
N GLU A 22 3.69 0.36 14.12
CA GLU A 22 3.95 -0.56 13.02
C GLU A 22 2.95 -0.35 11.89
N GLU A 23 1.78 0.18 12.24
CA GLU A 23 0.72 0.43 11.26
C GLU A 23 1.10 1.59 10.34
N LEU A 24 0.57 1.57 9.13
CA LEU A 24 0.85 2.62 8.15
C LEU A 24 -0.38 3.49 7.92
N ASP A 25 -0.20 4.80 8.05
CA ASP A 25 -1.30 5.75 7.85
C ASP A 25 -1.71 5.79 6.38
N LEU A 26 -2.91 5.30 6.10
CA LEU A 26 -3.43 5.28 4.74
C LEU A 26 -4.26 6.53 4.45
N GLN A 27 -4.22 7.00 3.21
CA GLN A 27 -4.97 8.18 2.81
C GLN A 27 -5.89 7.86 1.64
N LYS A 28 -7.01 8.59 1.57
CA LYS A 28 -7.98 8.40 0.50
C LYS A 28 -7.44 8.90 -0.83
N GLY A 29 -6.98 7.98 -1.67
CA GLY A 29 -6.43 8.34 -2.96
C GLY A 29 -4.92 8.47 -2.94
N GLU A 30 -4.26 7.53 -2.27
CA GLU A 30 -2.80 7.55 -2.18
C GLU A 30 -2.21 6.29 -2.81
N GLY A 31 -0.99 6.43 -3.32
CA GLY A 31 -0.33 5.29 -3.95
C GLY A 31 0.58 4.56 -2.99
N ILE A 32 0.31 3.27 -2.77
CA ILE A 32 1.11 2.46 -1.87
C ILE A 32 1.85 1.36 -2.63
N ARG A 33 3.04 1.01 -2.14
CA ARG A 33 3.85 -0.02 -2.77
C ARG A 33 4.05 -1.21 -1.84
N VAL A 34 3.22 -2.23 -2.02
CA VAL A 34 3.29 -3.44 -1.20
C VAL A 34 4.64 -4.14 -1.37
N LEU A 35 5.37 -4.27 -0.27
CA LEU A 35 6.68 -4.91 -0.30
C LEU A 35 6.59 -6.35 0.23
N GLY A 36 6.31 -6.47 1.52
CA GLY A 36 6.20 -7.79 2.13
C GLY A 36 4.75 -8.18 2.41
N LYS A 37 4.55 -9.42 2.83
CA LYS A 37 3.21 -9.92 3.13
C LYS A 37 3.12 -10.40 4.56
N TYR A 38 2.43 -9.64 5.40
CA TYR A 38 2.27 -9.99 6.80
C TYR A 38 1.51 -11.30 6.96
N GLN A 39 0.25 -11.30 6.54
CA GLN A 39 -0.58 -12.49 6.62
C GLN A 39 -1.94 -12.26 5.96
N ASP A 40 -2.76 -13.30 5.94
CA ASP A 40 -4.09 -13.21 5.34
C ASP A 40 -4.90 -12.07 5.96
N GLY A 41 -4.98 -10.95 5.24
CA GLY A 41 -5.72 -9.80 5.74
C GLY A 41 -4.83 -8.61 6.00
N TRP A 42 -3.54 -8.86 6.19
CA TRP A 42 -2.58 -7.80 6.45
C TRP A 42 -1.37 -7.92 5.52
N LEU A 43 -0.93 -6.78 5.00
CA LEU A 43 0.22 -6.75 4.09
C LEU A 43 1.17 -5.61 4.45
N LYS A 44 2.42 -5.73 4.04
CA LYS A 44 3.42 -4.70 4.31
C LYS A 44 3.73 -3.91 3.05
N GLY A 45 3.57 -2.59 3.13
CA GLY A 45 3.84 -1.73 1.99
C GLY A 45 4.29 -0.34 2.40
N LEU A 46 4.87 0.39 1.45
CA LEU A 46 5.35 1.75 1.72
C LEU A 46 4.49 2.78 0.99
N SER A 47 3.77 3.58 1.76
CA SER A 47 2.90 4.61 1.19
C SER A 47 3.72 5.61 0.38
N LEU A 48 3.55 5.57 -0.94
CA LEU A 48 4.26 6.46 -1.83
C LEU A 48 3.83 7.91 -1.61
N LEU A 49 2.72 8.09 -0.90
CA LEU A 49 2.20 9.43 -0.61
C LEU A 49 2.92 10.04 0.58
N THR A 50 2.66 9.49 1.77
CA THR A 50 3.27 9.98 2.98
C THR A 50 4.75 9.60 3.06
N GLY A 51 5.04 8.35 2.67
CA GLY A 51 6.41 7.89 2.69
C GLY A 51 6.73 7.06 3.92
N ARG A 52 5.70 6.41 4.46
CA ARG A 52 5.86 5.57 5.65
C ARG A 52 5.61 4.10 5.32
N THR A 53 6.31 3.22 6.02
CA THR A 53 6.17 1.78 5.80
C THR A 53 5.55 1.11 7.01
N GLY A 54 4.42 0.44 6.79
CA GLY A 54 3.74 -0.25 7.88
C GLY A 54 2.83 -1.36 7.39
N ILE A 55 2.06 -1.94 8.29
CA ILE A 55 1.14 -3.01 7.95
C ILE A 55 -0.29 -2.50 7.81
N PHE A 56 -0.87 -2.71 6.64
CA PHE A 56 -2.24 -2.27 6.38
C PHE A 56 -3.12 -3.44 5.94
N PRO A 57 -4.44 -3.29 6.13
CA PRO A 57 -5.41 -4.33 5.76
C PRO A 57 -5.55 -4.47 4.25
N SER A 58 -5.40 -5.70 3.77
CA SER A 58 -5.51 -5.97 2.33
C SER A 58 -6.86 -5.50 1.79
N ASP A 59 -7.88 -5.54 2.64
CA ASP A 59 -9.21 -5.11 2.24
C ASP A 59 -9.22 -3.64 1.85
N TYR A 60 -8.24 -2.90 2.34
CA TYR A 60 -8.13 -1.47 2.04
C TYR A 60 -7.32 -1.25 0.76
N VAL A 61 -6.47 -2.21 0.42
CA VAL A 61 -5.64 -2.12 -0.77
C VAL A 61 -6.10 -3.11 -1.83
N ILE A 62 -6.41 -2.60 -3.02
CA ILE A 62 -6.86 -3.44 -4.13
C ILE A 62 -5.76 -3.59 -5.18
N PRO A 63 -5.58 -4.82 -5.67
CA PRO A 63 -4.58 -5.13 -6.69
C PRO A 63 -4.93 -4.54 -8.05
N VAL A 64 -4.25 -3.46 -8.42
CA VAL A 64 -4.50 -2.80 -9.71
C VAL A 64 -3.98 -3.65 -10.86
N SER A 65 -4.44 -3.35 -12.07
CA SER A 65 -4.04 -4.07 -13.26
C SER A 65 -2.59 -3.74 -13.63
N GLY A 66 -1.66 -4.55 -13.15
CA GLY A 66 -0.25 -4.32 -13.44
C GLY A 66 0.36 -5.45 -14.26
N PRO A 67 1.65 -5.30 -14.61
CA PRO A 67 2.38 -6.30 -15.39
C PRO A 67 2.64 -7.57 -14.61
N SER A 68 2.56 -7.48 -13.28
CA SER A 68 2.79 -8.62 -12.42
C SER A 68 1.79 -9.73 -12.71
N SER A 69 0.51 -9.38 -12.70
CA SER A 69 -0.55 -10.34 -12.97
C SER A 69 -1.87 -9.63 -13.30
N GLY A 70 -2.59 -10.17 -14.28
CA GLY A 70 -3.85 -9.58 -14.69
C GLY A 70 -5.00 -9.98 -13.77
N GLY A 1 6.50 7.41 -14.04
CA GLY A 1 7.09 6.71 -12.91
C GLY A 1 8.59 6.89 -12.84
N SER A 2 9.12 7.00 -11.63
CA SER A 2 10.56 7.17 -11.43
C SER A 2 11.32 5.93 -11.86
N SER A 3 10.94 4.78 -11.31
CA SER A 3 11.60 3.53 -11.63
C SER A 3 11.31 3.12 -13.09
N GLY A 4 10.02 3.00 -13.42
CA GLY A 4 9.63 2.63 -14.76
C GLY A 4 9.02 1.25 -14.82
N SER A 5 9.77 0.25 -14.35
CA SER A 5 9.29 -1.13 -14.36
C SER A 5 8.03 -1.28 -13.51
N SER A 6 6.93 -1.63 -14.15
CA SER A 6 5.66 -1.80 -13.46
C SER A 6 5.77 -2.85 -12.36
N GLY A 7 6.01 -2.39 -11.13
CA GLY A 7 6.14 -3.30 -10.01
C GLY A 7 4.80 -3.67 -9.40
N ASN A 8 4.57 -3.22 -8.17
CA ASN A 8 3.32 -3.51 -7.47
C ASN A 8 2.68 -2.23 -6.96
N MET A 9 1.51 -1.91 -7.49
CA MET A 9 0.78 -0.70 -7.09
C MET A 9 -0.49 -1.06 -6.33
N PHE A 10 -0.77 -0.33 -5.26
CA PHE A 10 -1.96 -0.57 -4.44
C PHE A 10 -2.40 0.71 -3.74
N VAL A 11 -3.62 1.13 -4.05
CA VAL A 11 -4.18 2.34 -3.44
C VAL A 11 -4.87 2.03 -2.11
N ALA A 12 -5.19 3.08 -1.37
CA ALA A 12 -5.85 2.92 -0.08
C ALA A 12 -7.33 3.30 -0.17
N LEU A 13 -7.60 4.46 -0.74
CA LEU A 13 -8.97 4.94 -0.89
C LEU A 13 -9.66 5.01 0.47
N HIS A 14 -8.89 5.24 1.52
CA HIS A 14 -9.43 5.33 2.87
C HIS A 14 -8.44 6.03 3.81
N THR A 15 -8.97 6.64 4.87
CA THR A 15 -8.14 7.33 5.83
C THR A 15 -7.99 6.52 7.11
N TYR A 16 -6.85 5.87 7.26
CA TYR A 16 -6.58 5.05 8.44
C TYR A 16 -5.60 5.75 9.38
N SER A 17 -6.05 6.02 10.60
CA SER A 17 -5.22 6.70 11.59
C SER A 17 -4.34 5.68 12.33
N ALA A 18 -3.06 5.62 11.94
CA ALA A 18 -2.12 4.71 12.56
C ALA A 18 -2.15 4.83 14.08
N HIS A 19 -2.33 3.70 14.76
CA HIS A 19 -2.38 3.68 16.21
C HIS A 19 -1.09 3.10 16.79
N ARG A 20 -0.42 2.27 16.01
CA ARG A 20 0.82 1.64 16.45
C ARG A 20 1.99 2.09 15.58
N PRO A 21 3.22 1.90 16.09
CA PRO A 21 4.44 2.27 15.38
C PRO A 21 4.71 1.38 14.17
N GLU A 22 3.83 0.40 13.96
CA GLU A 22 3.97 -0.52 12.84
C GLU A 22 2.88 -0.28 11.80
N GLU A 23 1.76 0.29 12.25
CA GLU A 23 0.65 0.57 11.35
C GLU A 23 1.00 1.66 10.35
N LEU A 24 0.36 1.64 9.19
CA LEU A 24 0.61 2.62 8.15
C LEU A 24 -0.61 3.52 7.94
N ASP A 25 -0.42 4.82 8.11
CA ASP A 25 -1.50 5.77 7.93
C ASP A 25 -1.91 5.88 6.46
N LEU A 26 -3.10 5.36 6.15
CA LEU A 26 -3.61 5.40 4.78
C LEU A 26 -4.31 6.72 4.49
N GLN A 27 -4.25 7.14 3.23
CA GLN A 27 -4.89 8.39 2.81
C GLN A 27 -5.71 8.18 1.54
N LYS A 28 -7.03 8.19 1.69
CA LYS A 28 -7.93 8.02 0.54
C LYS A 28 -7.36 8.69 -0.70
N GLY A 29 -6.84 7.89 -1.61
CA GLY A 29 -6.27 8.42 -2.84
C GLY A 29 -4.77 8.49 -2.80
N GLU A 30 -4.13 7.50 -2.20
CA GLU A 30 -2.69 7.45 -2.09
C GLU A 30 -2.14 6.15 -2.66
N GLY A 31 -1.04 6.26 -3.42
CA GLY A 31 -0.43 5.08 -4.02
C GLY A 31 0.54 4.40 -3.08
N ILE A 32 0.22 3.16 -2.71
CA ILE A 32 1.07 2.39 -1.81
C ILE A 32 1.77 1.25 -2.55
N ARG A 33 3.02 1.00 -2.18
CA ARG A 33 3.80 -0.06 -2.82
C ARG A 33 3.96 -1.25 -1.87
N VAL A 34 3.17 -2.29 -2.11
CA VAL A 34 3.22 -3.50 -1.29
C VAL A 34 4.59 -4.17 -1.39
N LEU A 35 5.29 -4.25 -0.27
CA LEU A 35 6.61 -4.88 -0.23
C LEU A 35 6.53 -6.30 0.31
N GLY A 36 6.24 -6.41 1.60
CA GLY A 36 6.13 -7.72 2.23
C GLY A 36 4.70 -8.12 2.50
N LYS A 37 4.50 -9.36 2.94
CA LYS A 37 3.15 -9.86 3.24
C LYS A 37 3.07 -10.32 4.70
N TYR A 38 2.37 -9.55 5.52
CA TYR A 38 2.22 -9.87 6.93
C TYR A 38 1.47 -11.19 7.09
N GLN A 39 0.22 -11.24 6.62
CA GLN A 39 -0.58 -12.44 6.72
C GLN A 39 -1.92 -12.25 6.01
N ASP A 40 -2.71 -13.32 5.94
CA ASP A 40 -4.00 -13.27 5.28
C ASP A 40 -4.85 -12.13 5.82
N GLY A 41 -4.91 -11.04 5.05
CA GLY A 41 -5.68 -9.89 5.48
C GLY A 41 -4.82 -8.67 5.73
N TRP A 42 -3.57 -8.90 6.11
CA TRP A 42 -2.63 -7.82 6.39
C TRP A 42 -1.43 -7.89 5.46
N LEU A 43 -1.04 -6.74 4.92
CA LEU A 43 0.10 -6.67 4.01
C LEU A 43 1.02 -5.50 4.37
N LYS A 44 2.29 -5.62 4.03
CA LYS A 44 3.26 -4.57 4.31
C LYS A 44 3.63 -3.81 3.04
N GLY A 45 3.47 -2.49 3.08
CA GLY A 45 3.79 -1.67 1.93
C GLY A 45 4.31 -0.30 2.31
N LEU A 46 4.87 0.42 1.34
CA LEU A 46 5.41 1.76 1.59
C LEU A 46 4.58 2.81 0.87
N SER A 47 3.84 3.60 1.64
CA SER A 47 3.00 4.65 1.07
C SER A 47 3.83 5.61 0.22
N LEU A 48 3.54 5.65 -1.07
CA LEU A 48 4.26 6.51 -2.00
C LEU A 48 3.81 7.97 -1.84
N LEU A 49 2.75 8.17 -1.06
CA LEU A 49 2.22 9.51 -0.84
C LEU A 49 2.93 10.18 0.35
N THR A 50 2.92 9.50 1.49
CA THR A 50 3.56 10.02 2.69
C THR A 50 5.00 9.53 2.81
N GLY A 51 5.22 8.27 2.46
CA GLY A 51 6.56 7.71 2.53
C GLY A 51 6.78 6.90 3.79
N ARG A 52 5.69 6.37 4.35
CA ARG A 52 5.77 5.57 5.57
C ARG A 52 5.54 4.10 5.26
N THR A 53 6.17 3.22 6.06
CA THR A 53 6.04 1.79 5.88
C THR A 53 5.37 1.13 7.07
N GLY A 54 4.24 0.46 6.83
CA GLY A 54 3.53 -0.20 7.91
C GLY A 54 2.67 -1.34 7.41
N ILE A 55 1.80 -1.84 8.28
CA ILE A 55 0.91 -2.95 7.92
C ILE A 55 -0.52 -2.46 7.77
N PHE A 56 -1.09 -2.67 6.58
CA PHE A 56 -2.46 -2.27 6.30
C PHE A 56 -3.29 -3.45 5.82
N PRO A 57 -4.62 -3.36 6.03
CA PRO A 57 -5.55 -4.41 5.63
C PRO A 57 -5.69 -4.51 4.11
N SER A 58 -5.45 -5.70 3.57
CA SER A 58 -5.54 -5.92 2.13
C SER A 58 -6.90 -5.46 1.61
N ASP A 59 -7.91 -5.52 2.46
CA ASP A 59 -9.26 -5.11 2.08
C ASP A 59 -9.29 -3.63 1.71
N TYR A 60 -8.45 -2.84 2.37
CA TYR A 60 -8.39 -1.41 2.11
C TYR A 60 -7.64 -1.13 0.81
N VAL A 61 -6.83 -2.09 0.38
CA VAL A 61 -6.07 -1.95 -0.85
C VAL A 61 -6.53 -2.95 -1.91
N ILE A 62 -6.04 -2.78 -3.13
CA ILE A 62 -6.40 -3.66 -4.23
C ILE A 62 -5.32 -3.67 -5.31
N PRO A 63 -4.99 -4.87 -5.81
CA PRO A 63 -3.98 -5.04 -6.86
C PRO A 63 -4.44 -4.50 -8.20
N VAL A 64 -3.95 -3.32 -8.57
CA VAL A 64 -4.30 -2.69 -9.83
C VAL A 64 -3.65 -3.42 -11.01
N SER A 65 -4.12 -3.12 -12.21
CA SER A 65 -3.58 -3.73 -13.41
C SER A 65 -3.34 -2.69 -14.50
N GLY A 66 -2.12 -2.67 -15.05
CA GLY A 66 -1.80 -1.72 -16.09
C GLY A 66 -0.98 -0.55 -15.57
N PRO A 67 -0.07 -0.04 -16.41
CA PRO A 67 0.80 1.09 -16.05
C PRO A 67 0.02 2.39 -15.93
N SER A 68 0.43 3.25 -15.00
CA SER A 68 -0.22 4.53 -14.80
C SER A 68 -0.08 5.43 -16.02
N SER A 69 -1.20 6.01 -16.46
CA SER A 69 -1.19 6.88 -17.63
C SER A 69 -0.44 8.17 -17.33
N GLY A 70 0.65 8.40 -18.08
CA GLY A 70 1.44 9.59 -17.89
C GLY A 70 2.93 9.30 -17.86
N GLY A 1 6.52 1.34 -18.54
CA GLY A 1 6.32 0.97 -17.15
C GLY A 1 7.15 1.80 -16.20
N SER A 2 7.98 1.12 -15.41
CA SER A 2 8.84 1.81 -14.44
C SER A 2 10.05 0.96 -14.10
N SER A 3 11.10 1.60 -13.58
CA SER A 3 12.32 0.91 -13.21
C SER A 3 12.02 -0.31 -12.34
N GLY A 4 13.01 -1.19 -12.18
CA GLY A 4 12.83 -2.37 -11.37
C GLY A 4 12.34 -3.55 -12.19
N SER A 5 12.34 -4.73 -11.58
CA SER A 5 11.89 -5.95 -12.27
C SER A 5 10.40 -5.91 -12.52
N SER A 6 9.64 -5.46 -11.52
CA SER A 6 8.19 -5.38 -11.64
C SER A 6 7.63 -4.33 -10.68
N GLY A 7 6.70 -3.52 -11.19
CA GLY A 7 6.09 -2.48 -10.37
C GLY A 7 4.78 -2.91 -9.76
N ASN A 8 4.57 -2.53 -8.50
CA ASN A 8 3.33 -2.88 -7.80
C ASN A 8 2.68 -1.65 -7.20
N MET A 9 1.44 -1.40 -7.62
CA MET A 9 0.69 -0.24 -7.13
C MET A 9 -0.58 -0.68 -6.40
N PHE A 10 -0.86 -0.02 -5.28
CA PHE A 10 -2.04 -0.35 -4.49
C PHE A 10 -2.56 0.88 -3.75
N VAL A 11 -3.80 1.26 -4.04
CA VAL A 11 -4.41 2.43 -3.40
C VAL A 11 -5.13 2.03 -2.11
N ALA A 12 -5.44 3.02 -1.29
CA ALA A 12 -6.13 2.78 -0.03
C ALA A 12 -7.62 3.10 -0.14
N LEU A 13 -7.93 4.21 -0.79
CA LEU A 13 -9.33 4.63 -0.97
C LEU A 13 -10.00 4.86 0.38
N HIS A 14 -9.19 5.20 1.38
CA HIS A 14 -9.72 5.46 2.73
C HIS A 14 -8.69 6.20 3.57
N THR A 15 -9.13 6.73 4.70
CA THR A 15 -8.26 7.47 5.60
C THR A 15 -8.04 6.71 6.91
N TYR A 16 -6.88 6.05 7.02
CA TYR A 16 -6.56 5.28 8.21
C TYR A 16 -5.50 5.99 9.04
N SER A 17 -5.85 6.34 10.27
CA SER A 17 -4.93 7.03 11.17
C SER A 17 -4.12 6.03 11.99
N ALA A 18 -2.89 5.79 11.57
CA ALA A 18 -2.01 4.86 12.27
C ALA A 18 -2.06 5.07 13.78
N HIS A 19 -2.16 3.97 14.52
CA HIS A 19 -2.22 4.03 15.97
C HIS A 19 -1.00 3.37 16.60
N ARG A 20 -0.36 2.50 15.84
CA ARG A 20 0.83 1.79 16.33
C ARG A 20 2.04 2.12 15.46
N PRO A 21 3.24 1.87 16.01
CA PRO A 21 4.51 2.12 15.31
C PRO A 21 4.73 1.16 14.15
N GLU A 22 3.77 0.27 13.94
CA GLU A 22 3.87 -0.72 12.86
C GLU A 22 2.80 -0.47 11.81
N GLU A 23 1.70 0.17 12.21
CA GLU A 23 0.60 0.46 11.31
C GLU A 23 1.00 1.58 10.33
N LEU A 24 0.44 1.51 9.12
CA LEU A 24 0.74 2.51 8.10
C LEU A 24 -0.49 3.37 7.82
N ASP A 25 -0.31 4.69 7.89
CA ASP A 25 -1.40 5.62 7.64
C ASP A 25 -1.81 5.60 6.17
N LEU A 26 -3.12 5.64 5.92
CA LEU A 26 -3.63 5.63 4.55
C LEU A 26 -4.45 6.89 4.27
N GLN A 27 -4.43 7.33 3.02
CA GLN A 27 -5.17 8.52 2.62
C GLN A 27 -6.00 8.24 1.37
N LYS A 28 -7.33 8.29 1.53
CA LYS A 28 -8.24 8.05 0.41
C LYS A 28 -7.68 8.64 -0.88
N GLY A 29 -7.09 7.77 -1.71
CA GLY A 29 -6.53 8.23 -2.97
C GLY A 29 -5.02 8.34 -2.92
N GLU A 30 -4.38 7.46 -2.16
CA GLU A 30 -2.94 7.46 -2.04
C GLU A 30 -2.32 6.19 -2.62
N GLY A 31 -1.19 6.33 -3.30
CA GLY A 31 -0.53 5.20 -3.90
C GLY A 31 0.40 4.49 -2.94
N ILE A 32 0.15 3.21 -2.71
CA ILE A 32 0.98 2.42 -1.79
C ILE A 32 1.72 1.32 -2.54
N ARG A 33 2.94 1.03 -2.08
CA ARG A 33 3.76 -0.01 -2.71
C ARG A 33 3.92 -1.21 -1.78
N VAL A 34 3.17 -2.27 -2.06
CA VAL A 34 3.23 -3.49 -1.25
C VAL A 34 4.60 -4.15 -1.37
N LEU A 35 5.27 -4.30 -0.24
CA LEU A 35 6.60 -4.92 -0.21
C LEU A 35 6.50 -6.35 0.32
N GLY A 36 6.23 -6.48 1.61
CA GLY A 36 6.11 -7.79 2.22
C GLY A 36 4.68 -8.19 2.49
N LYS A 37 4.48 -9.43 2.91
CA LYS A 37 3.14 -9.94 3.21
C LYS A 37 3.04 -10.41 4.66
N TYR A 38 2.35 -9.64 5.49
CA TYR A 38 2.17 -9.97 6.89
C TYR A 38 1.44 -11.31 7.05
N GLN A 39 0.18 -11.33 6.62
CA GLN A 39 -0.63 -12.54 6.72
C GLN A 39 -1.98 -12.32 6.06
N ASP A 40 -2.81 -13.36 6.08
CA ASP A 40 -4.14 -13.30 5.48
C ASP A 40 -4.96 -12.16 6.09
N GLY A 41 -5.06 -11.06 5.37
CA GLY A 41 -5.82 -9.92 5.86
C GLY A 41 -4.93 -8.73 6.16
N TRP A 42 -3.62 -8.95 6.23
CA TRP A 42 -2.67 -7.89 6.51
C TRP A 42 -1.46 -7.99 5.59
N LEU A 43 -1.06 -6.85 5.02
CA LEU A 43 0.08 -6.81 4.12
C LEU A 43 1.01 -5.65 4.48
N LYS A 44 2.26 -5.76 4.05
CA LYS A 44 3.25 -4.71 4.32
C LYS A 44 3.57 -3.93 3.05
N GLY A 45 3.50 -2.61 3.16
CA GLY A 45 3.78 -1.76 2.00
C GLY A 45 4.29 -0.39 2.41
N LEU A 46 4.85 0.33 1.45
CA LEU A 46 5.38 1.67 1.71
C LEU A 46 4.53 2.73 1.02
N SER A 47 3.76 3.47 1.80
CA SER A 47 2.90 4.52 1.27
C SER A 47 3.70 5.52 0.45
N LEU A 48 3.64 5.40 -0.87
CA LEU A 48 4.36 6.29 -1.76
C LEU A 48 3.96 7.74 -1.52
N LEU A 49 2.86 7.94 -0.80
CA LEU A 49 2.36 9.28 -0.51
C LEU A 49 3.12 9.89 0.68
N THR A 50 2.85 9.37 1.87
CA THR A 50 3.51 9.87 3.08
C THR A 50 4.98 9.45 3.11
N GLY A 51 5.25 8.24 2.65
CA GLY A 51 6.62 7.74 2.64
C GLY A 51 6.94 6.90 3.86
N ARG A 52 5.91 6.32 4.46
CA ARG A 52 6.09 5.49 5.65
C ARG A 52 5.84 4.02 5.32
N THR A 53 6.40 3.13 6.15
CA THR A 53 6.24 1.71 5.95
C THR A 53 5.56 1.05 7.14
N GLY A 54 4.44 0.37 6.89
CA GLY A 54 3.72 -0.29 7.96
C GLY A 54 2.85 -1.43 7.44
N ILE A 55 1.97 -1.92 8.30
CA ILE A 55 1.08 -3.02 7.93
C ILE A 55 -0.37 -2.53 7.80
N PHE A 56 -0.94 -2.75 6.62
CA PHE A 56 -2.32 -2.34 6.35
C PHE A 56 -3.17 -3.52 5.92
N PRO A 57 -4.49 -3.41 6.12
CA PRO A 57 -5.44 -4.47 5.75
C PRO A 57 -5.59 -4.61 4.24
N SER A 58 -5.47 -5.84 3.76
CA SER A 58 -5.58 -6.11 2.33
C SER A 58 -6.90 -5.59 1.78
N ASP A 59 -7.93 -5.60 2.63
CA ASP A 59 -9.25 -5.11 2.23
C ASP A 59 -9.20 -3.64 1.86
N TYR A 60 -8.19 -2.94 2.36
CA TYR A 60 -8.04 -1.52 2.08
C TYR A 60 -7.21 -1.30 0.82
N VAL A 61 -6.41 -2.30 0.46
CA VAL A 61 -5.57 -2.21 -0.73
C VAL A 61 -6.07 -3.15 -1.82
N ILE A 62 -5.69 -2.87 -3.07
CA ILE A 62 -6.10 -3.69 -4.20
C ILE A 62 -5.09 -3.60 -5.33
N PRO A 63 -4.77 -4.76 -5.92
CA PRO A 63 -3.81 -4.84 -7.03
C PRO A 63 -4.35 -4.22 -8.31
N VAL A 64 -3.88 -3.02 -8.62
CA VAL A 64 -4.32 -2.31 -9.83
C VAL A 64 -3.66 -2.90 -11.07
N SER A 65 -4.40 -2.91 -12.18
CA SER A 65 -3.89 -3.45 -13.43
C SER A 65 -2.54 -2.82 -13.77
N GLY A 66 -1.54 -3.67 -13.99
CA GLY A 66 -0.21 -3.19 -14.33
C GLY A 66 0.17 -3.51 -15.75
N PRO A 67 1.50 -3.51 -16.02
CA PRO A 67 2.03 -3.81 -17.35
C PRO A 67 1.86 -5.28 -17.73
N SER A 68 1.59 -6.11 -16.74
CA SER A 68 1.40 -7.54 -16.96
C SER A 68 -0.04 -7.85 -17.33
N SER A 69 -0.22 -8.51 -18.48
CA SER A 69 -1.56 -8.86 -18.94
C SER A 69 -1.96 -10.25 -18.46
N GLY A 70 -1.03 -11.19 -18.55
CA GLY A 70 -1.30 -12.55 -18.12
C GLY A 70 -0.07 -13.42 -18.14
N GLY A 1 4.65 6.79 -8.15
CA GLY A 1 5.54 7.15 -9.24
C GLY A 1 4.79 7.43 -10.53
N SER A 2 5.42 8.18 -11.42
CA SER A 2 4.81 8.54 -12.69
C SER A 2 5.57 7.92 -13.86
N SER A 3 6.87 8.23 -13.94
CA SER A 3 7.72 7.72 -15.01
C SER A 3 7.92 6.22 -14.86
N GLY A 4 7.74 5.50 -15.96
CA GLY A 4 7.90 4.05 -15.94
C GLY A 4 7.05 3.39 -14.88
N SER A 5 5.99 2.71 -15.31
CA SER A 5 5.08 2.04 -14.39
C SER A 5 5.46 0.56 -14.24
N SER A 6 6.48 0.30 -13.44
CA SER A 6 6.95 -1.07 -13.21
C SER A 6 7.05 -1.36 -11.72
N GLY A 7 6.27 -2.33 -11.26
CA GLY A 7 6.29 -2.70 -9.85
C GLY A 7 4.92 -3.12 -9.36
N ASN A 8 4.61 -2.75 -8.12
CA ASN A 8 3.33 -3.09 -7.51
C ASN A 8 2.63 -1.84 -6.98
N MET A 9 1.47 -1.53 -7.55
CA MET A 9 0.70 -0.37 -7.13
C MET A 9 -0.58 -0.79 -6.43
N PHE A 10 -0.93 -0.11 -5.35
CA PHE A 10 -2.14 -0.41 -4.59
C PHE A 10 -2.65 0.83 -3.87
N VAL A 11 -3.89 1.20 -4.16
CA VAL A 11 -4.51 2.38 -3.54
C VAL A 11 -5.20 2.00 -2.23
N ALA A 12 -5.41 2.99 -1.38
CA ALA A 12 -6.06 2.78 -0.09
C ALA A 12 -7.55 3.06 -0.18
N LEU A 13 -7.91 4.18 -0.78
CA LEU A 13 -9.30 4.58 -0.93
C LEU A 13 -9.94 4.81 0.43
N HIS A 14 -9.12 5.18 1.41
CA HIS A 14 -9.62 5.45 2.76
C HIS A 14 -8.55 6.14 3.60
N THR A 15 -8.99 6.77 4.69
CA THR A 15 -8.07 7.48 5.58
C THR A 15 -7.91 6.74 6.89
N TYR A 16 -6.82 6.00 7.03
CA TYR A 16 -6.54 5.24 8.25
C TYR A 16 -5.43 5.91 9.06
N SER A 17 -5.78 6.33 10.27
CA SER A 17 -4.82 6.99 11.15
C SER A 17 -4.03 5.96 11.96
N ALA A 18 -2.76 5.80 11.63
CA ALA A 18 -1.90 4.85 12.32
C ALA A 18 -1.98 5.04 13.83
N HIS A 19 -2.14 3.95 14.56
CA HIS A 19 -2.22 4.00 16.01
C HIS A 19 -1.01 3.33 16.65
N ARG A 20 -0.37 2.43 15.91
CA ARG A 20 0.80 1.73 16.41
C ARG A 20 2.03 2.04 15.55
N PRO A 21 3.22 1.81 16.12
CA PRO A 21 4.48 2.07 15.43
C PRO A 21 4.73 1.09 14.29
N GLU A 22 3.77 0.21 14.05
CA GLU A 22 3.88 -0.78 12.99
C GLU A 22 2.79 -0.57 11.92
N GLU A 23 1.72 0.11 12.32
CA GLU A 23 0.62 0.38 11.41
C GLU A 23 0.99 1.45 10.40
N LEU A 24 0.30 1.45 9.25
CA LEU A 24 0.57 2.43 8.20
C LEU A 24 -0.61 3.38 8.03
N ASP A 25 -0.31 4.67 7.94
CA ASP A 25 -1.34 5.69 7.76
C ASP A 25 -1.80 5.75 6.32
N LEU A 26 -3.05 5.37 6.07
CA LEU A 26 -3.61 5.38 4.72
C LEU A 26 -4.32 6.70 4.45
N GLN A 27 -4.31 7.12 3.18
CA GLN A 27 -4.96 8.37 2.79
C GLN A 27 -5.81 8.18 1.53
N LYS A 28 -7.12 8.29 1.68
CA LYS A 28 -8.04 8.13 0.57
C LYS A 28 -7.45 8.72 -0.71
N GLY A 29 -6.89 7.85 -1.56
CA GLY A 29 -6.31 8.31 -2.80
C GLY A 29 -4.79 8.37 -2.74
N GLU A 30 -4.19 7.41 -2.06
CA GLU A 30 -2.74 7.36 -1.93
C GLU A 30 -2.18 6.06 -2.49
N GLY A 31 -1.15 6.17 -3.32
CA GLY A 31 -0.54 5.00 -3.92
C GLY A 31 0.47 4.34 -3.00
N ILE A 32 0.16 3.12 -2.57
CA ILE A 32 1.06 2.38 -1.67
C ILE A 32 1.79 1.27 -2.42
N ARG A 33 3.02 1.00 -2.01
CA ARG A 33 3.83 -0.03 -2.65
C ARG A 33 4.00 -1.23 -1.71
N VAL A 34 3.22 -2.28 -1.95
CA VAL A 34 3.28 -3.48 -1.13
C VAL A 34 4.63 -4.17 -1.27
N LEU A 35 5.35 -4.28 -0.16
CA LEU A 35 6.67 -4.92 -0.16
C LEU A 35 6.58 -6.35 0.35
N GLY A 36 6.32 -6.50 1.64
CA GLY A 36 6.20 -7.82 2.23
C GLY A 36 4.77 -8.20 2.52
N LYS A 37 4.57 -9.42 3.01
CA LYS A 37 3.23 -9.91 3.34
C LYS A 37 3.14 -10.32 4.81
N TYR A 38 2.44 -9.49 5.59
CA TYR A 38 2.28 -9.77 7.02
C TYR A 38 1.59 -11.11 7.24
N GLN A 39 0.30 -11.17 6.88
CA GLN A 39 -0.47 -12.40 7.04
C GLN A 39 -1.78 -12.31 6.27
N ASP A 40 -2.62 -13.35 6.40
CA ASP A 40 -3.90 -13.38 5.71
C ASP A 40 -4.78 -12.21 6.15
N GLY A 41 -4.86 -11.20 5.29
CA GLY A 41 -5.67 -10.03 5.60
C GLY A 41 -4.83 -8.79 5.83
N TRP A 42 -3.56 -8.99 6.18
CA TRP A 42 -2.66 -7.87 6.44
C TRP A 42 -1.43 -7.97 5.55
N LEU A 43 -1.04 -6.83 4.97
CA LEU A 43 0.13 -6.77 4.10
C LEU A 43 1.03 -5.60 4.47
N LYS A 44 2.30 -5.68 4.07
CA LYS A 44 3.27 -4.63 4.36
C LYS A 44 3.62 -3.86 3.08
N GLY A 45 3.47 -2.54 3.14
CA GLY A 45 3.78 -1.71 1.99
C GLY A 45 4.23 -0.32 2.37
N LEU A 46 4.87 0.37 1.44
CA LEU A 46 5.35 1.72 1.70
C LEU A 46 4.53 2.75 0.92
N SER A 47 3.87 3.64 1.65
CA SER A 47 3.04 4.67 1.03
C SER A 47 3.89 5.59 0.15
N LEU A 48 3.61 5.60 -1.14
CA LEU A 48 4.34 6.43 -2.09
C LEU A 48 3.92 7.89 -1.98
N LEU A 49 2.87 8.13 -1.19
CA LEU A 49 2.37 9.49 -0.99
C LEU A 49 2.96 10.11 0.27
N THR A 50 2.86 9.37 1.38
CA THR A 50 3.39 9.85 2.66
C THR A 50 4.84 9.42 2.85
N GLY A 51 5.14 8.18 2.50
CA GLY A 51 6.50 7.68 2.64
C GLY A 51 6.71 6.91 3.93
N ARG A 52 5.65 6.27 4.41
CA ARG A 52 5.71 5.49 5.64
C ARG A 52 5.48 4.01 5.37
N THR A 53 6.12 3.15 6.15
CA THR A 53 5.99 1.72 6.00
C THR A 53 5.26 1.10 7.19
N GLY A 54 4.16 0.40 6.91
CA GLY A 54 3.39 -0.23 7.97
C GLY A 54 2.52 -1.35 7.46
N ILE A 55 1.77 -1.98 8.37
CA ILE A 55 0.88 -3.07 8.00
C ILE A 55 -0.55 -2.58 7.81
N PHE A 56 -1.09 -2.82 6.62
CA PHE A 56 -2.46 -2.40 6.31
C PHE A 56 -3.29 -3.59 5.84
N PRO A 57 -4.62 -3.49 6.04
CA PRO A 57 -5.56 -4.54 5.64
C PRO A 57 -5.69 -4.67 4.13
N SER A 58 -5.54 -5.89 3.62
CA SER A 58 -5.65 -6.14 2.19
C SER A 58 -6.95 -5.60 1.63
N ASP A 59 -7.99 -5.60 2.46
CA ASP A 59 -9.30 -5.11 2.05
C ASP A 59 -9.23 -3.63 1.69
N TYR A 60 -8.22 -2.94 2.22
CA TYR A 60 -8.05 -1.51 1.97
C TYR A 60 -7.19 -1.29 0.73
N VAL A 61 -6.40 -2.30 0.37
CA VAL A 61 -5.53 -2.22 -0.80
C VAL A 61 -6.01 -3.13 -1.92
N ILE A 62 -5.94 -2.64 -3.15
CA ILE A 62 -6.37 -3.41 -4.31
C ILE A 62 -5.35 -3.33 -5.44
N PRO A 63 -5.06 -4.48 -6.06
CA PRO A 63 -4.10 -4.56 -7.16
C PRO A 63 -4.62 -3.89 -8.43
N VAL A 64 -4.06 -2.73 -8.76
CA VAL A 64 -4.46 -1.99 -9.94
C VAL A 64 -3.89 -2.63 -11.21
N SER A 65 -4.30 -2.10 -12.36
CA SER A 65 -3.84 -2.62 -13.64
C SER A 65 -2.33 -2.89 -13.61
N GLY A 66 -1.91 -3.99 -14.23
CA GLY A 66 -0.50 -4.33 -14.26
C GLY A 66 -0.29 -5.83 -14.37
N PRO A 67 0.99 -6.26 -14.28
CA PRO A 67 1.36 -7.67 -14.38
C PRO A 67 0.89 -8.47 -13.17
N SER A 68 -0.37 -8.89 -13.18
CA SER A 68 -0.93 -9.66 -12.07
C SER A 68 -0.22 -11.00 -11.94
N SER A 69 0.94 -10.99 -11.30
CA SER A 69 1.72 -12.20 -11.11
C SER A 69 2.70 -12.03 -9.94
N GLY A 70 2.82 -13.08 -9.13
CA GLY A 70 3.72 -13.03 -7.99
C GLY A 70 3.69 -14.31 -7.18
N GLY A 1 8.69 -0.54 -19.56
CA GLY A 1 7.34 -0.20 -19.15
C GLY A 1 7.21 1.26 -18.73
N SER A 2 6.55 2.05 -19.56
CA SER A 2 6.36 3.47 -19.28
C SER A 2 5.04 3.71 -18.54
N SER A 3 3.95 3.22 -19.11
CA SER A 3 2.64 3.38 -18.50
C SER A 3 2.08 2.03 -18.07
N GLY A 4 1.68 1.95 -16.80
CA GLY A 4 1.12 0.71 -16.27
C GLY A 4 1.76 0.30 -14.96
N SER A 5 1.49 -0.92 -14.51
CA SER A 5 2.04 -1.43 -13.27
C SER A 5 3.37 -2.12 -13.50
N SER A 6 4.46 -1.39 -13.27
CA SER A 6 5.80 -1.94 -13.46
C SER A 6 6.17 -2.86 -12.32
N GLY A 7 5.92 -2.42 -11.09
CA GLY A 7 6.23 -3.22 -9.93
C GLY A 7 5.00 -3.61 -9.14
N ASN A 8 4.80 -2.95 -8.00
CA ASN A 8 3.64 -3.23 -7.15
C ASN A 8 2.90 -1.95 -6.82
N MET A 9 1.65 -1.86 -7.27
CA MET A 9 0.81 -0.69 -7.03
C MET A 9 -0.43 -1.06 -6.24
N PHE A 10 -0.79 -0.23 -5.28
CA PHE A 10 -1.97 -0.48 -4.45
C PHE A 10 -2.46 0.82 -3.80
N VAL A 11 -3.73 1.15 -4.06
CA VAL A 11 -4.32 2.35 -3.49
C VAL A 11 -4.96 2.09 -2.14
N ALA A 12 -5.33 3.15 -1.44
CA ALA A 12 -5.96 3.02 -0.12
C ALA A 12 -7.45 3.36 -0.19
N LEU A 13 -7.77 4.47 -0.84
CA LEU A 13 -9.16 4.90 -0.98
C LEU A 13 -9.84 4.99 0.39
N HIS A 14 -9.04 5.26 1.42
CA HIS A 14 -9.56 5.39 2.77
C HIS A 14 -8.55 6.09 3.68
N THR A 15 -9.05 6.70 4.75
CA THR A 15 -8.20 7.41 5.70
C THR A 15 -8.02 6.61 6.99
N TYR A 16 -6.90 5.93 7.11
CA TYR A 16 -6.61 5.12 8.30
C TYR A 16 -5.55 5.80 9.16
N SER A 17 -5.96 6.20 10.36
CA SER A 17 -5.05 6.87 11.29
C SER A 17 -4.25 5.84 12.09
N ALA A 18 -3.03 5.58 11.66
CA ALA A 18 -2.17 4.62 12.33
C ALA A 18 -2.30 4.73 13.85
N HIS A 19 -2.50 3.59 14.51
CA HIS A 19 -2.65 3.56 15.96
C HIS A 19 -1.37 3.06 16.63
N ARG A 20 -0.64 2.19 15.93
CA ARG A 20 0.60 1.65 16.45
C ARG A 20 1.80 2.11 15.62
N PRO A 21 3.00 1.99 16.20
CA PRO A 21 4.24 2.39 15.54
C PRO A 21 4.61 1.47 14.38
N GLU A 22 3.73 0.50 14.11
CA GLU A 22 3.96 -0.45 13.03
C GLU A 22 2.92 -0.28 11.92
N GLU A 23 1.76 0.26 12.29
CA GLU A 23 0.68 0.48 11.33
C GLU A 23 1.03 1.61 10.37
N LEU A 24 0.47 1.56 9.17
CA LEU A 24 0.71 2.58 8.16
C LEU A 24 -0.52 3.46 7.97
N ASP A 25 -0.35 4.77 8.13
CA ASP A 25 -1.45 5.71 7.97
C ASP A 25 -1.84 5.85 6.50
N LEU A 26 -3.04 5.40 6.17
CA LEU A 26 -3.52 5.47 4.79
C LEU A 26 -4.27 6.78 4.54
N GLN A 27 -4.34 7.18 3.29
CA GLN A 27 -5.03 8.42 2.92
C GLN A 27 -5.84 8.24 1.65
N LYS A 28 -7.16 8.32 1.76
CA LYS A 28 -8.05 8.16 0.62
C LYS A 28 -7.46 8.83 -0.62
N GLY A 29 -6.98 8.01 -1.55
CA GLY A 29 -6.40 8.53 -2.77
C GLY A 29 -4.89 8.62 -2.70
N GLU A 30 -4.27 7.61 -2.10
CA GLU A 30 -2.81 7.58 -1.97
C GLU A 30 -2.25 6.26 -2.51
N GLY A 31 -1.14 6.35 -3.24
CA GLY A 31 -0.52 5.17 -3.81
C GLY A 31 0.39 4.47 -2.81
N ILE A 32 0.31 3.14 -2.77
CA ILE A 32 1.14 2.36 -1.86
C ILE A 32 1.87 1.25 -2.61
N ARG A 33 3.11 0.98 -2.19
CA ARG A 33 3.91 -0.06 -2.82
C ARG A 33 4.09 -1.25 -1.88
N VAL A 34 3.26 -2.27 -2.09
CA VAL A 34 3.32 -3.48 -1.26
C VAL A 34 4.69 -4.15 -1.36
N LEU A 35 5.37 -4.26 -0.23
CA LEU A 35 6.69 -4.88 -0.19
C LEU A 35 6.61 -6.31 0.35
N GLY A 36 6.32 -6.43 1.64
CA GLY A 36 6.22 -7.74 2.24
C GLY A 36 4.78 -8.15 2.51
N LYS A 37 4.58 -9.39 2.93
CA LYS A 37 3.24 -9.90 3.21
C LYS A 37 3.15 -10.39 4.66
N TYR A 38 2.45 -9.63 5.49
CA TYR A 38 2.28 -9.98 6.89
C TYR A 38 1.55 -11.31 7.03
N GLN A 39 0.30 -11.35 6.57
CA GLN A 39 -0.51 -12.56 6.64
C GLN A 39 -1.84 -12.36 5.93
N ASP A 40 -2.64 -13.42 5.89
CA ASP A 40 -3.95 -13.37 5.24
C ASP A 40 -4.79 -12.24 5.80
N GLY A 41 -4.88 -11.13 5.07
CA GLY A 41 -5.66 -10.00 5.52
C GLY A 41 -4.79 -8.78 5.82
N TRP A 42 -3.52 -9.03 6.10
CA TRP A 42 -2.59 -7.94 6.41
C TRP A 42 -1.36 -8.01 5.51
N LEU A 43 -1.00 -6.87 4.94
CA LEU A 43 0.16 -6.79 4.05
C LEU A 43 1.05 -5.60 4.43
N LYS A 44 2.32 -5.69 4.03
CA LYS A 44 3.27 -4.62 4.32
C LYS A 44 3.63 -3.85 3.04
N GLY A 45 3.47 -2.53 3.09
CA GLY A 45 3.78 -1.70 1.94
C GLY A 45 4.28 -0.32 2.33
N LEU A 46 4.88 0.38 1.38
CA LEU A 46 5.41 1.72 1.63
C LEU A 46 4.60 2.77 0.88
N SER A 47 3.93 3.64 1.63
CA SER A 47 3.12 4.70 1.03
C SER A 47 3.98 5.60 0.15
N LEU A 48 3.68 5.60 -1.15
CA LEU A 48 4.42 6.44 -2.10
C LEU A 48 4.03 7.90 -1.97
N LEU A 49 2.98 8.16 -1.20
CA LEU A 49 2.49 9.52 -0.99
C LEU A 49 3.27 10.21 0.13
N THR A 50 3.21 9.63 1.32
CA THR A 50 3.91 10.18 2.48
C THR A 50 5.32 9.62 2.59
N GLY A 51 5.44 8.31 2.41
CA GLY A 51 6.74 7.66 2.50
C GLY A 51 6.90 6.85 3.76
N ARG A 52 5.77 6.40 4.33
CA ARG A 52 5.79 5.60 5.55
C ARG A 52 5.59 4.12 5.23
N THR A 53 6.09 3.27 6.09
CA THR A 53 5.97 1.82 5.90
C THR A 53 5.32 1.16 7.11
N GLY A 54 4.23 0.45 6.88
CA GLY A 54 3.53 -0.23 7.96
C GLY A 54 2.65 -1.36 7.47
N ILE A 55 1.87 -1.94 8.37
CA ILE A 55 0.98 -3.05 8.03
C ILE A 55 -0.45 -2.56 7.86
N PHE A 56 -1.00 -2.78 6.66
CA PHE A 56 -2.37 -2.36 6.38
C PHE A 56 -3.20 -3.54 5.88
N PRO A 57 -4.53 -3.45 6.07
CA PRO A 57 -5.46 -4.50 5.66
C PRO A 57 -5.59 -4.60 4.14
N SER A 58 -5.49 -5.82 3.63
CA SER A 58 -5.60 -6.04 2.18
C SER A 58 -6.93 -5.54 1.65
N ASP A 59 -7.97 -5.61 2.48
CA ASP A 59 -9.29 -5.17 2.10
C ASP A 59 -9.30 -3.68 1.76
N TYR A 60 -8.31 -2.96 2.30
CA TYR A 60 -8.20 -1.52 2.07
C TYR A 60 -7.43 -1.24 0.79
N VAL A 61 -6.58 -2.18 0.39
CA VAL A 61 -5.78 -2.03 -0.82
C VAL A 61 -6.21 -3.04 -1.89
N ILE A 62 -6.49 -2.55 -3.09
CA ILE A 62 -6.90 -3.41 -4.19
C ILE A 62 -5.81 -3.52 -5.23
N PRO A 63 -5.58 -4.75 -5.73
CA PRO A 63 -4.56 -5.03 -6.74
C PRO A 63 -4.93 -4.45 -8.10
N VAL A 64 -4.29 -3.35 -8.46
CA VAL A 64 -4.55 -2.70 -9.75
C VAL A 64 -4.02 -3.54 -10.91
N SER A 65 -4.48 -3.22 -12.11
CA SER A 65 -4.04 -3.95 -13.31
C SER A 65 -4.29 -3.12 -14.56
N GLY A 66 -3.22 -2.89 -15.33
CA GLY A 66 -3.34 -2.11 -16.54
C GLY A 66 -3.10 -0.63 -16.32
N PRO A 67 -2.65 0.07 -17.37
CA PRO A 67 -2.36 1.51 -17.30
C PRO A 67 -3.62 2.34 -17.16
N SER A 68 -3.89 2.79 -15.94
CA SER A 68 -5.07 3.60 -15.67
C SER A 68 -4.71 5.08 -15.53
N SER A 69 -3.71 5.35 -14.69
CA SER A 69 -3.26 6.72 -14.46
C SER A 69 -4.40 7.59 -13.93
N GLY A 70 -5.17 7.03 -13.00
CA GLY A 70 -6.28 7.77 -12.43
C GLY A 70 -7.14 6.91 -11.51
N GLY A 1 20.82 -0.52 -10.10
CA GLY A 1 19.76 0.04 -10.92
C GLY A 1 18.66 -0.96 -11.21
N SER A 2 18.00 -1.44 -10.17
CA SER A 2 16.92 -2.41 -10.34
C SER A 2 15.67 -1.75 -10.90
N SER A 3 15.35 -2.08 -12.15
CA SER A 3 14.18 -1.52 -12.80
C SER A 3 13.70 -2.43 -13.93
N GLY A 4 12.38 -2.51 -14.10
CA GLY A 4 11.82 -3.36 -15.14
C GLY A 4 10.60 -4.12 -14.66
N SER A 5 10.80 -5.36 -14.25
CA SER A 5 9.71 -6.21 -13.77
C SER A 5 8.99 -5.55 -12.59
N SER A 6 9.75 -5.21 -11.57
CA SER A 6 9.19 -4.57 -10.38
C SER A 6 8.11 -3.56 -10.76
N GLY A 7 6.94 -3.70 -10.14
CA GLY A 7 5.84 -2.79 -10.44
C GLY A 7 4.58 -3.16 -9.69
N ASN A 8 4.57 -2.91 -8.38
CA ASN A 8 3.41 -3.23 -7.55
C ASN A 8 2.72 -1.94 -7.08
N MET A 9 1.49 -1.74 -7.55
CA MET A 9 0.73 -0.56 -7.18
C MET A 9 -0.53 -0.95 -6.41
N PHE A 10 -0.80 -0.24 -5.32
CA PHE A 10 -1.98 -0.51 -4.50
C PHE A 10 -2.49 0.76 -3.84
N VAL A 11 -3.74 1.11 -4.15
CA VAL A 11 -4.34 2.31 -3.58
C VAL A 11 -5.03 2.01 -2.24
N ALA A 12 -5.28 3.06 -1.47
CA ALA A 12 -5.92 2.91 -0.17
C ALA A 12 -7.41 3.20 -0.26
N LEU A 13 -7.74 4.39 -0.77
CA LEU A 13 -9.14 4.80 -0.90
C LEU A 13 -9.81 4.93 0.47
N HIS A 14 -9.02 5.27 1.48
CA HIS A 14 -9.53 5.44 2.83
C HIS A 14 -8.52 6.18 3.71
N THR A 15 -9.02 6.76 4.79
CA THR A 15 -8.16 7.50 5.72
C THR A 15 -7.98 6.73 7.03
N TYR A 16 -6.84 6.06 7.16
CA TYR A 16 -6.54 5.29 8.37
C TYR A 16 -5.42 5.95 9.17
N SER A 17 -5.76 6.38 10.38
CA SER A 17 -4.78 7.03 11.25
C SER A 17 -4.02 6.00 12.08
N ALA A 18 -2.82 5.66 11.62
CA ALA A 18 -1.99 4.69 12.32
C ALA A 18 -2.04 4.89 13.83
N HIS A 19 -2.28 3.81 14.55
CA HIS A 19 -2.36 3.86 16.02
C HIS A 19 -1.09 3.31 16.65
N ARG A 20 -0.44 2.38 15.97
CA ARG A 20 0.78 1.76 16.46
C ARG A 20 1.97 2.11 15.57
N PRO A 21 3.18 1.94 16.11
CA PRO A 21 4.42 2.23 15.38
C PRO A 21 4.68 1.23 14.25
N GLU A 22 3.74 0.31 14.06
CA GLU A 22 3.86 -0.70 13.01
C GLU A 22 2.80 -0.49 11.93
N GLU A 23 1.69 0.15 12.31
CA GLU A 23 0.60 0.40 11.37
C GLU A 23 0.99 1.46 10.35
N LEU A 24 0.31 1.47 9.23
CA LEU A 24 0.58 2.43 8.16
C LEU A 24 -0.59 3.39 7.98
N ASP A 25 -0.30 4.68 8.04
CA ASP A 25 -1.33 5.71 7.88
C ASP A 25 -1.83 5.75 6.43
N LEU A 26 -3.08 5.34 6.23
CA LEU A 26 -3.67 5.33 4.91
C LEU A 26 -4.33 6.67 4.59
N GLN A 27 -4.18 7.13 3.36
CA GLN A 27 -4.76 8.41 2.94
C GLN A 27 -5.60 8.23 1.68
N LYS A 28 -6.91 8.38 1.83
CA LYS A 28 -7.82 8.23 0.70
C LYS A 28 -7.24 8.86 -0.56
N GLY A 29 -6.77 8.02 -1.47
CA GLY A 29 -6.19 8.50 -2.71
C GLY A 29 -4.68 8.55 -2.66
N GLU A 30 -4.08 7.54 -2.05
CA GLU A 30 -2.63 7.48 -1.94
C GLU A 30 -2.09 6.18 -2.54
N GLY A 31 -1.05 6.31 -3.35
CA GLY A 31 -0.46 5.14 -3.99
C GLY A 31 0.51 4.40 -3.07
N ILE A 32 0.10 3.23 -2.61
CA ILE A 32 0.93 2.43 -1.72
C ILE A 32 1.66 1.33 -2.49
N ARG A 33 2.90 1.06 -2.10
CA ARG A 33 3.70 0.04 -2.75
C ARG A 33 3.89 -1.17 -1.82
N VAL A 34 3.11 -2.22 -2.07
CA VAL A 34 3.19 -3.43 -1.26
C VAL A 34 4.56 -4.08 -1.38
N LEU A 35 5.23 -4.24 -0.24
CA LEU A 35 6.55 -4.83 -0.21
C LEU A 35 6.50 -6.26 0.33
N GLY A 36 6.21 -6.40 1.62
CA GLY A 36 6.12 -7.71 2.23
C GLY A 36 4.69 -8.12 2.51
N LYS A 37 4.52 -9.36 2.97
CA LYS A 37 3.19 -9.89 3.26
C LYS A 37 3.10 -10.34 4.72
N TYR A 38 2.40 -9.56 5.53
CA TYR A 38 2.23 -9.88 6.94
C TYR A 38 1.52 -11.22 7.12
N GLN A 39 0.27 -11.29 6.65
CA GLN A 39 -0.53 -12.49 6.76
C GLN A 39 -1.86 -12.34 6.02
N ASP A 40 -2.62 -13.42 5.95
CA ASP A 40 -3.92 -13.40 5.29
C ASP A 40 -4.78 -12.26 5.81
N GLY A 41 -4.86 -11.18 5.03
CA GLY A 41 -5.65 -10.04 5.43
C GLY A 41 -4.80 -8.81 5.70
N TRP A 42 -3.56 -9.03 6.11
CA TRP A 42 -2.64 -7.94 6.41
C TRP A 42 -1.43 -7.98 5.49
N LEU A 43 -1.04 -6.81 4.98
CA LEU A 43 0.10 -6.71 4.08
C LEU A 43 0.97 -5.50 4.44
N LYS A 44 2.25 -5.60 4.12
CA LYS A 44 3.20 -4.52 4.41
C LYS A 44 3.57 -3.77 3.13
N GLY A 45 3.38 -2.46 3.13
CA GLY A 45 3.71 -1.66 1.97
C GLY A 45 4.21 -0.28 2.34
N LEU A 46 4.83 0.40 1.39
CA LEU A 46 5.36 1.74 1.62
C LEU A 46 4.54 2.79 0.87
N SER A 47 3.78 3.59 1.61
CA SER A 47 2.96 4.63 1.02
C SER A 47 3.79 5.58 0.18
N LEU A 48 3.53 5.60 -1.12
CA LEU A 48 4.28 6.47 -2.04
C LEU A 48 3.84 7.91 -1.88
N LEU A 49 2.78 8.13 -1.12
CA LEU A 49 2.27 9.48 -0.88
C LEU A 49 2.98 10.14 0.30
N THR A 50 2.88 9.50 1.47
CA THR A 50 3.51 10.02 2.67
C THR A 50 4.95 9.56 2.77
N GLY A 51 5.18 8.28 2.51
CA GLY A 51 6.52 7.74 2.58
C GLY A 51 6.76 6.90 3.82
N ARG A 52 5.67 6.40 4.42
CA ARG A 52 5.75 5.59 5.62
C ARG A 52 5.52 4.12 5.30
N THR A 53 6.11 3.25 6.10
CA THR A 53 5.97 1.81 5.91
C THR A 53 5.31 1.15 7.11
N GLY A 54 4.20 0.46 6.87
CA GLY A 54 3.48 -0.21 7.94
C GLY A 54 2.62 -1.35 7.44
N ILE A 55 1.80 -1.89 8.32
CA ILE A 55 0.91 -3.00 7.96
C ILE A 55 -0.53 -2.53 7.82
N PHE A 56 -1.09 -2.73 6.63
CA PHE A 56 -2.47 -2.33 6.36
C PHE A 56 -3.30 -3.51 5.87
N PRO A 57 -4.62 -3.43 6.07
CA PRO A 57 -5.55 -4.48 5.65
C PRO A 57 -5.69 -4.57 4.14
N SER A 58 -5.44 -5.77 3.59
CA SER A 58 -5.53 -5.98 2.16
C SER A 58 -6.88 -5.53 1.62
N ASP A 59 -7.91 -5.67 2.45
CA ASP A 59 -9.27 -5.28 2.06
C ASP A 59 -9.33 -3.79 1.72
N TYR A 60 -8.46 -3.01 2.35
CA TYR A 60 -8.41 -1.58 2.12
C TYR A 60 -7.72 -1.26 0.80
N VAL A 61 -6.82 -2.16 0.38
CA VAL A 61 -6.08 -1.97 -0.87
C VAL A 61 -6.53 -2.99 -1.91
N ILE A 62 -6.02 -2.84 -3.13
CA ILE A 62 -6.35 -3.75 -4.21
C ILE A 62 -5.27 -3.74 -5.29
N PRO A 63 -4.91 -4.94 -5.77
CA PRO A 63 -3.88 -5.10 -6.81
C PRO A 63 -4.35 -4.59 -8.17
N VAL A 64 -3.87 -3.39 -8.54
CA VAL A 64 -4.25 -2.80 -9.83
C VAL A 64 -3.50 -3.45 -10.97
N SER A 65 -4.23 -3.81 -12.02
CA SER A 65 -3.64 -4.45 -13.19
C SER A 65 -2.98 -3.41 -14.10
N GLY A 66 -1.88 -3.82 -14.74
CA GLY A 66 -1.17 -2.91 -15.63
C GLY A 66 -0.62 -1.70 -14.91
N PRO A 67 -0.27 -0.66 -15.68
CA PRO A 67 0.28 0.59 -15.13
C PRO A 67 -0.76 1.38 -14.35
N SER A 68 -0.30 2.38 -13.59
CA SER A 68 -1.19 3.21 -12.80
C SER A 68 -1.18 4.65 -13.31
N SER A 69 -2.25 5.04 -13.99
CA SER A 69 -2.38 6.39 -14.54
C SER A 69 -2.07 7.43 -13.48
N GLY A 70 -0.90 8.06 -13.59
CA GLY A 70 -0.51 9.08 -12.62
C GLY A 70 0.10 10.30 -13.29
N GLY A 1 21.23 -8.48 -3.16
CA GLY A 1 20.09 -8.25 -2.28
C GLY A 1 18.91 -7.65 -3.00
N SER A 2 19.18 -6.69 -3.88
CA SER A 2 18.12 -6.02 -4.63
C SER A 2 17.26 -7.04 -5.37
N SER A 3 15.95 -6.90 -5.25
CA SER A 3 15.01 -7.80 -5.90
C SER A 3 14.94 -7.53 -7.39
N GLY A 4 14.83 -8.60 -8.18
CA GLY A 4 14.76 -8.46 -9.62
C GLY A 4 13.65 -7.52 -10.05
N SER A 5 13.59 -7.24 -11.35
CA SER A 5 12.56 -6.35 -11.90
C SER A 5 11.24 -6.52 -11.16
N SER A 6 10.89 -5.53 -10.34
CA SER A 6 9.65 -5.57 -9.57
C SER A 6 8.80 -4.34 -9.85
N GLY A 7 7.54 -4.40 -9.46
CA GLY A 7 6.63 -3.28 -9.68
C GLY A 7 5.21 -3.60 -9.27
N ASN A 8 4.85 -3.28 -8.03
CA ASN A 8 3.52 -3.54 -7.52
C ASN A 8 2.85 -2.24 -7.07
N MET A 9 1.72 -1.92 -7.68
CA MET A 9 0.97 -0.70 -7.34
C MET A 9 -0.27 -1.04 -6.52
N PHE A 10 -0.59 -0.18 -5.56
CA PHE A 10 -1.75 -0.39 -4.70
C PHE A 10 -2.25 0.95 -4.14
N VAL A 11 -3.57 1.08 -4.05
CA VAL A 11 -4.18 2.30 -3.52
C VAL A 11 -4.76 2.07 -2.14
N ALA A 12 -5.17 3.15 -1.50
CA ALA A 12 -5.77 3.07 -0.17
C ALA A 12 -7.29 3.13 -0.24
N LEU A 13 -7.81 4.31 -0.56
CA LEU A 13 -9.25 4.52 -0.66
C LEU A 13 -9.89 4.59 0.72
N HIS A 14 -9.10 4.97 1.71
CA HIS A 14 -9.58 5.08 3.09
C HIS A 14 -8.57 5.82 3.96
N THR A 15 -9.08 6.53 4.96
CA THR A 15 -8.22 7.28 5.87
C THR A 15 -8.00 6.51 7.17
N TYR A 16 -6.84 5.86 7.27
CA TYR A 16 -6.50 5.08 8.45
C TYR A 16 -5.40 5.77 9.25
N SER A 17 -5.73 6.19 10.47
CA SER A 17 -4.76 6.86 11.33
C SER A 17 -3.94 5.85 12.12
N ALA A 18 -2.66 5.74 11.77
CA ALA A 18 -1.76 4.81 12.44
C ALA A 18 -1.75 5.04 13.95
N HIS A 19 -1.96 3.98 14.71
CA HIS A 19 -1.98 4.08 16.17
C HIS A 19 -0.75 3.41 16.76
N ARG A 20 -0.17 2.48 16.03
CA ARG A 20 1.02 1.76 16.48
C ARG A 20 2.21 2.04 15.57
N PRO A 21 3.42 1.78 16.08
CA PRO A 21 4.65 1.99 15.33
C PRO A 21 4.82 1.00 14.18
N GLU A 22 3.81 0.16 13.99
CA GLU A 22 3.84 -0.84 12.93
C GLU A 22 2.75 -0.56 11.89
N GLU A 23 1.71 0.15 12.31
CA GLU A 23 0.61 0.49 11.43
C GLU A 23 1.02 1.59 10.45
N LEU A 24 0.38 1.60 9.29
CA LEU A 24 0.67 2.60 8.26
C LEU A 24 -0.52 3.54 8.07
N ASP A 25 -0.23 4.85 8.06
CA ASP A 25 -1.27 5.85 7.89
C ASP A 25 -1.75 5.90 6.43
N LEU A 26 -2.98 5.47 6.21
CA LEU A 26 -3.55 5.45 4.86
C LEU A 26 -4.32 6.74 4.59
N GLN A 27 -4.33 7.17 3.33
CA GLN A 27 -5.03 8.39 2.94
C GLN A 27 -5.86 8.16 1.69
N LYS A 28 -7.17 8.11 1.85
CA LYS A 28 -8.07 7.90 0.72
C LYS A 28 -7.54 8.57 -0.54
N GLY A 29 -7.13 7.76 -1.51
CA GLY A 29 -6.61 8.29 -2.75
C GLY A 29 -5.10 8.45 -2.72
N GLU A 30 -4.41 7.47 -2.15
CA GLU A 30 -2.96 7.52 -2.05
C GLU A 30 -2.34 6.22 -2.54
N GLY A 31 -1.20 6.33 -3.21
CA GLY A 31 -0.53 5.15 -3.74
C GLY A 31 0.30 4.45 -2.67
N ILE A 32 0.49 3.14 -2.85
CA ILE A 32 1.27 2.35 -1.90
C ILE A 32 2.01 1.22 -2.61
N ARG A 33 3.24 0.95 -2.16
CA ARG A 33 4.05 -0.10 -2.75
C ARG A 33 4.18 -1.29 -1.79
N VAL A 34 3.37 -2.32 -2.03
CA VAL A 34 3.39 -3.51 -1.18
C VAL A 34 4.75 -4.19 -1.23
N LEU A 35 5.42 -4.25 -0.08
CA LEU A 35 6.74 -4.88 0.00
C LEU A 35 6.62 -6.30 0.56
N GLY A 36 6.29 -6.39 1.84
CA GLY A 36 6.16 -7.70 2.47
C GLY A 36 4.71 -8.09 2.69
N LYS A 37 4.50 -9.32 3.13
CA LYS A 37 3.15 -9.83 3.38
C LYS A 37 3.00 -10.28 4.83
N TYR A 38 2.27 -9.51 5.62
CA TYR A 38 2.05 -9.83 7.03
C TYR A 38 1.31 -11.16 7.17
N GLN A 39 0.06 -11.18 6.72
CA GLN A 39 -0.75 -12.39 6.81
C GLN A 39 -2.07 -12.21 6.07
N ASP A 40 -2.84 -13.29 5.95
CA ASP A 40 -4.13 -13.25 5.27
C ASP A 40 -4.97 -12.09 5.79
N GLY A 41 -5.04 -11.01 5.02
CA GLY A 41 -5.82 -9.85 5.42
C GLY A 41 -4.95 -8.63 5.67
N TRP A 42 -3.72 -8.86 6.11
CA TRP A 42 -2.80 -7.77 6.38
C TRP A 42 -1.56 -7.86 5.49
N LEU A 43 -1.12 -6.72 4.98
CA LEU A 43 0.05 -6.66 4.12
C LEU A 43 0.94 -5.48 4.48
N LYS A 44 2.23 -5.60 4.15
CA LYS A 44 3.19 -4.54 4.44
C LYS A 44 3.59 -3.81 3.17
N GLY A 45 3.41 -2.48 3.17
CA GLY A 45 3.76 -1.69 2.01
C GLY A 45 4.21 -0.29 2.39
N LEU A 46 4.81 0.41 1.43
CA LEU A 46 5.29 1.77 1.66
C LEU A 46 4.44 2.78 0.88
N SER A 47 3.81 3.69 1.61
CA SER A 47 2.98 4.72 0.99
C SER A 47 3.82 5.67 0.14
N LEU A 48 3.59 5.65 -1.16
CA LEU A 48 4.33 6.53 -2.08
C LEU A 48 3.92 7.99 -1.90
N LEU A 49 2.80 8.19 -1.21
CA LEU A 49 2.29 9.54 -0.97
C LEU A 49 3.00 10.18 0.22
N THR A 50 2.82 9.58 1.39
CA THR A 50 3.44 10.09 2.61
C THR A 50 4.86 9.56 2.77
N GLY A 51 5.06 8.30 2.43
CA GLY A 51 6.37 7.69 2.54
C GLY A 51 6.55 6.91 3.83
N ARG A 52 5.44 6.37 4.34
CA ARG A 52 5.48 5.59 5.57
C ARG A 52 5.38 4.09 5.28
N THR A 53 5.94 3.28 6.16
CA THR A 53 5.91 1.83 5.99
C THR A 53 5.25 1.15 7.19
N GLY A 54 4.16 0.44 6.93
CA GLY A 54 3.45 -0.25 8.00
C GLY A 54 2.57 -1.37 7.50
N ILE A 55 1.73 -1.91 8.37
CA ILE A 55 0.84 -3.00 8.00
C ILE A 55 -0.58 -2.50 7.80
N PHE A 56 -1.13 -2.70 6.60
CA PHE A 56 -2.48 -2.27 6.30
C PHE A 56 -3.31 -3.44 5.78
N PRO A 57 -4.65 -3.32 5.92
CA PRO A 57 -5.59 -4.35 5.47
C PRO A 57 -5.65 -4.46 3.95
N SER A 58 -5.41 -5.66 3.44
CA SER A 58 -5.45 -5.89 2.00
C SER A 58 -6.78 -5.46 1.41
N ASP A 59 -7.84 -5.62 2.19
CA ASP A 59 -9.17 -5.25 1.75
C ASP A 59 -9.24 -3.76 1.40
N TYR A 60 -8.33 -2.98 1.99
CA TYR A 60 -8.29 -1.54 1.74
C TYR A 60 -7.53 -1.24 0.46
N VAL A 61 -6.58 -2.10 0.12
CA VAL A 61 -5.78 -1.93 -1.08
C VAL A 61 -6.12 -2.97 -2.14
N ILE A 62 -6.42 -2.51 -3.35
CA ILE A 62 -6.77 -3.41 -4.44
C ILE A 62 -5.64 -3.51 -5.45
N PRO A 63 -5.36 -4.74 -5.90
CA PRO A 63 -4.30 -5.00 -6.88
C PRO A 63 -4.63 -4.47 -8.26
N VAL A 64 -4.05 -3.33 -8.61
CA VAL A 64 -4.30 -2.72 -9.91
C VAL A 64 -3.53 -3.43 -11.02
N SER A 65 -4.14 -3.52 -12.19
CA SER A 65 -3.52 -4.20 -13.33
C SER A 65 -2.47 -3.30 -13.99
N GLY A 66 -1.59 -3.91 -14.77
CA GLY A 66 -0.56 -3.15 -15.44
C GLY A 66 -1.11 -2.27 -16.55
N PRO A 67 -0.23 -1.90 -17.50
CA PRO A 67 -0.62 -1.05 -18.64
C PRO A 67 -1.53 -1.78 -19.61
N SER A 68 -1.42 -3.11 -19.64
CA SER A 68 -2.24 -3.92 -20.55
C SER A 68 -2.65 -5.23 -19.87
N SER A 69 -3.96 -5.45 -19.79
CA SER A 69 -4.48 -6.67 -19.17
C SER A 69 -4.01 -7.91 -19.92
N GLY A 70 -3.44 -8.86 -19.17
CA GLY A 70 -2.97 -10.08 -19.78
C GLY A 70 -1.82 -9.85 -20.74
N GLY A 1 10.84 12.12 -10.89
CA GLY A 1 9.88 12.00 -9.82
C GLY A 1 9.50 10.56 -9.55
N SER A 2 10.49 9.69 -9.42
CA SER A 2 10.26 8.28 -9.16
C SER A 2 9.41 7.66 -10.26
N SER A 3 9.71 8.02 -11.51
CA SER A 3 8.97 7.51 -12.65
C SER A 3 9.83 6.55 -13.47
N GLY A 4 9.20 5.56 -14.08
CA GLY A 4 9.92 4.59 -14.89
C GLY A 4 9.91 3.20 -14.27
N SER A 5 10.49 3.09 -13.07
CA SER A 5 10.55 1.81 -12.38
C SER A 5 9.24 1.52 -11.65
N SER A 6 8.55 0.47 -12.09
CA SER A 6 7.28 0.09 -11.48
C SER A 6 7.31 -1.37 -11.05
N GLY A 7 6.25 -1.80 -10.36
CA GLY A 7 6.17 -3.18 -9.90
C GLY A 7 4.80 -3.52 -9.34
N ASN A 8 4.53 -3.06 -8.13
CA ASN A 8 3.25 -3.33 -7.47
C ASN A 8 2.61 -2.03 -6.99
N MET A 9 1.42 -1.74 -7.50
CA MET A 9 0.70 -0.53 -7.12
C MET A 9 -0.60 -0.88 -6.40
N PHE A 10 -0.84 -0.20 -5.27
CA PHE A 10 -2.04 -0.44 -4.48
C PHE A 10 -2.50 0.84 -3.80
N VAL A 11 -3.75 1.21 -4.02
CA VAL A 11 -4.32 2.42 -3.42
C VAL A 11 -5.00 2.10 -2.10
N ALA A 12 -5.24 3.14 -1.30
CA ALA A 12 -5.90 2.97 -0.01
C ALA A 12 -7.39 3.30 -0.10
N LEU A 13 -7.70 4.38 -0.81
CA LEU A 13 -9.09 4.80 -0.96
C LEU A 13 -9.77 4.98 0.39
N HIS A 14 -8.96 5.24 1.41
CA HIS A 14 -9.49 5.43 2.77
C HIS A 14 -8.48 6.17 3.63
N THR A 15 -8.98 6.79 4.71
CA THR A 15 -8.12 7.54 5.62
C THR A 15 -7.93 6.79 6.94
N TYR A 16 -6.80 6.13 7.08
CA TYR A 16 -6.50 5.38 8.30
C TYR A 16 -5.37 6.03 9.08
N SER A 17 -5.69 6.51 10.28
CA SER A 17 -4.71 7.16 11.13
C SER A 17 -3.94 6.14 11.96
N ALA A 18 -2.75 5.77 11.48
CA ALA A 18 -1.92 4.80 12.18
C ALA A 18 -2.04 4.96 13.70
N HIS A 19 -2.29 3.85 14.39
CA HIS A 19 -2.43 3.87 15.84
C HIS A 19 -1.19 3.29 16.51
N ARG A 20 -0.42 2.52 15.75
CA ARG A 20 0.80 1.90 16.27
C ARG A 20 2.00 2.26 15.41
N PRO A 21 3.21 2.09 15.97
CA PRO A 21 4.46 2.39 15.28
C PRO A 21 4.74 1.41 14.15
N GLU A 22 3.82 0.48 13.93
CA GLU A 22 3.97 -0.51 12.87
C GLU A 22 2.91 -0.35 11.81
N GLU A 23 1.78 0.24 12.20
CA GLU A 23 0.67 0.47 11.27
C GLU A 23 1.02 1.54 10.25
N LEU A 24 0.42 1.44 9.07
CA LEU A 24 0.67 2.41 8.00
C LEU A 24 -0.53 3.33 7.81
N ASP A 25 -0.29 4.63 7.94
CA ASP A 25 -1.35 5.62 7.78
C ASP A 25 -1.80 5.70 6.32
N LEU A 26 -3.02 5.23 6.06
CA LEU A 26 -3.57 5.25 4.71
C LEU A 26 -4.30 6.55 4.44
N GLN A 27 -4.24 7.02 3.19
CA GLN A 27 -4.91 8.25 2.81
C GLN A 27 -5.77 8.03 1.57
N LYS A 28 -7.07 8.30 1.69
CA LYS A 28 -7.99 8.15 0.59
C LYS A 28 -7.43 8.76 -0.70
N GLY A 29 -6.92 7.90 -1.58
CA GLY A 29 -6.36 8.38 -2.83
C GLY A 29 -4.85 8.47 -2.78
N GLU A 30 -4.21 7.50 -2.14
CA GLU A 30 -2.76 7.49 -2.02
C GLU A 30 -2.18 6.20 -2.61
N GLY A 31 -0.99 6.32 -3.21
CA GLY A 31 -0.35 5.17 -3.81
C GLY A 31 0.59 4.46 -2.84
N ILE A 32 0.31 3.20 -2.56
CA ILE A 32 1.12 2.41 -1.64
C ILE A 32 1.86 1.30 -2.39
N ARG A 33 3.08 1.01 -1.95
CA ARG A 33 3.89 -0.03 -2.57
C ARG A 33 4.03 -1.23 -1.64
N VAL A 34 3.29 -2.30 -1.93
CA VAL A 34 3.35 -3.51 -1.13
C VAL A 34 4.70 -4.19 -1.25
N LEU A 35 5.43 -4.24 -0.13
CA LEU A 35 6.75 -4.87 -0.10
C LEU A 35 6.66 -6.30 0.42
N GLY A 36 6.37 -6.43 1.71
CA GLY A 36 6.27 -7.74 2.31
C GLY A 36 4.83 -8.15 2.58
N LYS A 37 4.63 -9.39 3.00
CA LYS A 37 3.29 -9.90 3.29
C LYS A 37 3.19 -10.38 4.74
N TYR A 38 2.46 -9.63 5.56
CA TYR A 38 2.30 -9.99 6.96
C TYR A 38 1.56 -11.31 7.10
N GLN A 39 0.31 -11.35 6.64
CA GLN A 39 -0.50 -12.56 6.71
C GLN A 39 -1.83 -12.35 6.00
N ASP A 40 -2.60 -13.43 5.88
CA ASP A 40 -3.90 -13.38 5.22
C ASP A 40 -4.76 -12.26 5.80
N GLY A 41 -4.84 -11.15 5.07
CA GLY A 41 -5.64 -10.02 5.54
C GLY A 41 -4.79 -8.79 5.79
N TRP A 42 -3.53 -9.01 6.13
CA TRP A 42 -2.61 -7.90 6.40
C TRP A 42 -1.38 -7.97 5.50
N LEU A 43 -0.97 -6.81 5.00
CA LEU A 43 0.19 -6.75 4.12
C LEU A 43 1.11 -5.59 4.51
N LYS A 44 2.37 -5.66 4.09
CA LYS A 44 3.34 -4.62 4.39
C LYS A 44 3.71 -3.83 3.14
N GLY A 45 3.52 -2.51 3.20
CA GLY A 45 3.84 -1.67 2.06
C GLY A 45 4.29 -0.28 2.48
N LEU A 46 4.86 0.46 1.54
CA LEU A 46 5.34 1.81 1.81
C LEU A 46 4.51 2.85 1.05
N SER A 47 3.71 3.61 1.78
CA SER A 47 2.86 4.64 1.17
C SER A 47 3.71 5.61 0.36
N LEU A 48 3.61 5.50 -0.97
CA LEU A 48 4.36 6.37 -1.86
C LEU A 48 3.96 7.84 -1.66
N LEU A 49 2.83 8.04 -0.98
CA LEU A 49 2.34 9.39 -0.72
C LEU A 49 2.99 9.98 0.53
N THR A 50 2.67 9.40 1.68
CA THR A 50 3.23 9.86 2.94
C THR A 50 4.68 9.45 3.09
N GLY A 51 5.01 8.25 2.62
CA GLY A 51 6.37 7.75 2.71
C GLY A 51 6.62 6.97 3.97
N ARG A 52 5.59 6.28 4.46
CA ARG A 52 5.70 5.48 5.67
C ARG A 52 5.49 4.00 5.37
N THR A 53 6.11 3.14 6.17
CA THR A 53 5.99 1.71 6.00
C THR A 53 5.31 1.06 7.19
N GLY A 54 4.21 0.35 6.93
CA GLY A 54 3.48 -0.32 7.99
C GLY A 54 2.60 -1.44 7.47
N ILE A 55 1.79 -2.00 8.37
CA ILE A 55 0.89 -3.09 8.00
C ILE A 55 -0.54 -2.60 7.81
N PHE A 56 -1.08 -2.82 6.62
CA PHE A 56 -2.44 -2.40 6.31
C PHE A 56 -3.28 -3.58 5.82
N PRO A 57 -4.61 -3.48 6.01
CA PRO A 57 -5.54 -4.53 5.59
C PRO A 57 -5.66 -4.63 4.08
N SER A 58 -5.45 -5.83 3.56
CA SER A 58 -5.52 -6.06 2.12
C SER A 58 -6.87 -5.60 1.57
N ASP A 59 -7.90 -5.68 2.41
CA ASP A 59 -9.24 -5.26 2.01
C ASP A 59 -9.27 -3.78 1.65
N TYR A 60 -8.34 -3.02 2.23
CA TYR A 60 -8.26 -1.58 1.97
C TYR A 60 -7.47 -1.30 0.71
N VAL A 61 -6.63 -2.25 0.32
CA VAL A 61 -5.81 -2.10 -0.88
C VAL A 61 -6.27 -3.06 -1.98
N ILE A 62 -6.44 -2.52 -3.18
CA ILE A 62 -6.87 -3.33 -4.32
C ILE A 62 -5.78 -3.43 -5.38
N PRO A 63 -5.58 -4.64 -5.92
CA PRO A 63 -4.57 -4.89 -6.95
C PRO A 63 -4.94 -4.25 -8.28
N VAL A 64 -4.24 -3.17 -8.63
CA VAL A 64 -4.49 -2.47 -9.88
C VAL A 64 -3.95 -3.25 -11.07
N SER A 65 -4.42 -2.91 -12.26
CA SER A 65 -3.97 -3.58 -13.48
C SER A 65 -2.94 -2.74 -14.23
N GLY A 66 -1.74 -3.27 -14.36
CA GLY A 66 -0.69 -2.55 -15.05
C GLY A 66 0.29 -3.48 -15.75
N PRO A 67 0.81 -3.04 -16.91
CA PRO A 67 1.76 -3.82 -17.69
C PRO A 67 3.13 -3.94 -17.01
N SER A 68 3.86 -5.00 -17.33
CA SER A 68 5.18 -5.22 -16.75
C SER A 68 6.23 -4.35 -17.41
N SER A 69 6.16 -4.25 -18.73
CA SER A 69 7.11 -3.44 -19.49
C SER A 69 6.38 -2.49 -20.43
N GLY A 70 6.88 -1.27 -20.54
CA GLY A 70 6.27 -0.29 -21.41
C GLY A 70 4.77 -0.13 -21.15
N GLY A 1 18.05 2.79 -3.00
CA GLY A 1 16.64 2.40 -3.06
C GLY A 1 15.91 3.05 -4.21
N SER A 2 16.16 2.55 -5.42
CA SER A 2 15.52 3.10 -6.62
C SER A 2 14.00 3.09 -6.48
N SER A 3 13.33 3.83 -7.36
CA SER A 3 11.88 3.91 -7.33
C SER A 3 11.31 4.13 -8.73
N GLY A 4 9.99 4.15 -8.83
CA GLY A 4 9.35 4.35 -10.12
C GLY A 4 7.83 4.28 -10.03
N SER A 5 7.20 3.77 -11.08
CA SER A 5 5.76 3.65 -11.11
C SER A 5 5.33 2.20 -11.32
N SER A 6 5.91 1.56 -12.33
CA SER A 6 5.59 0.17 -12.63
C SER A 6 5.90 -0.74 -11.45
N GLY A 7 5.50 -1.99 -11.55
CA GLY A 7 5.74 -2.95 -10.47
C GLY A 7 4.48 -3.29 -9.70
N ASN A 8 4.49 -3.00 -8.41
CA ASN A 8 3.34 -3.28 -7.55
C ASN A 8 2.69 -1.98 -7.07
N MET A 9 1.45 -1.76 -7.48
CA MET A 9 0.72 -0.56 -7.09
C MET A 9 -0.55 -0.92 -6.32
N PHE A 10 -0.73 -0.28 -5.17
CA PHE A 10 -1.91 -0.54 -4.34
C PHE A 10 -2.41 0.76 -3.70
N VAL A 11 -3.66 1.10 -3.99
CA VAL A 11 -4.26 2.31 -3.44
C VAL A 11 -4.96 2.02 -2.12
N ALA A 12 -5.32 3.08 -1.40
CA ALA A 12 -5.99 2.95 -0.12
C ALA A 12 -7.48 3.27 -0.24
N LEU A 13 -7.78 4.44 -0.82
CA LEU A 13 -9.16 4.87 -1.00
C LEU A 13 -9.85 5.07 0.35
N HIS A 14 -9.06 5.34 1.38
CA HIS A 14 -9.60 5.54 2.72
C HIS A 14 -8.57 6.24 3.61
N THR A 15 -9.03 6.76 4.75
CA THR A 15 -8.16 7.46 5.68
C THR A 15 -7.98 6.66 6.96
N TYR A 16 -6.84 5.97 7.07
CA TYR A 16 -6.55 5.16 8.25
C TYR A 16 -5.47 5.83 9.11
N SER A 17 -5.86 6.24 10.32
CA SER A 17 -4.94 6.89 11.23
C SER A 17 -4.14 5.86 12.02
N ALA A 18 -2.87 5.69 11.65
CA ALA A 18 -2.00 4.73 12.33
C ALA A 18 -2.11 4.87 13.85
N HIS A 19 -2.34 3.75 14.52
CA HIS A 19 -2.46 3.74 15.97
C HIS A 19 -1.21 3.15 16.62
N ARG A 20 -0.53 2.27 15.89
CA ARG A 20 0.68 1.65 16.41
C ARG A 20 1.90 2.05 15.57
N PRO A 21 3.09 1.88 16.15
CA PRO A 21 4.35 2.22 15.48
C PRO A 21 4.66 1.28 14.32
N GLU A 22 3.75 0.35 14.05
CA GLU A 22 3.93 -0.60 12.97
C GLU A 22 2.87 -0.41 11.89
N GLU A 23 1.77 0.22 12.25
CA GLU A 23 0.68 0.47 11.32
C GLU A 23 1.07 1.55 10.32
N LEU A 24 0.42 1.54 9.15
CA LEU A 24 0.70 2.52 8.10
C LEU A 24 -0.48 3.46 7.92
N ASP A 25 -0.24 4.76 8.07
CA ASP A 25 -1.28 5.76 7.91
C ASP A 25 -1.72 5.87 6.45
N LEU A 26 -2.96 5.44 6.18
CA LEU A 26 -3.50 5.49 4.82
C LEU A 26 -4.18 6.83 4.55
N GLN A 27 -4.21 7.22 3.29
CA GLN A 27 -4.83 8.48 2.89
C GLN A 27 -5.69 8.29 1.64
N LYS A 28 -7.01 8.42 1.81
CA LYS A 28 -7.93 8.27 0.69
C LYS A 28 -7.36 8.88 -0.58
N GLY A 29 -6.93 8.02 -1.50
CA GLY A 29 -6.36 8.50 -2.75
C GLY A 29 -4.86 8.59 -2.71
N GLU A 30 -4.22 7.59 -2.10
CA GLU A 30 -2.77 7.55 -2.00
C GLU A 30 -2.21 6.28 -2.61
N GLY A 31 -1.09 6.40 -3.31
CA GLY A 31 -0.47 5.26 -3.95
C GLY A 31 0.49 4.53 -3.02
N ILE A 32 0.15 3.30 -2.66
CA ILE A 32 0.98 2.50 -1.77
C ILE A 32 1.69 1.39 -2.54
N ARG A 33 2.90 1.05 -2.10
CA ARG A 33 3.69 0.01 -2.75
C ARG A 33 3.86 -1.19 -1.82
N VAL A 34 3.14 -2.26 -2.10
CA VAL A 34 3.22 -3.48 -1.29
C VAL A 34 4.59 -4.12 -1.40
N LEU A 35 5.27 -4.26 -0.26
CA LEU A 35 6.60 -4.86 -0.22
C LEU A 35 6.53 -6.28 0.32
N GLY A 36 6.26 -6.40 1.61
CA GLY A 36 6.16 -7.71 2.23
C GLY A 36 4.73 -8.13 2.50
N LYS A 37 4.55 -9.37 2.95
CA LYS A 37 3.22 -9.89 3.25
C LYS A 37 3.14 -10.35 4.71
N TYR A 38 2.43 -9.56 5.53
CA TYR A 38 2.27 -9.88 6.94
C TYR A 38 1.55 -11.22 7.12
N GLN A 39 0.30 -11.28 6.67
CA GLN A 39 -0.49 -12.50 6.79
C GLN A 39 -1.83 -12.34 6.07
N ASP A 40 -2.58 -13.43 5.99
CA ASP A 40 -3.88 -13.42 5.34
C ASP A 40 -4.75 -12.28 5.87
N GLY A 41 -4.83 -11.20 5.09
CA GLY A 41 -5.62 -10.05 5.50
C GLY A 41 -4.78 -8.82 5.73
N TRP A 42 -3.54 -9.03 6.16
CA TRP A 42 -2.62 -7.93 6.42
C TRP A 42 -1.42 -7.98 5.48
N LEU A 43 -1.01 -6.82 4.99
CA LEU A 43 0.13 -6.73 4.09
C LEU A 43 1.03 -5.55 4.45
N LYS A 44 2.31 -5.66 4.12
CA LYS A 44 3.27 -4.60 4.40
C LYS A 44 3.65 -3.85 3.13
N GLY A 45 3.45 -2.53 3.16
CA GLY A 45 3.78 -1.72 2.00
C GLY A 45 4.29 -0.34 2.40
N LEU A 46 4.83 0.38 1.42
CA LEU A 46 5.37 1.72 1.66
C LEU A 46 4.56 2.77 0.91
N SER A 47 3.82 3.58 1.64
CA SER A 47 3.00 4.63 1.04
C SER A 47 3.86 5.57 0.21
N LEU A 48 3.59 5.62 -1.09
CA LEU A 48 4.34 6.48 -1.99
C LEU A 48 3.91 7.93 -1.84
N LEU A 49 2.85 8.15 -1.07
CA LEU A 49 2.34 9.50 -0.84
C LEU A 49 3.04 10.15 0.36
N THR A 50 2.96 9.50 1.51
CA THR A 50 3.59 10.01 2.72
C THR A 50 5.02 9.53 2.84
N GLY A 51 5.24 8.26 2.52
CA GLY A 51 6.58 7.69 2.60
C GLY A 51 6.78 6.86 3.85
N ARG A 52 5.69 6.37 4.42
CA ARG A 52 5.74 5.56 5.64
C ARG A 52 5.53 4.08 5.31
N THR A 53 6.14 3.21 6.13
CA THR A 53 6.01 1.78 5.93
C THR A 53 5.34 1.12 7.12
N GLY A 54 4.22 0.46 6.87
CA GLY A 54 3.49 -0.21 7.94
C GLY A 54 2.64 -1.37 7.44
N ILE A 55 1.78 -1.88 8.30
CA ILE A 55 0.91 -3.00 7.93
C ILE A 55 -0.53 -2.53 7.75
N PHE A 56 -1.08 -2.75 6.56
CA PHE A 56 -2.45 -2.36 6.26
C PHE A 56 -3.27 -3.55 5.78
N PRO A 57 -4.59 -3.50 6.00
CA PRO A 57 -5.50 -4.57 5.59
C PRO A 57 -5.68 -4.64 4.08
N SER A 58 -5.49 -5.83 3.53
CA SER A 58 -5.61 -6.04 2.09
C SER A 58 -6.97 -5.53 1.59
N ASP A 59 -7.98 -5.61 2.45
CA ASP A 59 -9.32 -5.16 2.10
C ASP A 59 -9.31 -3.67 1.77
N TYR A 60 -8.41 -2.92 2.40
CA TYR A 60 -8.31 -1.49 2.19
C TYR A 60 -7.61 -1.19 0.86
N VAL A 61 -6.81 -2.13 0.40
CA VAL A 61 -6.09 -1.96 -0.86
C VAL A 61 -6.57 -2.96 -1.90
N ILE A 62 -6.09 -2.81 -3.13
CA ILE A 62 -6.47 -3.70 -4.22
C ILE A 62 -5.39 -3.75 -5.29
N PRO A 63 -5.09 -4.96 -5.77
CA PRO A 63 -4.07 -5.18 -6.81
C PRO A 63 -4.51 -4.64 -8.17
N VAL A 64 -3.97 -3.48 -8.53
CA VAL A 64 -4.30 -2.85 -9.81
C VAL A 64 -3.59 -3.55 -10.97
N SER A 65 -4.09 -3.34 -12.17
CA SER A 65 -3.51 -3.95 -13.36
C SER A 65 -2.68 -2.94 -14.14
N GLY A 66 -1.41 -3.27 -14.38
CA GLY A 66 -0.53 -2.38 -15.11
C GLY A 66 -0.36 -2.81 -16.55
N PRO A 67 0.39 -2.00 -17.32
CA PRO A 67 0.65 -2.27 -18.74
C PRO A 67 1.58 -3.47 -18.93
N SER A 68 2.06 -4.02 -17.83
CA SER A 68 2.95 -5.18 -17.88
C SER A 68 2.19 -6.44 -18.26
N SER A 69 1.23 -6.81 -17.43
CA SER A 69 0.42 -8.01 -17.67
C SER A 69 -1.00 -7.83 -17.15
N GLY A 70 -1.97 -8.21 -17.96
CA GLY A 70 -3.36 -8.08 -17.55
C GLY A 70 -4.26 -7.64 -18.70
N GLY A 1 12.67 3.32 -1.44
CA GLY A 1 13.47 4.48 -1.78
C GLY A 1 13.27 4.91 -3.21
N SER A 2 13.22 3.94 -4.13
CA SER A 2 13.04 4.23 -5.54
C SER A 2 11.62 4.72 -5.82
N SER A 3 11.50 5.68 -6.73
CA SER A 3 10.19 6.23 -7.09
C SER A 3 9.93 6.10 -8.59
N GLY A 4 8.70 6.34 -8.99
CA GLY A 4 8.34 6.24 -10.40
C GLY A 4 8.87 4.98 -11.04
N SER A 5 8.37 3.84 -10.59
CA SER A 5 8.81 2.55 -11.12
C SER A 5 7.62 1.68 -11.52
N SER A 6 7.87 0.67 -12.34
CA SER A 6 6.81 -0.23 -12.79
C SER A 6 6.93 -1.59 -12.10
N GLY A 7 6.38 -1.68 -10.89
CA GLY A 7 6.43 -2.92 -10.16
C GLY A 7 5.09 -3.30 -9.56
N ASN A 8 4.86 -2.91 -8.31
CA ASN A 8 3.61 -3.21 -7.63
C ASN A 8 2.91 -1.92 -7.18
N MET A 9 1.71 -1.68 -7.71
CA MET A 9 0.96 -0.49 -7.35
C MET A 9 -0.29 -0.87 -6.54
N PHE A 10 -0.62 -0.02 -5.56
CA PHE A 10 -1.78 -0.27 -4.71
C PHE A 10 -2.33 1.04 -4.15
N VAL A 11 -3.65 1.14 -4.08
CA VAL A 11 -4.30 2.34 -3.55
C VAL A 11 -4.89 2.09 -2.17
N ALA A 12 -5.30 3.16 -1.51
CA ALA A 12 -5.89 3.06 -0.18
C ALA A 12 -7.41 3.16 -0.24
N LEU A 13 -7.91 4.34 -0.57
CA LEU A 13 -9.35 4.57 -0.67
C LEU A 13 -9.97 4.64 0.72
N HIS A 14 -9.19 5.04 1.71
CA HIS A 14 -9.67 5.16 3.08
C HIS A 14 -8.66 5.93 3.94
N THR A 15 -9.18 6.65 4.93
CA THR A 15 -8.34 7.43 5.83
C THR A 15 -8.05 6.67 7.11
N TYR A 16 -6.86 6.09 7.19
CA TYR A 16 -6.44 5.33 8.36
C TYR A 16 -5.29 6.02 9.08
N SER A 17 -5.55 6.47 10.31
CA SER A 17 -4.54 7.14 11.10
C SER A 17 -3.76 6.14 11.96
N ALA A 18 -2.59 5.76 11.49
CA ALA A 18 -1.74 4.81 12.21
C ALA A 18 -1.79 5.07 13.71
N HIS A 19 -2.04 4.01 14.47
CA HIS A 19 -2.11 4.13 15.93
C HIS A 19 -0.91 3.46 16.59
N ARG A 20 -0.22 2.60 15.83
CA ARG A 20 0.94 1.89 16.34
C ARG A 20 2.16 2.15 15.46
N PRO A 21 3.36 1.89 16.00
CA PRO A 21 4.62 2.08 15.28
C PRO A 21 4.81 1.06 14.16
N GLU A 22 3.82 0.20 13.98
CA GLU A 22 3.87 -0.82 12.93
C GLU A 22 2.79 -0.58 11.88
N GLU A 23 1.72 0.10 12.29
CA GLU A 23 0.62 0.40 11.38
C GLU A 23 1.01 1.49 10.39
N LEU A 24 0.45 1.41 9.19
CA LEU A 24 0.73 2.39 8.14
C LEU A 24 -0.48 3.27 7.89
N ASP A 25 -0.27 4.59 7.90
CA ASP A 25 -1.34 5.55 7.68
C ASP A 25 -1.80 5.50 6.22
N LEU A 26 -3.12 5.59 6.02
CA LEU A 26 -3.68 5.55 4.68
C LEU A 26 -4.53 6.79 4.41
N GLN A 27 -4.52 7.25 3.16
CA GLN A 27 -5.29 8.42 2.78
C GLN A 27 -6.15 8.14 1.55
N LYS A 28 -7.46 8.24 1.72
CA LYS A 28 -8.40 7.99 0.62
C LYS A 28 -7.89 8.63 -0.67
N GLY A 29 -7.35 7.80 -1.56
CA GLY A 29 -6.85 8.30 -2.82
C GLY A 29 -5.33 8.46 -2.83
N GLU A 30 -4.65 7.52 -2.18
CA GLU A 30 -3.19 7.56 -2.11
C GLU A 30 -2.58 6.27 -2.65
N GLY A 31 -1.33 6.36 -3.11
CA GLY A 31 -0.65 5.18 -3.64
C GLY A 31 0.23 4.50 -2.61
N ILE A 32 0.43 3.20 -2.78
CA ILE A 32 1.26 2.44 -1.86
C ILE A 32 1.99 1.31 -2.58
N ARG A 33 3.23 1.07 -2.17
CA ARG A 33 4.04 0.02 -2.77
C ARG A 33 4.16 -1.18 -1.84
N VAL A 34 3.37 -2.23 -2.12
CA VAL A 34 3.40 -3.44 -1.31
C VAL A 34 4.74 -4.13 -1.39
N LEU A 35 5.40 -4.29 -0.25
CA LEU A 35 6.70 -4.94 -0.20
C LEU A 35 6.57 -6.37 0.34
N GLY A 36 6.27 -6.48 1.63
CA GLY A 36 6.13 -7.80 2.24
C GLY A 36 4.67 -8.16 2.49
N LYS A 37 4.44 -9.40 2.91
CA LYS A 37 3.09 -9.87 3.18
C LYS A 37 2.96 -10.36 4.62
N TYR A 38 2.29 -9.57 5.45
CA TYR A 38 2.10 -9.93 6.85
C TYR A 38 1.34 -11.24 6.99
N GLN A 39 0.08 -11.23 6.59
CA GLN A 39 -0.76 -12.43 6.66
C GLN A 39 -2.09 -12.20 5.96
N ASP A 40 -2.91 -13.24 5.88
CA ASP A 40 -4.21 -13.16 5.23
C ASP A 40 -5.03 -12.02 5.81
N GLY A 41 -5.08 -10.90 5.08
CA GLY A 41 -5.84 -9.76 5.53
C GLY A 41 -4.96 -8.55 5.81
N TRP A 42 -3.69 -8.82 6.11
CA TRP A 42 -2.74 -7.75 6.39
C TRP A 42 -1.52 -7.84 5.50
N LEU A 43 -1.09 -6.72 4.95
CA LEU A 43 0.07 -6.67 4.07
C LEU A 43 1.01 -5.52 4.44
N LYS A 44 2.28 -5.67 4.11
CA LYS A 44 3.27 -4.64 4.41
C LYS A 44 3.66 -3.87 3.14
N GLY A 45 3.56 -2.55 3.20
CA GLY A 45 3.90 -1.72 2.06
C GLY A 45 4.33 -0.33 2.46
N LEU A 46 4.98 0.38 1.53
CA LEU A 46 5.45 1.73 1.80
C LEU A 46 4.62 2.75 1.04
N SER A 47 3.88 3.56 1.78
CA SER A 47 3.03 4.59 1.17
C SER A 47 3.85 5.55 0.33
N LEU A 48 3.56 5.60 -0.97
CA LEU A 48 4.28 6.48 -1.89
C LEU A 48 3.81 7.92 -1.74
N LEU A 49 2.79 8.13 -0.91
CA LEU A 49 2.25 9.46 -0.68
C LEU A 49 2.86 10.09 0.57
N THR A 50 2.90 9.32 1.66
CA THR A 50 3.45 9.79 2.92
C THR A 50 4.91 9.39 3.06
N GLY A 51 5.23 8.17 2.66
CA GLY A 51 6.60 7.69 2.76
C GLY A 51 6.83 6.84 3.99
N ARG A 52 5.75 6.32 4.56
CA ARG A 52 5.85 5.50 5.77
C ARG A 52 5.59 4.03 5.43
N THR A 53 6.17 3.14 6.23
CA THR A 53 5.99 1.71 6.02
C THR A 53 5.33 1.05 7.24
N GLY A 54 4.24 0.32 6.98
CA GLY A 54 3.54 -0.34 8.05
C GLY A 54 2.63 -1.46 7.55
N ILE A 55 1.78 -1.97 8.43
CA ILE A 55 0.86 -3.04 8.06
C ILE A 55 -0.56 -2.51 7.89
N PHE A 56 -1.11 -2.72 6.69
CA PHE A 56 -2.47 -2.27 6.39
C PHE A 56 -3.33 -3.42 5.91
N PRO A 57 -4.66 -3.26 6.05
CA PRO A 57 -5.63 -4.28 5.64
C PRO A 57 -5.70 -4.44 4.12
N SER A 58 -5.56 -5.67 3.65
CA SER A 58 -5.61 -5.94 2.21
C SER A 58 -6.90 -5.43 1.61
N ASP A 59 -7.97 -5.48 2.38
CA ASP A 59 -9.28 -5.01 1.93
C ASP A 59 -9.22 -3.54 1.52
N TYR A 60 -8.26 -2.82 2.10
CA TYR A 60 -8.10 -1.40 1.80
C TYR A 60 -7.25 -1.20 0.54
N VAL A 61 -6.38 -2.16 0.26
CA VAL A 61 -5.52 -2.08 -0.91
C VAL A 61 -5.88 -3.15 -1.93
N ILE A 62 -6.16 -2.72 -3.15
CA ILE A 62 -6.53 -3.64 -4.22
C ILE A 62 -5.41 -3.75 -5.25
N PRO A 63 -5.13 -5.00 -5.69
CA PRO A 63 -4.08 -5.26 -6.68
C PRO A 63 -4.46 -4.76 -8.07
N VAL A 64 -3.88 -3.62 -8.44
CA VAL A 64 -4.15 -3.03 -9.75
C VAL A 64 -3.38 -3.75 -10.86
N SER A 65 -4.06 -4.04 -11.96
CA SER A 65 -3.44 -4.72 -13.08
C SER A 65 -2.17 -4.02 -13.52
N GLY A 66 -2.31 -2.76 -13.95
CA GLY A 66 -1.16 -1.99 -14.38
C GLY A 66 -1.00 -1.99 -15.89
N PRO A 67 0.08 -1.36 -16.38
CA PRO A 67 0.36 -1.27 -17.81
C PRO A 67 0.78 -2.61 -18.41
N SER A 68 0.85 -3.63 -17.55
CA SER A 68 1.22 -4.98 -17.98
C SER A 68 0.18 -6.00 -17.56
N SER A 69 0.00 -7.03 -18.39
CA SER A 69 -0.97 -8.08 -18.10
C SER A 69 -2.36 -7.48 -17.90
N GLY A 70 -2.73 -6.54 -18.75
CA GLY A 70 -4.04 -5.91 -18.64
C GLY A 70 -5.14 -6.77 -19.21
N GLY A 1 4.86 10.09 -8.09
CA GLY A 1 4.62 10.48 -9.47
C GLY A 1 5.76 10.07 -10.38
N SER A 2 6.11 8.78 -10.36
CA SER A 2 7.19 8.26 -11.20
C SER A 2 6.96 6.80 -11.54
N SER A 3 6.81 6.51 -12.82
CA SER A 3 6.59 5.14 -13.29
C SER A 3 7.88 4.35 -13.30
N GLY A 4 8.92 4.93 -13.88
CA GLY A 4 10.21 4.27 -13.95
C GLY A 4 10.08 2.80 -14.33
N SER A 5 10.14 1.93 -13.33
CA SER A 5 10.04 0.50 -13.56
C SER A 5 8.75 -0.06 -12.95
N SER A 6 7.86 -0.54 -13.81
CA SER A 6 6.58 -1.09 -13.35
C SER A 6 6.80 -2.11 -12.24
N GLY A 7 6.15 -1.89 -11.10
CA GLY A 7 6.29 -2.81 -9.98
C GLY A 7 4.95 -3.21 -9.39
N ASN A 8 4.76 -2.91 -8.10
CA ASN A 8 3.52 -3.26 -7.43
C ASN A 8 2.79 -2.00 -6.97
N MET A 9 1.62 -1.74 -7.54
CA MET A 9 0.84 -0.57 -7.19
C MET A 9 -0.41 -0.98 -6.40
N PHE A 10 -0.74 -0.19 -5.38
CA PHE A 10 -1.89 -0.46 -4.53
C PHE A 10 -2.40 0.81 -3.88
N VAL A 11 -3.65 1.17 -4.16
CA VAL A 11 -4.26 2.37 -3.59
C VAL A 11 -4.90 2.07 -2.24
N ALA A 12 -5.18 3.12 -1.48
CA ALA A 12 -5.80 2.98 -0.17
C ALA A 12 -7.29 3.24 -0.23
N LEU A 13 -7.67 4.37 -0.81
CA LEU A 13 -9.07 4.75 -0.92
C LEU A 13 -9.74 4.79 0.45
N HIS A 14 -8.97 5.16 1.47
CA HIS A 14 -9.49 5.25 2.83
C HIS A 14 -8.52 6.00 3.73
N THR A 15 -9.07 6.69 4.74
CA THR A 15 -8.25 7.44 5.67
C THR A 15 -8.06 6.69 6.98
N TYR A 16 -6.91 6.05 7.12
CA TYR A 16 -6.60 5.29 8.33
C TYR A 16 -5.51 5.97 9.15
N SER A 17 -5.85 6.41 10.35
CA SER A 17 -4.90 7.07 11.22
C SER A 17 -4.12 6.07 12.06
N ALA A 18 -2.90 5.77 11.63
CA ALA A 18 -2.04 4.82 12.33
C ALA A 18 -2.15 5.00 13.85
N HIS A 19 -2.36 3.90 14.56
CA HIS A 19 -2.48 3.94 16.01
C HIS A 19 -1.26 3.31 16.67
N ARG A 20 -0.59 2.41 15.95
CA ARG A 20 0.59 1.74 16.47
C ARG A 20 1.82 2.07 15.62
N PRO A 21 3.01 1.85 16.20
CA PRO A 21 4.28 2.11 15.52
C PRO A 21 4.54 1.14 14.36
N GLU A 22 3.60 0.22 14.16
CA GLU A 22 3.73 -0.77 13.10
C GLU A 22 2.68 -0.54 12.01
N GLU A 23 1.62 0.16 12.36
CA GLU A 23 0.54 0.46 11.42
C GLU A 23 0.96 1.55 10.45
N LEU A 24 0.35 1.54 9.26
CA LEU A 24 0.66 2.54 8.23
C LEU A 24 -0.53 3.46 8.01
N ASP A 25 -0.26 4.77 7.97
CA ASP A 25 -1.30 5.76 7.75
C ASP A 25 -1.77 5.75 6.30
N LEU A 26 -3.04 5.39 6.11
CA LEU A 26 -3.61 5.33 4.77
C LEU A 26 -4.40 6.61 4.46
N GLN A 27 -4.22 7.13 3.25
CA GLN A 27 -4.92 8.34 2.82
C GLN A 27 -5.81 8.07 1.62
N LYS A 28 -7.09 8.39 1.75
CA LYS A 28 -8.05 8.18 0.67
C LYS A 28 -7.55 8.81 -0.63
N GLY A 29 -7.09 7.97 -1.55
CA GLY A 29 -6.60 8.47 -2.82
C GLY A 29 -5.09 8.59 -2.85
N GLU A 30 -4.41 7.61 -2.27
CA GLU A 30 -2.95 7.61 -2.23
C GLU A 30 -2.39 6.31 -2.79
N GLY A 31 -1.16 6.37 -3.30
CA GLY A 31 -0.54 5.19 -3.86
C GLY A 31 0.36 4.48 -2.85
N ILE A 32 0.25 3.16 -2.79
CA ILE A 32 1.05 2.37 -1.87
C ILE A 32 1.79 1.26 -2.60
N ARG A 33 3.00 0.94 -2.12
CA ARG A 33 3.81 -0.10 -2.73
C ARG A 33 3.95 -1.29 -1.80
N VAL A 34 3.21 -2.36 -2.09
CA VAL A 34 3.26 -3.57 -1.27
C VAL A 34 4.61 -4.27 -1.40
N LEU A 35 5.36 -4.31 -0.29
CA LEU A 35 6.67 -4.96 -0.29
C LEU A 35 6.57 -6.38 0.26
N GLY A 36 6.31 -6.49 1.55
CA GLY A 36 6.20 -7.81 2.17
C GLY A 36 4.76 -8.18 2.46
N LYS A 37 4.56 -9.43 2.88
CA LYS A 37 3.22 -9.91 3.21
C LYS A 37 3.16 -10.42 4.65
N TYR A 38 2.44 -9.68 5.49
CA TYR A 38 2.30 -10.06 6.90
C TYR A 38 1.53 -11.36 7.03
N GLN A 39 0.27 -11.34 6.62
CA GLN A 39 -0.59 -12.53 6.70
C GLN A 39 -1.91 -12.30 5.99
N ASP A 40 -2.69 -13.36 5.84
CA ASP A 40 -3.99 -13.27 5.17
C ASP A 40 -4.82 -12.13 5.76
N GLY A 41 -4.88 -11.01 5.05
CA GLY A 41 -5.65 -9.87 5.52
C GLY A 41 -4.77 -8.66 5.78
N TRP A 42 -3.52 -8.89 6.15
CA TRP A 42 -2.58 -7.81 6.42
C TRP A 42 -1.37 -7.88 5.49
N LEU A 43 -0.95 -6.72 4.98
CA LEU A 43 0.20 -6.67 4.09
C LEU A 43 1.11 -5.50 4.45
N LYS A 44 2.39 -5.63 4.10
CA LYS A 44 3.37 -4.59 4.39
C LYS A 44 3.74 -3.83 3.12
N GLY A 45 3.56 -2.51 3.16
CA GLY A 45 3.88 -1.68 2.00
C GLY A 45 4.35 -0.30 2.39
N LEU A 46 4.93 0.42 1.43
CA LEU A 46 5.42 1.77 1.68
C LEU A 46 4.58 2.80 0.93
N SER A 47 3.89 3.66 1.67
CA SER A 47 3.05 4.69 1.08
C SER A 47 3.88 5.62 0.20
N LEU A 48 3.53 5.70 -1.07
CA LEU A 48 4.24 6.56 -2.01
C LEU A 48 3.86 8.03 -1.81
N LEU A 49 2.82 8.25 -1.01
CA LEU A 49 2.35 9.61 -0.73
C LEU A 49 3.02 10.17 0.52
N THR A 50 2.93 9.42 1.62
CA THR A 50 3.52 9.84 2.88
C THR A 50 4.98 9.38 2.98
N GLY A 51 5.26 8.19 2.46
CA GLY A 51 6.60 7.66 2.50
C GLY A 51 6.87 6.87 3.76
N ARG A 52 5.82 6.25 4.31
CA ARG A 52 5.95 5.47 5.53
C ARG A 52 5.72 3.98 5.26
N THR A 53 6.31 3.13 6.08
CA THR A 53 6.17 1.69 5.93
C THR A 53 5.49 1.07 7.14
N GLY A 54 4.38 0.37 6.90
CA GLY A 54 3.65 -0.27 7.98
C GLY A 54 2.77 -1.40 7.50
N ILE A 55 1.89 -1.88 8.38
CA ILE A 55 0.99 -2.97 8.04
C ILE A 55 -0.43 -2.47 7.84
N PHE A 56 -0.98 -2.70 6.65
CA PHE A 56 -2.34 -2.28 6.34
C PHE A 56 -3.18 -3.46 5.86
N PRO A 57 -4.50 -3.35 6.07
CA PRO A 57 -5.45 -4.40 5.67
C PRO A 57 -5.59 -4.51 4.16
N SER A 58 -5.33 -5.69 3.62
CA SER A 58 -5.43 -5.94 2.20
C SER A 58 -6.78 -5.50 1.66
N ASP A 59 -7.82 -5.66 2.48
CA ASP A 59 -9.17 -5.28 2.09
C ASP A 59 -9.25 -3.80 1.76
N TYR A 60 -8.31 -3.03 2.29
CA TYR A 60 -8.27 -1.59 2.04
C TYR A 60 -7.53 -1.27 0.75
N VAL A 61 -6.60 -2.15 0.38
CA VAL A 61 -5.83 -1.97 -0.84
C VAL A 61 -6.22 -2.99 -1.90
N ILE A 62 -6.52 -2.53 -3.09
CA ILE A 62 -6.90 -3.41 -4.19
C ILE A 62 -5.79 -3.52 -5.24
N PRO A 63 -5.52 -4.75 -5.69
CA PRO A 63 -4.49 -5.01 -6.69
C PRO A 63 -4.86 -4.48 -8.07
N VAL A 64 -4.18 -3.41 -8.48
CA VAL A 64 -4.42 -2.80 -9.78
C VAL A 64 -3.81 -3.62 -10.90
N SER A 65 -4.50 -3.67 -12.04
CA SER A 65 -4.01 -4.42 -13.19
C SER A 65 -3.05 -3.58 -14.02
N GLY A 66 -1.75 -3.76 -13.77
CA GLY A 66 -0.74 -3.02 -14.50
C GLY A 66 -0.28 -1.79 -13.75
N PRO A 67 0.79 -1.15 -14.26
CA PRO A 67 1.35 0.06 -13.65
C PRO A 67 0.43 1.26 -13.81
N SER A 68 -0.32 1.58 -12.75
CA SER A 68 -1.24 2.71 -12.78
C SER A 68 -0.60 3.91 -13.48
N SER A 69 -1.04 4.18 -14.70
CA SER A 69 -0.52 5.30 -15.47
C SER A 69 -1.22 6.60 -15.10
N GLY A 70 -0.63 7.34 -14.17
CA GLY A 70 -1.23 8.59 -13.74
C GLY A 70 -2.36 8.40 -12.76
N GLY A 1 19.36 -1.23 -5.55
CA GLY A 1 20.04 -0.43 -6.56
C GLY A 1 19.08 0.40 -7.39
N SER A 2 18.94 0.06 -8.66
CA SER A 2 18.05 0.78 -9.56
C SER A 2 16.59 0.39 -9.31
N SER A 3 15.76 1.40 -9.10
CA SER A 3 14.34 1.17 -8.84
C SER A 3 13.56 1.06 -10.14
N GLY A 4 13.11 -0.15 -10.45
CA GLY A 4 12.35 -0.38 -11.67
C GLY A 4 11.25 0.64 -11.86
N SER A 5 10.72 0.72 -13.08
CA SER A 5 9.65 1.65 -13.39
C SER A 5 8.32 1.18 -12.82
N SER A 6 7.95 -0.06 -13.14
CA SER A 6 6.70 -0.62 -12.66
C SER A 6 6.97 -1.83 -11.76
N GLY A 7 6.34 -1.84 -10.58
CA GLY A 7 6.53 -2.93 -9.65
C GLY A 7 5.23 -3.36 -9.00
N ASN A 8 4.93 -2.77 -7.85
CA ASN A 8 3.71 -3.10 -7.12
C ASN A 8 2.92 -1.83 -6.78
N MET A 9 1.70 -1.74 -7.30
CA MET A 9 0.84 -0.58 -7.06
C MET A 9 -0.39 -0.98 -6.25
N PHE A 10 -0.70 -0.21 -5.23
CA PHE A 10 -1.87 -0.48 -4.39
C PHE A 10 -2.40 0.80 -3.76
N VAL A 11 -3.65 1.12 -4.05
CA VAL A 11 -4.28 2.32 -3.53
C VAL A 11 -4.98 2.04 -2.20
N ALA A 12 -5.25 3.09 -1.44
CA ALA A 12 -5.92 2.94 -0.15
C ALA A 12 -7.40 3.27 -0.26
N LEU A 13 -7.71 4.44 -0.82
CA LEU A 13 -9.10 4.88 -0.99
C LEU A 13 -9.77 5.03 0.36
N HIS A 14 -8.99 5.32 1.39
CA HIS A 14 -9.53 5.50 2.74
C HIS A 14 -8.50 6.19 3.64
N THR A 15 -8.98 6.77 4.74
CA THR A 15 -8.12 7.46 5.68
C THR A 15 -7.96 6.66 6.98
N TYR A 16 -6.83 5.96 7.10
CA TYR A 16 -6.57 5.15 8.29
C TYR A 16 -5.54 5.83 9.18
N SER A 17 -5.95 6.23 10.37
CA SER A 17 -5.07 6.89 11.32
C SER A 17 -4.26 5.87 12.11
N ALA A 18 -3.02 5.64 11.68
CA ALA A 18 -2.15 4.68 12.34
C ALA A 18 -2.28 4.78 13.86
N HIS A 19 -2.49 3.63 14.50
CA HIS A 19 -2.64 3.58 15.95
C HIS A 19 -1.37 3.05 16.61
N ARG A 20 -0.63 2.24 15.88
CA ARG A 20 0.61 1.65 16.39
C ARG A 20 1.81 2.12 15.58
N PRO A 21 3.01 1.99 16.16
CA PRO A 21 4.26 2.39 15.51
C PRO A 21 4.62 1.48 14.34
N GLU A 22 3.76 0.51 14.07
CA GLU A 22 4.00 -0.42 12.97
C GLU A 22 2.93 -0.26 11.88
N GLU A 23 1.78 0.25 12.27
CA GLU A 23 0.68 0.46 11.34
C GLU A 23 1.02 1.57 10.34
N LEU A 24 0.46 1.47 9.14
CA LEU A 24 0.71 2.46 8.09
C LEU A 24 -0.52 3.35 7.90
N ASP A 25 -0.32 4.65 8.07
CA ASP A 25 -1.40 5.61 7.91
C ASP A 25 -1.82 5.72 6.44
N LEU A 26 -3.02 5.23 6.14
CA LEU A 26 -3.53 5.27 4.77
C LEU A 26 -4.27 6.58 4.51
N GLN A 27 -4.17 7.08 3.28
CA GLN A 27 -4.84 8.32 2.90
C GLN A 27 -5.69 8.12 1.66
N LYS A 28 -6.98 8.39 1.79
CA LYS A 28 -7.92 8.23 0.68
C LYS A 28 -7.35 8.85 -0.59
N GLY A 29 -6.86 8.01 -1.49
CA GLY A 29 -6.30 8.49 -2.74
C GLY A 29 -4.79 8.56 -2.70
N GLU A 30 -4.16 7.59 -2.04
CA GLU A 30 -2.71 7.55 -1.94
C GLU A 30 -2.14 6.29 -2.57
N GLY A 31 -1.03 6.43 -3.29
CA GLY A 31 -0.41 5.30 -3.94
C GLY A 31 0.53 4.54 -3.01
N ILE A 32 0.11 3.35 -2.59
CA ILE A 32 0.91 2.53 -1.70
C ILE A 32 1.63 1.43 -2.47
N ARG A 33 2.86 1.12 -2.05
CA ARG A 33 3.65 0.08 -2.70
C ARG A 33 3.81 -1.13 -1.79
N VAL A 34 3.08 -2.19 -2.09
CA VAL A 34 3.13 -3.41 -1.30
C VAL A 34 4.48 -4.10 -1.46
N LEU A 35 5.21 -4.24 -0.36
CA LEU A 35 6.52 -4.88 -0.38
C LEU A 35 6.43 -6.31 0.14
N GLY A 36 6.19 -6.46 1.44
CA GLY A 36 6.08 -7.77 2.04
C GLY A 36 4.65 -8.15 2.35
N LYS A 37 4.45 -9.41 2.75
CA LYS A 37 3.12 -9.89 3.09
C LYS A 37 3.06 -10.40 4.52
N TYR A 38 2.41 -9.64 5.39
CA TYR A 38 2.29 -10.03 6.79
C TYR A 38 1.53 -11.34 6.94
N GLN A 39 0.28 -11.34 6.50
CA GLN A 39 -0.56 -12.53 6.57
C GLN A 39 -1.90 -12.30 5.88
N ASP A 40 -2.70 -13.35 5.78
CA ASP A 40 -4.01 -13.27 5.14
C ASP A 40 -4.84 -12.15 5.76
N GLY A 41 -4.91 -11.02 5.05
CA GLY A 41 -5.68 -9.89 5.54
C GLY A 41 -4.81 -8.68 5.82
N TRP A 42 -3.53 -8.92 6.11
CA TRP A 42 -2.59 -7.84 6.40
C TRP A 42 -1.38 -7.92 5.49
N LEU A 43 -0.97 -6.77 4.96
CA LEU A 43 0.18 -6.70 4.07
C LEU A 43 1.09 -5.53 4.44
N LYS A 44 2.36 -5.62 4.05
CA LYS A 44 3.32 -4.57 4.33
C LYS A 44 3.68 -3.81 3.07
N GLY A 45 3.48 -2.49 3.11
CA GLY A 45 3.78 -1.66 1.95
C GLY A 45 4.27 -0.28 2.34
N LEU A 46 4.90 0.41 1.40
CA LEU A 46 5.41 1.75 1.66
C LEU A 46 4.60 2.79 0.90
N SER A 47 3.92 3.66 1.66
CA SER A 47 3.10 4.71 1.06
C SER A 47 3.94 5.63 0.19
N LEU A 48 3.70 5.58 -1.12
CA LEU A 48 4.44 6.40 -2.07
C LEU A 48 4.08 7.88 -1.90
N LEU A 49 2.99 8.13 -1.20
CA LEU A 49 2.52 9.49 -0.96
C LEU A 49 3.21 10.10 0.25
N THR A 50 2.92 9.56 1.43
CA THR A 50 3.51 10.05 2.67
C THR A 50 4.95 9.58 2.81
N GLY A 51 5.20 8.33 2.41
CA GLY A 51 6.55 7.77 2.50
C GLY A 51 6.76 7.00 3.78
N ARG A 52 5.72 6.34 4.26
CA ARG A 52 5.80 5.56 5.49
C ARG A 52 5.54 4.08 5.20
N THR A 53 6.17 3.21 5.98
CA THR A 53 6.02 1.77 5.81
C THR A 53 5.35 1.15 7.04
N GLY A 54 4.30 0.37 6.81
CA GLY A 54 3.60 -0.27 7.89
C GLY A 54 2.70 -1.40 7.43
N ILE A 55 1.89 -1.94 8.33
CA ILE A 55 0.99 -3.03 8.01
C ILE A 55 -0.45 -2.53 7.86
N PHE A 56 -1.03 -2.74 6.69
CA PHE A 56 -2.39 -2.31 6.43
C PHE A 56 -3.25 -3.48 5.94
N PRO A 57 -4.57 -3.37 6.12
CA PRO A 57 -5.52 -4.41 5.71
C PRO A 57 -5.65 -4.51 4.20
N SER A 58 -5.48 -5.73 3.68
CA SER A 58 -5.57 -5.97 2.25
C SER A 58 -6.92 -5.52 1.70
N ASP A 59 -7.95 -5.64 2.53
CA ASP A 59 -9.30 -5.25 2.14
C ASP A 59 -9.35 -3.77 1.81
N TYR A 60 -8.38 -3.01 2.31
CA TYR A 60 -8.32 -1.58 2.07
C TYR A 60 -7.57 -1.27 0.78
N VAL A 61 -6.66 -2.17 0.40
CA VAL A 61 -5.88 -2.00 -0.81
C VAL A 61 -6.18 -3.10 -1.83
N ILE A 62 -6.51 -2.69 -3.05
CA ILE A 62 -6.83 -3.64 -4.10
C ILE A 62 -5.69 -3.73 -5.11
N PRO A 63 -5.36 -4.97 -5.52
CA PRO A 63 -4.29 -5.23 -6.49
C PRO A 63 -4.65 -4.76 -7.89
N VAL A 64 -4.08 -3.63 -8.29
CA VAL A 64 -4.34 -3.07 -9.62
C VAL A 64 -3.67 -3.90 -10.71
N SER A 65 -4.05 -3.65 -11.95
CA SER A 65 -3.49 -4.38 -13.08
C SER A 65 -2.12 -3.83 -13.46
N GLY A 66 -1.30 -4.68 -14.08
CA GLY A 66 0.04 -4.26 -14.48
C GLY A 66 0.06 -3.70 -15.89
N PRO A 67 0.94 -2.71 -16.13
CA PRO A 67 1.08 -2.07 -17.43
C PRO A 67 1.71 -3.00 -18.47
N SER A 68 2.17 -4.16 -18.02
CA SER A 68 2.79 -5.14 -18.90
C SER A 68 1.75 -5.83 -19.77
N SER A 69 0.81 -6.51 -19.12
CA SER A 69 -0.24 -7.23 -19.83
C SER A 69 -1.33 -6.26 -20.31
N GLY A 70 -1.56 -6.24 -21.61
CA GLY A 70 -2.57 -5.37 -22.18
C GLY A 70 -1.98 -4.07 -22.71
N GLY A 1 15.88 -2.04 -2.28
CA GLY A 1 15.87 -1.09 -3.38
C GLY A 1 14.70 -0.12 -3.30
N SER A 2 14.85 1.03 -3.93
CA SER A 2 13.79 2.05 -3.92
C SER A 2 13.48 2.52 -5.34
N SER A 3 14.52 2.92 -6.07
CA SER A 3 14.35 3.39 -7.44
C SER A 3 13.71 2.31 -8.31
N GLY A 4 12.54 2.64 -8.87
CA GLY A 4 11.85 1.69 -9.72
C GLY A 4 10.91 2.38 -10.69
N SER A 5 10.34 1.59 -11.60
CA SER A 5 9.42 2.14 -12.60
C SER A 5 8.11 1.33 -12.62
N SER A 6 8.24 0.02 -12.72
CA SER A 6 7.08 -0.86 -12.76
C SER A 6 7.18 -1.95 -11.69
N GLY A 7 6.28 -1.89 -10.71
CA GLY A 7 6.28 -2.87 -9.65
C GLY A 7 4.88 -3.25 -9.19
N ASN A 8 4.58 -2.95 -7.93
CA ASN A 8 3.26 -3.26 -7.38
C ASN A 8 2.59 -1.99 -6.85
N MET A 9 1.49 -1.61 -7.50
CA MET A 9 0.74 -0.42 -7.10
C MET A 9 -0.52 -0.80 -6.33
N PHE A 10 -0.80 -0.07 -5.26
CA PHE A 10 -1.97 -0.33 -4.44
C PHE A 10 -2.46 0.94 -3.76
N VAL A 11 -3.73 1.29 -4.00
CA VAL A 11 -4.32 2.48 -3.42
C VAL A 11 -5.02 2.17 -2.11
N ALA A 12 -5.24 3.19 -1.29
CA ALA A 12 -5.91 3.02 -0.02
C ALA A 12 -7.40 3.35 -0.13
N LEU A 13 -7.71 4.41 -0.85
CA LEU A 13 -9.09 4.83 -1.04
C LEU A 13 -9.81 4.96 0.30
N HIS A 14 -9.04 5.22 1.35
CA HIS A 14 -9.59 5.38 2.69
C HIS A 14 -8.61 6.09 3.61
N THR A 15 -9.12 6.72 4.67
CA THR A 15 -8.29 7.43 5.62
C THR A 15 -8.10 6.62 6.90
N TYR A 16 -6.91 6.02 7.05
CA TYR A 16 -6.60 5.21 8.21
C TYR A 16 -5.53 5.88 9.07
N SER A 17 -5.90 6.28 10.28
CA SER A 17 -4.97 6.93 11.19
C SER A 17 -4.18 5.91 11.99
N ALA A 18 -2.96 5.62 11.55
CA ALA A 18 -2.10 4.66 12.23
C ALA A 18 -2.29 4.73 13.74
N HIS A 19 -2.51 3.58 14.36
CA HIS A 19 -2.69 3.51 15.81
C HIS A 19 -1.45 2.97 16.49
N ARG A 20 -0.71 2.12 15.78
CA ARG A 20 0.51 1.53 16.32
C ARG A 20 1.73 2.00 15.55
N PRO A 21 2.92 1.85 16.15
CA PRO A 21 4.19 2.25 15.54
C PRO A 21 4.57 1.36 14.36
N GLU A 22 3.70 0.41 14.04
CA GLU A 22 3.95 -0.51 12.93
C GLU A 22 2.92 -0.31 11.82
N GLU A 23 1.75 0.20 12.19
CA GLU A 23 0.68 0.44 11.22
C GLU A 23 1.05 1.60 10.29
N LEU A 24 0.49 1.56 9.09
CA LEU A 24 0.75 2.61 8.09
C LEU A 24 -0.48 3.49 7.90
N ASP A 25 -0.30 4.80 8.04
CA ASP A 25 -1.39 5.74 7.87
C ASP A 25 -1.81 5.84 6.40
N LEU A 26 -3.01 5.36 6.11
CA LEU A 26 -3.53 5.39 4.75
C LEU A 26 -4.34 6.67 4.50
N GLN A 27 -4.36 7.12 3.24
CA GLN A 27 -5.09 8.32 2.87
C GLN A 27 -5.90 8.09 1.60
N LYS A 28 -7.21 8.31 1.70
CA LYS A 28 -8.10 8.13 0.55
C LYS A 28 -7.53 8.80 -0.70
N GLY A 29 -6.90 8.00 -1.55
CA GLY A 29 -6.33 8.55 -2.77
C GLY A 29 -4.80 8.64 -2.70
N GLU A 30 -4.19 7.64 -2.07
CA GLU A 30 -2.73 7.62 -1.94
C GLU A 30 -2.15 6.32 -2.50
N GLY A 31 -1.04 6.44 -3.21
CA GLY A 31 -0.41 5.28 -3.79
C GLY A 31 0.47 4.52 -2.79
N ILE A 32 0.31 3.21 -2.73
CA ILE A 32 1.08 2.38 -1.81
C ILE A 32 1.82 1.28 -2.55
N ARG A 33 3.03 0.96 -2.10
CA ARG A 33 3.83 -0.08 -2.73
C ARG A 33 4.00 -1.27 -1.78
N VAL A 34 3.25 -2.33 -2.03
CA VAL A 34 3.31 -3.53 -1.20
C VAL A 34 4.67 -4.22 -1.33
N LEU A 35 5.38 -4.34 -0.22
CA LEU A 35 6.70 -4.98 -0.21
C LEU A 35 6.60 -6.40 0.32
N GLY A 36 6.33 -6.53 1.62
CA GLY A 36 6.22 -7.85 2.23
C GLY A 36 4.79 -8.24 2.51
N LYS A 37 4.58 -9.46 2.97
CA LYS A 37 3.25 -9.96 3.28
C LYS A 37 3.16 -10.40 4.73
N TYR A 38 2.47 -9.61 5.55
CA TYR A 38 2.30 -9.94 6.97
C TYR A 38 1.56 -11.26 7.15
N GLN A 39 0.31 -11.30 6.72
CA GLN A 39 -0.50 -12.50 6.84
C GLN A 39 -1.85 -12.32 6.14
N ASP A 40 -2.63 -13.40 6.07
CA ASP A 40 -3.93 -13.36 5.45
C ASP A 40 -4.77 -12.20 5.98
N GLY A 41 -4.85 -11.13 5.20
CA GLY A 41 -5.61 -9.96 5.63
C GLY A 41 -4.73 -8.75 5.86
N TRP A 42 -3.49 -8.99 6.27
CA TRP A 42 -2.55 -7.91 6.53
C TRP A 42 -1.35 -7.99 5.60
N LEU A 43 -0.91 -6.84 5.09
CA LEU A 43 0.24 -6.78 4.19
C LEU A 43 1.16 -5.63 4.56
N LYS A 44 2.41 -5.71 4.13
CA LYS A 44 3.39 -4.68 4.41
C LYS A 44 3.75 -3.92 3.13
N GLY A 45 3.58 -2.59 3.16
CA GLY A 45 3.89 -1.78 2.00
C GLY A 45 4.35 -0.39 2.39
N LEU A 46 4.93 0.33 1.43
CA LEU A 46 5.41 1.68 1.67
C LEU A 46 4.60 2.70 0.88
N SER A 47 3.90 3.57 1.59
CA SER A 47 3.08 4.60 0.96
C SER A 47 3.94 5.53 0.09
N LEU A 48 3.68 5.52 -1.21
CA LEU A 48 4.43 6.36 -2.14
C LEU A 48 4.06 7.84 -1.96
N LEU A 49 2.98 8.08 -1.23
CA LEU A 49 2.52 9.45 -0.99
C LEU A 49 3.16 10.02 0.27
N THR A 50 2.86 9.40 1.41
CA THR A 50 3.41 9.84 2.68
C THR A 50 4.86 9.41 2.85
N GLY A 51 5.16 8.20 2.38
CA GLY A 51 6.52 7.67 2.48
C GLY A 51 6.74 6.89 3.76
N ARG A 52 5.66 6.33 4.31
CA ARG A 52 5.75 5.55 5.53
C ARG A 52 5.53 4.06 5.25
N THR A 53 6.17 3.22 6.05
CA THR A 53 6.06 1.77 5.88
C THR A 53 5.39 1.13 7.10
N GLY A 54 4.26 0.47 6.86
CA GLY A 54 3.54 -0.18 7.93
C GLY A 54 2.65 -1.30 7.44
N ILE A 55 1.94 -1.94 8.36
CA ILE A 55 1.05 -3.04 8.02
C ILE A 55 -0.39 -2.55 7.86
N PHE A 56 -0.95 -2.77 6.67
CA PHE A 56 -2.32 -2.35 6.39
C PHE A 56 -3.16 -3.54 5.91
N PRO A 57 -4.48 -3.43 6.10
CA PRO A 57 -5.42 -4.48 5.69
C PRO A 57 -5.55 -4.59 4.18
N SER A 58 -5.34 -5.78 3.65
CA SER A 58 -5.43 -6.02 2.21
C SER A 58 -6.77 -5.53 1.67
N ASP A 59 -7.80 -5.61 2.51
CA ASP A 59 -9.14 -5.19 2.11
C ASP A 59 -9.16 -3.70 1.76
N TYR A 60 -8.24 -2.95 2.35
CA TYR A 60 -8.14 -1.51 2.10
C TYR A 60 -7.37 -1.23 0.82
N VAL A 61 -6.53 -2.18 0.42
CA VAL A 61 -5.73 -2.04 -0.79
C VAL A 61 -6.21 -2.99 -1.88
N ILE A 62 -6.41 -2.44 -3.09
CA ILE A 62 -6.87 -3.24 -4.21
C ILE A 62 -5.78 -3.37 -5.27
N PRO A 63 -5.61 -4.59 -5.80
CA PRO A 63 -4.60 -4.86 -6.84
C PRO A 63 -4.96 -4.23 -8.18
N VAL A 64 -4.27 -3.14 -8.51
CA VAL A 64 -4.51 -2.45 -9.77
C VAL A 64 -3.92 -3.21 -10.95
N SER A 65 -4.52 -3.03 -12.12
CA SER A 65 -4.06 -3.71 -13.33
C SER A 65 -2.67 -3.23 -13.73
N GLY A 66 -1.95 -4.06 -14.46
CA GLY A 66 -0.61 -3.71 -14.89
C GLY A 66 -0.62 -2.79 -16.09
N PRO A 67 0.54 -2.67 -16.76
CA PRO A 67 0.69 -1.82 -17.95
C PRO A 67 -0.07 -2.37 -19.16
N SER A 68 -0.58 -3.59 -19.02
CA SER A 68 -1.31 -4.23 -20.11
C SER A 68 -2.32 -3.26 -20.72
N SER A 69 -2.25 -3.08 -22.02
CA SER A 69 -3.16 -2.18 -22.74
C SER A 69 -4.24 -2.97 -23.46
N GLY A 70 -5.18 -2.25 -24.07
CA GLY A 70 -6.26 -2.89 -24.79
C GLY A 70 -7.63 -2.58 -24.19
#